data_1VKD
#
_entry.id   1VKD
#
_cell.length_a   86.867
_cell.length_b   100.908
_cell.length_c   253.433
_cell.angle_alpha   90.00
_cell.angle_beta   90.00
_cell.angle_gamma   90.00
#
_symmetry.space_group_name_H-M   'P 21 21 21'
#
loop_
_entity.id
_entity.type
_entity.pdbx_description
1 polymer 'conserved hypothetical protein TM1225'
2 non-polymer 2-AMINO-2-HYDROXYMETHYL-PROPANE-1,3-DIOL
3 water water
#
_entity_poly.entity_id   1
_entity_poly.type   'polypeptide(L)'
_entity_poly.pdbx_seq_one_letter_code
;MGSDKIHHHHHH(MSE)KVFTEKIPNIPWEERPEGYTGPVWRYSKNPIIGRNPVPKGARVFNSAVVPYNGEFVGVFRIDH
KNTRPFLHFGRSKDGINWEIEPEEIQWVDVNGEPFQPSYAYDPRVVKIEDTYYITFCTDDHGPTIGVG(MSE)TKDFKTF
VRLPNAYVPFNRNGVLFPRKINGKYV(MSE)LNRPSDNGHTPFGDIFLSESPD(MSE)IHWGNHRFVLGRSSYNWWENLK
IGAGPYPIETSEGWLLIYHGVTLTCNGYVYSFGAALLDLDDPSKVLYRSRYYLLTPEEEYETVGFVPNVVFPCAALCDAD
TGRVAIYYGAADTHVALAFGYIDEIVDFVKRNS(MSE)
;
_entity_poly.pdbx_strand_id   A,B,C,D,E,F
#
loop_
_chem_comp.id
_chem_comp.type
_chem_comp.name
_chem_comp.formula
TRS non-polymer 2-AMINO-2-HYDROXYMETHYL-PROPANE-1,3-DIOL 'C4 H12 N O3 1'
#
# COMPACT_ATOMS: atom_id res chain seq x y z
N HIS A 12 -12.88 0.72 -30.68
CA HIS A 12 -11.45 0.50 -30.37
C HIS A 12 -10.75 1.85 -30.06
N MSE A 13 -10.08 2.37 -31.09
CA MSE A 13 -9.12 3.47 -31.04
C MSE A 13 -9.44 4.71 -30.19
O MSE A 13 -10.53 5.25 -30.31
CB MSE A 13 -8.92 3.95 -32.49
CG MSE A 13 -7.72 4.82 -32.72
SE MSE A 13 -7.78 5.65 -34.48
CE MSE A 13 -8.71 7.23 -34.00
N LYS A 14 -8.47 5.18 -29.42
CA LYS A 14 -8.64 6.40 -28.62
C LYS A 14 -8.14 7.67 -29.36
N VAL A 15 -8.91 8.75 -29.25
CA VAL A 15 -8.49 10.07 -29.69
C VAL A 15 -8.43 11.01 -28.51
N PHE A 16 -7.29 11.70 -28.35
CA PHE A 16 -7.13 12.59 -27.22
C PHE A 16 -7.45 14.03 -27.62
N THR A 17 -8.73 14.34 -27.83
CA THR A 17 -9.18 15.72 -28.12
C THR A 17 -10.40 16.03 -27.26
N GLU A 18 -11.01 17.19 -27.44
CA GLU A 18 -12.20 17.56 -26.70
C GLU A 18 -13.41 16.85 -27.27
N LYS A 19 -14.44 16.75 -26.44
CA LYS A 19 -15.79 16.48 -26.91
C LYS A 19 -16.26 17.72 -27.66
N ILE A 20 -16.78 17.54 -28.87
CA ILE A 20 -17.35 18.65 -29.64
C ILE A 20 -18.70 18.26 -30.24
N PRO A 21 -19.74 18.25 -29.40
CA PRO A 21 -21.05 17.74 -29.79
C PRO A 21 -21.60 18.50 -31.02
N ASN A 22 -21.30 19.79 -31.11
CA ASN A 22 -21.80 20.65 -32.19
C ASN A 22 -20.80 20.89 -33.32
N ILE A 23 -19.83 19.99 -33.46
CA ILE A 23 -18.90 20.07 -34.57
C ILE A 23 -19.66 20.29 -35.88
N PRO A 24 -19.19 21.15 -36.77
CA PRO A 24 -19.74 21.18 -38.13
C PRO A 24 -19.68 19.76 -38.72
N TRP A 25 -20.79 19.31 -39.32
CA TRP A 25 -20.86 17.94 -39.77
C TRP A 25 -21.85 17.75 -40.91
N GLU A 26 -21.48 16.87 -41.84
CA GLU A 26 -22.41 16.38 -42.83
C GLU A 26 -22.09 14.92 -43.13
N GLU A 27 -23.14 14.11 -43.18
CA GLU A 27 -23.04 12.69 -43.46
C GLU A 27 -22.47 12.46 -44.85
N ARG A 28 -21.79 11.35 -45.06
CA ARG A 28 -21.21 11.09 -46.37
C ARG A 28 -22.31 10.85 -47.40
N PRO A 29 -22.09 11.22 -48.66
CA PRO A 29 -23.06 10.92 -49.71
C PRO A 29 -23.29 9.43 -49.79
N GLU A 30 -24.51 9.05 -50.17
CA GLU A 30 -24.86 7.64 -50.22
C GLU A 30 -23.94 6.87 -51.14
N GLY A 31 -23.40 5.75 -50.64
CA GLY A 31 -22.46 4.92 -51.42
C GLY A 31 -21.07 5.51 -51.65
N TYR A 32 -20.75 6.62 -50.99
CA TYR A 32 -19.42 7.20 -51.09
C TYR A 32 -18.41 6.37 -50.31
N THR A 33 -17.31 6.02 -50.98
CA THR A 33 -16.33 5.07 -50.49
C THR A 33 -15.08 5.68 -49.84
N GLY A 34 -14.72 6.92 -50.17
CA GLY A 34 -13.51 7.54 -49.62
C GLY A 34 -13.57 7.87 -48.13
N PRO A 35 -12.41 8.07 -47.50
CA PRO A 35 -12.35 8.37 -46.05
C PRO A 35 -12.81 9.79 -45.69
N VAL A 36 -12.80 10.69 -46.66
CA VAL A 36 -13.10 12.11 -46.45
C VAL A 36 -13.98 12.60 -47.59
N TRP A 37 -15.00 13.37 -47.27
CA TRP A 37 -15.87 13.92 -48.31
C TRP A 37 -16.08 15.42 -48.08
N ARG A 38 -16.26 16.17 -49.17
CA ARG A 38 -16.50 17.61 -49.07
C ARG A 38 -17.90 17.97 -48.55
N TYR A 39 -17.98 19.08 -47.83
CA TYR A 39 -19.25 19.66 -47.43
C TYR A 39 -19.99 20.03 -48.72
N SER A 40 -21.22 19.56 -48.85
CA SER A 40 -21.99 19.75 -50.09
C SER A 40 -22.28 21.20 -50.34
N LYS A 41 -22.19 22.02 -49.30
CA LYS A 41 -22.46 23.45 -49.47
C LYS A 41 -21.21 24.32 -49.52
N ASN A 42 -20.06 23.70 -49.81
CA ASN A 42 -18.80 24.42 -50.03
C ASN A 42 -18.94 25.36 -51.22
N PRO A 43 -18.22 26.50 -51.21
CA PRO A 43 -17.33 26.88 -50.11
C PRO A 43 -18.13 27.59 -49.04
N ILE A 44 -17.62 27.67 -47.82
CA ILE A 44 -18.42 28.31 -46.76
C ILE A 44 -18.21 29.82 -46.69
N ILE A 45 -17.05 30.28 -47.17
CA ILE A 45 -16.75 31.70 -47.21
C ILE A 45 -15.58 31.84 -48.17
N GLY A 46 -15.36 33.03 -48.71
CA GLY A 46 -14.26 33.21 -49.67
C GLY A 46 -14.05 34.63 -50.11
N ARG A 47 -14.69 34.98 -51.22
CA ARG A 47 -14.50 36.26 -51.87
C ARG A 47 -15.16 37.38 -51.07
N ASN A 48 -14.47 38.51 -50.98
CA ASN A 48 -15.01 39.73 -50.34
C ASN A 48 -15.69 39.45 -49.00
N PRO A 49 -14.96 38.82 -48.09
CA PRO A 49 -15.50 38.43 -46.80
C PRO A 49 -15.78 39.61 -45.87
N VAL A 50 -14.98 40.68 -45.97
CA VAL A 50 -15.12 41.88 -45.14
C VAL A 50 -14.79 43.06 -46.06
N PRO A 51 -15.20 44.28 -45.66
CA PRO A 51 -15.00 45.46 -46.52
C PRO A 51 -13.57 45.62 -47.11
N LYS A 52 -12.54 45.42 -46.30
CA LYS A 52 -11.17 45.53 -46.81
C LYS A 52 -10.66 44.23 -47.45
N GLY A 53 -11.46 43.17 -47.41
CA GLY A 53 -10.98 41.84 -47.78
C GLY A 53 -11.32 41.41 -49.19
N ALA A 54 -10.36 40.78 -49.84
CA ALA A 54 -10.53 40.22 -51.19
C ALA A 54 -10.91 38.75 -51.14
N ARG A 55 -10.17 37.99 -50.35
CA ARG A 55 -10.38 36.55 -50.26
C ARG A 55 -9.93 36.06 -48.90
N VAL A 56 -10.74 35.18 -48.31
CA VAL A 56 -10.32 34.48 -47.09
C VAL A 56 -10.15 32.99 -47.42
N PHE A 57 -9.03 32.41 -47.00
CA PHE A 57 -8.71 31.05 -47.42
C PHE A 57 -7.75 30.32 -46.50
N ASN A 58 -7.37 30.92 -45.39
CA ASN A 58 -6.82 30.09 -44.32
C ASN A 58 -7.73 30.33 -43.12
N SER A 59 -7.97 29.27 -42.36
CA SER A 59 -8.85 29.38 -41.23
C SER A 59 -8.36 28.38 -40.21
N ALA A 60 -7.74 28.91 -39.17
CA ALA A 60 -7.28 28.10 -38.08
C ALA A 60 -8.37 28.17 -37.02
N VAL A 61 -9.18 27.12 -36.96
CA VAL A 61 -10.41 27.10 -36.16
C VAL A 61 -10.24 26.15 -34.96
N VAL A 62 -10.73 26.59 -33.81
CA VAL A 62 -10.76 25.76 -32.61
C VAL A 62 -12.12 25.92 -31.91
N PRO A 63 -12.56 24.93 -31.14
CA PRO A 63 -13.74 25.14 -30.32
C PRO A 63 -13.36 26.12 -29.21
N TYR A 64 -14.28 27.00 -28.88
CA TYR A 64 -14.05 27.88 -27.76
C TYR A 64 -15.39 28.19 -27.15
N ASN A 65 -15.52 27.86 -25.86
CA ASN A 65 -16.64 28.36 -25.08
C ASN A 65 -17.99 27.87 -25.63
N GLY A 66 -18.03 26.60 -26.02
CA GLY A 66 -19.26 26.02 -26.59
C GLY A 66 -19.54 26.42 -28.05
N GLU A 67 -18.65 27.23 -28.61
CA GLU A 67 -18.77 27.64 -30.00
C GLU A 67 -17.45 27.46 -30.70
N PHE A 68 -17.23 28.23 -31.75
CA PHE A 68 -16.00 28.12 -32.52
C PHE A 68 -15.45 29.50 -32.73
N VAL A 69 -14.12 29.59 -32.71
CA VAL A 69 -13.46 30.81 -33.09
C VAL A 69 -12.37 30.43 -34.09
N GLY A 70 -11.80 31.42 -34.75
CA GLY A 70 -10.73 31.13 -35.69
C GLY A 70 -9.85 32.33 -35.94
N VAL A 71 -8.64 32.03 -36.38
CA VAL A 71 -7.73 33.03 -36.90
C VAL A 71 -7.69 32.80 -38.43
N PHE A 72 -8.03 33.85 -39.18
CA PHE A 72 -8.24 33.73 -40.61
C PHE A 72 -7.21 34.53 -41.39
N ARG A 73 -6.66 33.94 -42.45
CA ARG A 73 -5.88 34.71 -43.39
C ARG A 73 -6.82 35.36 -44.39
N ILE A 74 -6.79 36.69 -44.44
CA ILE A 74 -7.53 37.45 -45.45
C ILE A 74 -6.56 38.29 -46.26
N ASP A 75 -6.47 38.02 -47.57
CA ASP A 75 -5.82 38.93 -48.48
C ASP A 75 -6.75 40.13 -48.61
N HIS A 76 -6.22 41.31 -48.30
CA HIS A 76 -6.94 42.54 -48.53
C HIS A 76 -7.03 42.88 -50.01
N LYS A 77 -7.75 43.96 -50.33
CA LYS A 77 -7.87 44.42 -51.71
C LYS A 77 -6.59 45.09 -52.28
N ASN A 78 -5.46 44.94 -51.57
CA ASN A 78 -4.13 45.21 -52.16
C ASN A 78 -3.34 43.90 -52.32
N THR A 79 -4.05 42.78 -52.10
CA THR A 79 -3.54 41.39 -52.15
C THR A 79 -2.54 41.04 -51.04
N ARG A 80 -2.31 41.98 -50.13
CA ARG A 80 -1.52 41.76 -48.91
C ARG A 80 -2.30 40.92 -47.88
N PRO A 81 -1.66 39.91 -47.28
CA PRO A 81 -2.30 39.06 -46.28
C PRO A 81 -2.29 39.65 -44.85
N PHE A 82 -3.41 39.48 -44.15
CA PHE A 82 -3.55 39.88 -42.74
C PHE A 82 -4.26 38.75 -42.00
N LEU A 83 -4.09 38.70 -40.68
CA LEU A 83 -4.84 37.73 -39.88
C LEU A 83 -5.99 38.42 -39.16
N HIS A 84 -7.19 37.87 -39.32
CA HIS A 84 -8.38 38.41 -38.70
C HIS A 84 -8.98 37.35 -37.75
N PHE A 85 -9.57 37.82 -36.66
CA PHE A 85 -10.28 36.96 -35.75
C PHE A 85 -11.72 36.79 -36.24
N GLY A 86 -12.25 35.58 -36.09
CA GLY A 86 -13.66 35.33 -36.40
C GLY A 86 -14.34 34.43 -35.36
N ARG A 87 -15.67 34.49 -35.33
CA ARG A 87 -16.49 33.71 -34.42
C ARG A 87 -17.59 32.99 -35.20
N SER A 88 -17.99 31.81 -34.71
CA SER A 88 -19.09 31.08 -35.31
C SER A 88 -19.77 30.22 -34.27
N LYS A 89 -21.09 30.20 -34.32
CA LYS A 89 -21.86 29.35 -33.43
C LYS A 89 -21.78 27.88 -33.86
N ASP A 90 -21.73 27.67 -35.17
CA ASP A 90 -21.81 26.32 -35.73
C ASP A 90 -20.59 25.87 -36.53
N GLY A 91 -19.64 26.79 -36.74
CA GLY A 91 -18.42 26.49 -37.46
C GLY A 91 -18.58 26.60 -38.97
N ILE A 92 -19.77 26.97 -39.42
CA ILE A 92 -20.00 27.11 -40.87
C ILE A 92 -20.31 28.56 -41.23
N ASN A 93 -21.14 29.20 -40.41
CA ASN A 93 -21.47 30.60 -40.61
C ASN A 93 -20.59 31.47 -39.73
N TRP A 94 -19.72 32.28 -40.36
CA TRP A 94 -18.67 33.00 -39.64
C TRP A 94 -18.91 34.49 -39.60
N GLU A 95 -18.70 35.09 -38.43
CA GLU A 95 -18.62 36.54 -38.35
C GLU A 95 -17.17 36.90 -38.13
N ILE A 96 -16.58 37.54 -39.15
CA ILE A 96 -15.16 37.87 -39.13
C ILE A 96 -14.96 39.38 -38.87
N GLU A 97 -14.02 39.71 -37.97
CA GLU A 97 -13.71 41.09 -37.67
C GLU A 97 -13.24 41.78 -38.94
N PRO A 98 -13.69 43.01 -39.17
CA PRO A 98 -13.31 43.76 -40.37
C PRO A 98 -11.84 44.22 -40.34
N GLU A 99 -11.26 44.33 -39.15
CA GLU A 99 -9.86 44.73 -39.00
C GLU A 99 -8.98 43.58 -38.49
N GLU A 100 -7.68 43.66 -38.76
CA GLU A 100 -6.76 42.58 -38.44
C GLU A 100 -6.48 42.52 -36.94
N ILE A 101 -6.04 41.36 -36.48
CA ILE A 101 -5.60 41.20 -35.10
C ILE A 101 -4.40 42.11 -34.80
N GLN A 102 -4.46 42.74 -33.64
CA GLN A 102 -3.35 43.58 -33.13
C GLN A 102 -2.51 42.83 -32.10
N TRP A 103 -1.20 42.77 -32.33
CA TRP A 103 -0.31 41.96 -31.50
C TRP A 103 0.56 42.84 -30.63
N VAL A 104 0.72 42.43 -29.36
CA VAL A 104 1.67 43.06 -28.44
C VAL A 104 2.74 42.03 -28.02
N ASP A 105 3.91 42.50 -27.59
CA ASP A 105 4.93 41.60 -27.08
C ASP A 105 4.65 41.31 -25.59
N VAL A 106 5.46 40.47 -24.95
CA VAL A 106 5.23 40.09 -23.55
C VAL A 106 5.29 41.29 -22.62
N ASN A 107 5.88 42.38 -23.08
CA ASN A 107 5.87 43.60 -22.29
C ASN A 107 4.66 44.46 -22.53
N GLY A 108 3.79 44.03 -23.43
CA GLY A 108 2.62 44.84 -23.80
C GLY A 108 2.85 45.92 -24.85
N GLU A 109 4.07 46.01 -25.40
CA GLU A 109 4.37 46.95 -26.49
C GLU A 109 3.87 46.38 -27.82
N PRO A 110 3.42 47.24 -28.74
CA PRO A 110 3.01 46.78 -30.07
C PRO A 110 4.13 45.98 -30.73
N PHE A 111 3.77 44.87 -31.38
CA PHE A 111 4.74 43.98 -32.00
C PHE A 111 4.06 43.40 -33.21
N GLN A 112 3.59 44.30 -34.08
CA GLN A 112 2.76 43.94 -35.23
C GLN A 112 3.57 43.39 -36.38
N PRO A 113 3.16 42.22 -36.90
CA PRO A 113 3.81 41.65 -38.08
C PRO A 113 3.61 42.56 -39.30
N SER A 114 4.64 42.67 -40.13
CA SER A 114 4.58 43.40 -41.37
C SER A 114 3.50 42.83 -42.27
N TYR A 115 3.46 41.52 -42.34
CA TYR A 115 2.41 40.80 -43.01
C TYR A 115 2.34 39.49 -42.27
N ALA A 116 1.22 38.78 -42.41
CA ALA A 116 1.05 37.50 -41.72
C ALA A 116 0.03 36.63 -42.44
N TYR A 117 0.33 35.35 -42.58
CA TYR A 117 -0.60 34.43 -43.17
C TYR A 117 -0.35 33.01 -42.65
N ASP A 118 -1.08 32.01 -43.17
CA ASP A 118 -0.78 30.60 -42.84
C ASP A 118 -0.97 30.32 -41.35
N PRO A 119 -2.03 30.84 -40.71
CA PRO A 119 -2.17 30.67 -39.28
C PRO A 119 -2.50 29.24 -38.90
N ARG A 120 -2.08 28.85 -37.69
CA ARG A 120 -2.50 27.62 -37.08
C ARG A 120 -2.73 27.92 -35.63
N VAL A 121 -3.74 27.28 -35.07
CA VAL A 121 -4.10 27.52 -33.68
C VAL A 121 -4.18 26.18 -32.95
N VAL A 122 -3.48 26.09 -31.83
CA VAL A 122 -3.44 24.87 -31.06
C VAL A 122 -3.44 25.22 -29.56
N LYS A 123 -4.31 24.58 -28.79
CA LYS A 123 -4.34 24.79 -27.34
C LYS A 123 -3.33 23.87 -26.67
N ILE A 124 -2.45 24.44 -25.86
CA ILE A 124 -1.50 23.66 -25.09
C ILE A 124 -1.73 24.10 -23.65
N GLU A 125 -2.16 23.13 -22.82
CA GLU A 125 -2.55 23.39 -21.45
C GLU A 125 -3.63 24.45 -21.47
N ASP A 126 -3.33 25.62 -20.91
CA ASP A 126 -4.34 26.67 -20.71
C ASP A 126 -4.28 27.79 -21.75
N THR A 127 -3.42 27.62 -22.76
CA THR A 127 -3.05 28.69 -23.66
C THR A 127 -3.24 28.25 -25.09
N TYR A 128 -3.83 29.14 -25.89
CA TYR A 128 -3.91 28.93 -27.33
C TYR A 128 -2.70 29.55 -27.99
N TYR A 129 -1.89 28.71 -28.64
CA TYR A 129 -0.75 29.17 -29.44
C TYR A 129 -1.13 29.31 -30.90
N ILE A 130 -0.62 30.36 -31.52
CA ILE A 130 -0.91 30.70 -32.89
C ILE A 130 0.40 30.82 -33.61
N THR A 131 0.61 30.00 -34.62
CA THR A 131 1.77 30.19 -35.45
C THR A 131 1.27 30.71 -36.78
N PHE A 132 2.17 31.35 -37.52
CA PHE A 132 1.83 31.98 -38.77
C PHE A 132 3.11 32.27 -39.53
N CYS A 133 2.96 32.60 -40.80
CA CYS A 133 4.09 32.99 -41.60
C CYS A 133 4.21 34.50 -41.63
N THR A 134 5.41 34.98 -41.34
CA THR A 134 5.67 36.42 -41.33
C THR A 134 7.05 36.74 -41.87
N ASP A 135 7.31 38.03 -42.08
CA ASP A 135 8.57 38.44 -42.63
C ASP A 135 9.61 38.71 -41.55
N ASP A 136 10.82 38.24 -41.78
CA ASP A 136 11.99 38.78 -41.09
C ASP A 136 13.15 38.74 -42.06
N HIS A 137 13.12 39.63 -43.05
CA HIS A 137 14.04 39.53 -44.20
C HIS A 137 13.86 38.18 -44.85
N GLY A 138 12.59 37.81 -45.00
CA GLY A 138 12.26 36.55 -45.61
C GLY A 138 11.20 35.87 -44.78
N PRO A 139 10.45 34.96 -45.38
CA PRO A 139 9.40 34.24 -44.66
C PRO A 139 9.98 33.39 -43.53
N THR A 140 9.33 33.48 -42.38
CA THR A 140 9.69 32.66 -41.25
C THR A 140 8.42 32.38 -40.42
N ILE A 141 8.55 31.61 -39.34
CA ILE A 141 7.44 31.24 -38.49
C ILE A 141 7.37 32.18 -37.29
N GLY A 142 6.30 32.97 -37.26
CA GLY A 142 5.96 33.76 -36.10
C GLY A 142 5.12 32.95 -35.13
N VAL A 143 5.18 33.36 -33.86
CA VAL A 143 4.59 32.64 -32.76
C VAL A 143 3.87 33.63 -31.86
N GLY A 144 2.62 33.31 -31.55
CA GLY A 144 1.82 34.14 -30.67
C GLY A 144 0.94 33.32 -29.77
N MSE A 145 0.27 33.97 -28.86
CA MSE A 145 -0.55 33.26 -27.90
C MSE A 145 -1.67 34.13 -27.34
O MSE A 145 -1.59 35.37 -27.31
CB MSE A 145 0.35 32.73 -26.78
CG MSE A 145 0.98 33.84 -25.93
SE MSE A 145 2.25 33.13 -24.65
CE MSE A 145 2.63 34.69 -23.52
N THR A 146 -2.73 33.47 -26.86
CA THR A 146 -3.86 34.14 -26.26
C THR A 146 -4.52 33.14 -25.33
N LYS A 147 -5.02 33.65 -24.20
CA LYS A 147 -5.83 32.84 -23.29
C LYS A 147 -7.32 33.10 -23.51
N ASP A 148 -7.67 34.23 -24.10
CA ASP A 148 -9.07 34.67 -24.16
C ASP A 148 -9.52 35.11 -25.57
N PHE A 149 -8.60 35.12 -26.53
CA PHE A 149 -8.89 35.63 -27.88
C PHE A 149 -9.30 37.11 -27.89
N LYS A 150 -8.86 37.84 -26.86
CA LYS A 150 -9.06 39.27 -26.78
C LYS A 150 -7.70 39.95 -26.85
N THR A 151 -6.75 39.44 -26.08
CA THR A 151 -5.39 39.94 -26.12
C THR A 151 -4.52 38.91 -26.80
N PHE A 152 -3.79 39.35 -27.82
CA PHE A 152 -2.91 38.50 -28.59
C PHE A 152 -1.47 38.91 -28.37
N VAL A 153 -0.72 38.05 -27.70
CA VAL A 153 0.67 38.30 -27.36
C VAL A 153 1.61 37.55 -28.34
N ARG A 154 2.52 38.28 -28.95
CA ARG A 154 3.44 37.70 -29.90
C ARG A 154 4.79 37.48 -29.25
N LEU A 155 5.34 36.28 -29.42
CA LEU A 155 6.67 35.93 -28.98
C LEU A 155 7.68 36.20 -30.11
N PRO A 156 8.98 36.13 -29.82
CA PRO A 156 9.99 36.18 -30.89
C PRO A 156 9.74 35.06 -31.91
N ASN A 157 10.07 35.30 -33.18
CA ASN A 157 9.86 34.26 -34.18
C ASN A 157 10.67 33.03 -33.80
N ALA A 158 10.18 31.85 -34.18
CA ALA A 158 10.88 30.63 -33.80
C ALA A 158 12.17 30.41 -34.57
N TYR A 159 12.24 30.92 -35.81
CA TYR A 159 13.39 30.65 -36.71
C TYR A 159 13.82 31.88 -37.44
N VAL A 160 15.09 31.90 -37.86
CA VAL A 160 15.53 32.72 -38.97
C VAL A 160 14.80 32.23 -40.23
N PRO A 161 14.64 33.08 -41.25
CA PRO A 161 14.15 32.60 -42.56
C PRO A 161 15.08 31.50 -43.11
N PHE A 162 14.64 30.65 -44.04
CA PHE A 162 13.36 30.74 -44.71
C PHE A 162 12.58 29.51 -44.29
N ASN A 163 11.42 29.75 -43.68
CA ASN A 163 10.68 28.66 -43.06
C ASN A 163 9.19 28.97 -43.11
N ARG A 164 8.36 27.92 -43.23
CA ARG A 164 6.91 28.10 -43.18
C ARG A 164 6.25 26.80 -42.72
N ASN A 165 4.91 26.78 -42.75
CA ASN A 165 4.11 25.65 -42.28
C ASN A 165 4.50 25.24 -40.87
N GLY A 166 4.74 26.22 -40.02
CA GLY A 166 5.02 25.98 -38.60
C GLY A 166 3.75 25.58 -37.92
N VAL A 167 3.76 24.45 -37.22
CA VAL A 167 2.62 24.08 -36.39
C VAL A 167 3.12 23.34 -35.17
N LEU A 168 2.61 23.73 -34.01
CA LEU A 168 2.93 23.07 -32.74
C LEU A 168 2.12 21.78 -32.47
N PHE A 169 2.74 20.86 -31.74
CA PHE A 169 2.03 19.71 -31.14
C PHE A 169 1.18 20.25 -29.99
N PRO A 170 -0.02 19.65 -29.82
CA PRO A 170 -1.00 20.10 -28.85
C PRO A 170 -0.67 19.82 -27.38
N ARG A 171 0.52 19.30 -27.09
CA ARG A 171 1.00 19.12 -25.73
C ARG A 171 2.51 19.01 -25.76
N LYS A 172 3.15 19.19 -24.60
CA LYS A 172 4.58 18.88 -24.50
C LYS A 172 4.82 17.38 -24.73
N ILE A 173 5.96 17.05 -25.31
CA ILE A 173 6.42 15.68 -25.46
C ILE A 173 7.75 15.60 -24.74
N ASN A 174 7.85 14.71 -23.75
CA ASN A 174 9.07 14.61 -22.95
C ASN A 174 9.50 15.98 -22.41
N GLY A 175 8.54 16.76 -21.93
CA GLY A 175 8.84 18.06 -21.33
C GLY A 175 9.15 19.20 -22.28
N LYS A 176 9.07 18.95 -23.59
CA LYS A 176 9.42 19.97 -24.57
C LYS A 176 8.21 20.33 -25.43
N TYR A 177 8.06 21.62 -25.78
CA TYR A 177 7.22 22.04 -26.89
C TYR A 177 7.85 21.54 -28.18
N VAL A 178 7.02 21.14 -29.14
CA VAL A 178 7.53 20.59 -30.39
C VAL A 178 6.84 21.27 -31.54
N MSE A 179 7.67 21.79 -32.44
CA MSE A 179 7.25 22.57 -33.55
C MSE A 179 7.58 21.84 -34.84
O MSE A 179 8.77 21.63 -35.14
CB MSE A 179 8.05 23.89 -33.52
CG MSE A 179 7.87 24.80 -34.77
SE MSE A 179 6.16 25.80 -34.72
CE MSE A 179 6.66 27.17 -33.24
N LEU A 180 6.56 21.47 -35.61
CA LEU A 180 6.76 21.11 -37.01
C LEU A 180 7.12 22.34 -37.79
N ASN A 181 8.03 22.18 -38.74
CA ASN A 181 8.39 23.28 -39.60
C ASN A 181 8.77 22.78 -40.99
N ARG A 182 9.13 23.69 -41.88
CA ARG A 182 9.31 23.35 -43.27
C ARG A 182 10.35 24.29 -43.88
N PRO A 183 11.61 23.93 -43.72
CA PRO A 183 12.72 24.67 -44.33
C PRO A 183 12.44 24.92 -45.82
N SER A 184 12.62 26.17 -46.24
CA SER A 184 12.18 26.65 -47.54
C SER A 184 13.24 27.52 -48.25
N ASP A 185 12.79 28.14 -49.36
CA ASP A 185 13.45 29.15 -50.23
C ASP A 185 13.02 30.54 -49.84
N ASN A 186 13.56 31.53 -50.56
CA ASN A 186 12.98 32.88 -50.56
C ASN A 186 11.75 33.04 -51.47
N GLY A 187 11.66 32.21 -52.51
CA GLY A 187 10.55 32.28 -53.48
C GLY A 187 9.48 31.19 -53.41
N HIS A 188 8.95 30.81 -54.58
CA HIS A 188 7.97 29.73 -54.69
C HIS A 188 8.76 28.41 -54.67
N THR A 189 9.10 27.99 -53.45
CA THR A 189 10.01 26.85 -53.15
C THR A 189 9.76 25.59 -53.97
N PRO A 190 10.77 25.15 -54.73
CA PRO A 190 10.66 23.93 -55.53
C PRO A 190 11.19 22.69 -54.79
N PHE A 191 11.04 22.66 -53.47
CA PHE A 191 11.37 21.49 -52.65
C PHE A 191 10.75 21.73 -51.25
N GLY A 192 10.92 20.76 -50.34
CA GLY A 192 10.49 20.95 -48.97
C GLY A 192 10.13 19.68 -48.21
N ASP A 193 10.84 19.50 -47.10
CA ASP A 193 10.64 18.43 -46.13
C ASP A 193 10.09 18.99 -44.84
N ILE A 194 9.33 18.18 -44.12
CA ILE A 194 8.86 18.54 -42.78
C ILE A 194 9.89 18.09 -41.75
N PHE A 195 10.31 19.03 -40.92
CA PHE A 195 11.21 18.83 -39.79
C PHE A 195 10.43 19.07 -38.51
N LEU A 196 11.03 18.76 -37.37
CA LEU A 196 10.50 19.21 -36.08
C LEU A 196 11.64 19.77 -35.25
N SER A 197 11.28 20.64 -34.31
CA SER A 197 12.24 21.22 -33.39
C SER A 197 11.61 21.16 -32.03
N GLU A 198 12.44 21.18 -31.00
CA GLU A 198 11.92 21.18 -29.64
C GLU A 198 12.39 22.43 -28.90
N SER A 199 11.62 22.83 -27.89
CA SER A 199 11.92 23.97 -27.05
C SER A 199 11.44 23.75 -25.61
N PRO A 200 12.27 24.13 -24.63
CA PRO A 200 11.83 24.14 -23.24
C PRO A 200 10.92 25.31 -22.92
N ASP A 201 10.96 26.38 -23.73
CA ASP A 201 10.36 27.64 -23.34
C ASP A 201 9.55 28.36 -24.43
N MSE A 202 9.40 27.73 -25.60
CA MSE A 202 8.68 28.36 -26.70
C MSE A 202 9.49 29.48 -27.39
O MSE A 202 8.95 30.18 -28.24
CB MSE A 202 7.32 28.92 -26.21
CG MSE A 202 6.26 27.83 -26.07
SE MSE A 202 5.88 27.07 -27.87
CE MSE A 202 5.10 28.63 -28.56
N ILE A 203 10.76 29.61 -27.02
CA ILE A 203 11.59 30.69 -27.55
C ILE A 203 12.86 30.14 -28.20
N HIS A 204 13.58 29.26 -27.51
CA HIS A 204 14.79 28.69 -28.05
C HIS A 204 14.51 27.27 -28.53
N TRP A 205 14.93 26.99 -29.76
CA TRP A 205 14.58 25.77 -30.49
C TRP A 205 15.87 25.03 -30.82
N GLY A 206 15.84 23.71 -30.62
CA GLY A 206 16.99 22.86 -30.93
C GLY A 206 16.61 21.42 -31.17
N ASN A 207 17.64 20.56 -31.28
CA ASN A 207 17.44 19.13 -31.50
C ASN A 207 16.47 18.90 -32.67
N HIS A 208 16.81 19.50 -33.81
CA HIS A 208 15.96 19.45 -35.00
C HIS A 208 16.03 18.07 -35.60
N ARG A 209 14.94 17.60 -36.20
CA ARG A 209 14.98 16.29 -36.87
C ARG A 209 14.09 16.30 -38.08
N PHE A 210 14.60 15.76 -39.17
CA PHE A 210 13.79 15.47 -40.33
C PHE A 210 12.67 14.51 -39.90
N VAL A 211 11.45 14.76 -40.36
CA VAL A 211 10.32 13.87 -40.08
C VAL A 211 9.89 13.15 -41.37
N LEU A 212 9.52 13.93 -42.38
CA LEU A 212 8.85 13.38 -43.53
C LEU A 212 9.32 14.21 -44.71
N GLY A 213 9.60 13.57 -45.83
CA GLY A 213 9.98 14.31 -47.04
C GLY A 213 9.12 14.02 -48.24
N ARG A 214 9.34 14.76 -49.31
CA ARG A 214 8.64 14.50 -50.55
C ARG A 214 8.86 13.06 -51.00
N SER A 215 7.88 12.50 -51.71
CA SER A 215 7.98 11.15 -52.19
C SER A 215 8.51 11.17 -53.62
N SER A 216 9.28 10.16 -53.98
CA SER A 216 9.70 10.03 -55.35
C SER A 216 8.65 9.24 -56.12
N TYR A 217 8.07 8.24 -55.46
CA TYR A 217 7.15 7.34 -56.11
C TYR A 217 5.75 7.95 -56.25
N ASN A 218 5.29 8.67 -55.22
CA ASN A 218 3.94 9.24 -55.29
C ASN A 218 4.01 10.65 -55.85
N TRP A 219 3.61 10.78 -57.13
CA TRP A 219 3.83 11.99 -57.89
C TRP A 219 3.10 13.19 -57.30
N TRP A 220 1.98 12.95 -56.60
CA TRP A 220 1.20 14.03 -55.97
C TRP A 220 1.96 14.84 -54.92
N GLU A 221 3.00 14.22 -54.38
CA GLU A 221 3.78 14.81 -53.31
C GLU A 221 5.26 14.72 -53.63
N ASN A 222 5.59 14.80 -54.91
CA ASN A 222 7.00 14.63 -55.28
C ASN A 222 7.78 15.93 -55.34
N LEU A 223 7.10 17.06 -55.21
CA LEU A 223 7.84 18.32 -55.26
C LEU A 223 8.14 18.82 -53.86
N LYS A 224 7.11 18.91 -53.01
CA LYS A 224 7.31 19.32 -51.64
C LYS A 224 6.10 18.96 -50.82
N ILE A 225 6.27 19.00 -49.50
CA ILE A 225 5.16 18.77 -48.56
C ILE A 225 5.27 19.79 -47.43
N GLY A 226 4.21 19.86 -46.60
CA GLY A 226 4.20 20.79 -45.47
C GLY A 226 3.10 20.39 -44.52
N ALA A 227 3.33 20.62 -43.23
CA ALA A 227 2.32 20.31 -42.20
C ALA A 227 1.10 21.18 -42.39
N GLY A 228 -0.06 20.65 -42.03
CA GLY A 228 -1.32 21.41 -42.14
C GLY A 228 -1.89 21.62 -40.76
N PRO A 229 -3.00 20.96 -40.45
CA PRO A 229 -3.59 21.01 -39.10
C PRO A 229 -2.61 20.51 -38.05
N TYR A 230 -2.74 20.95 -36.80
CA TYR A 230 -1.85 20.39 -35.77
C TYR A 230 -2.06 18.87 -35.67
N PRO A 231 -1.02 18.13 -35.28
CA PRO A 231 -1.10 16.67 -35.22
C PRO A 231 -2.04 16.23 -34.10
N ILE A 232 -2.91 15.29 -34.44
CA ILE A 232 -3.95 14.85 -33.53
C ILE A 232 -3.46 13.58 -32.85
N GLU A 233 -3.47 13.57 -31.52
CA GLU A 233 -3.01 12.42 -30.77
C GLU A 233 -4.06 11.33 -30.77
N THR A 234 -3.67 10.15 -31.26
CA THR A 234 -4.50 8.97 -31.21
C THR A 234 -3.67 7.83 -30.63
N SER A 235 -4.37 6.76 -30.21
CA SER A 235 -3.71 5.56 -29.74
C SER A 235 -2.86 4.91 -30.83
N GLU A 236 -3.12 5.28 -32.08
CA GLU A 236 -2.35 4.77 -33.20
C GLU A 236 -1.19 5.67 -33.60
N GLY A 237 -1.02 6.78 -32.88
CA GLY A 237 0.04 7.71 -33.18
C GLY A 237 -0.50 9.10 -33.43
N TRP A 238 0.41 10.02 -33.72
CA TRP A 238 0.07 11.38 -34.08
C TRP A 238 -0.41 11.39 -35.51
N LEU A 239 -1.68 11.75 -35.70
CA LEU A 239 -2.24 11.91 -37.03
C LEU A 239 -1.83 13.26 -37.60
N LEU A 240 -0.94 13.24 -38.59
CA LEU A 240 -0.49 14.47 -39.24
C LEU A 240 -1.10 14.55 -40.63
N ILE A 241 -2.05 15.46 -40.79
CA ILE A 241 -2.57 15.79 -42.12
C ILE A 241 -1.64 16.86 -42.73
N TYR A 242 -1.15 16.57 -43.93
CA TYR A 242 -0.11 17.39 -44.54
C TYR A 242 -0.45 17.59 -46.02
N HIS A 243 -0.01 18.73 -46.58
CA HIS A 243 -0.24 18.95 -47.98
C HIS A 243 0.93 18.44 -48.75
N GLY A 244 0.68 18.05 -49.99
CA GLY A 244 1.73 17.56 -50.85
C GLY A 244 1.57 18.21 -52.19
N VAL A 245 2.69 18.50 -52.85
CA VAL A 245 2.67 19.25 -54.09
C VAL A 245 3.36 18.51 -55.21
N THR A 246 2.77 18.62 -56.39
CA THR A 246 3.44 18.19 -57.61
C THR A 246 3.44 19.34 -58.61
N LEU A 247 4.43 19.34 -59.49
CA LEU A 247 4.55 20.36 -60.49
C LEU A 247 4.17 19.82 -61.86
N THR A 248 3.13 20.39 -62.45
CA THR A 248 2.79 20.05 -63.83
C THR A 248 3.40 21.13 -64.73
N CYS A 249 3.25 20.98 -66.04
CA CYS A 249 3.84 21.99 -66.89
C CYS A 249 3.08 23.34 -66.72
N ASN A 250 1.88 23.33 -66.14
CA ASN A 250 1.12 24.58 -65.98
C ASN A 250 1.00 25.07 -64.57
N GLY A 251 1.80 24.49 -63.67
CA GLY A 251 1.84 24.97 -62.29
C GLY A 251 1.74 23.87 -61.26
N TYR A 252 1.64 24.28 -60.02
CA TYR A 252 1.57 23.38 -58.90
C TYR A 252 0.14 22.90 -58.69
N VAL A 253 0.05 21.67 -58.20
CA VAL A 253 -1.21 21.13 -57.71
C VAL A 253 -0.97 20.71 -56.27
N TYR A 254 -1.70 21.33 -55.34
CA TYR A 254 -1.66 20.97 -53.93
C TYR A 254 -2.78 20.01 -53.61
N SER A 255 -2.42 18.85 -53.03
CA SER A 255 -3.40 17.93 -52.49
C SER A 255 -3.05 17.80 -51.02
N PHE A 256 -3.89 17.08 -50.27
CA PHE A 256 -3.46 16.71 -48.93
C PHE A 256 -3.72 15.25 -48.58
N GLY A 257 -2.80 14.67 -47.79
CA GLY A 257 -2.92 13.30 -47.28
C GLY A 257 -2.63 13.28 -45.79
N ALA A 258 -2.16 12.15 -45.29
CA ALA A 258 -1.91 12.01 -43.85
C ALA A 258 -0.86 10.94 -43.53
N ALA A 259 -0.16 11.15 -42.43
CA ALA A 259 0.79 10.19 -41.89
C ALA A 259 0.50 9.96 -40.40
N LEU A 260 1.02 8.86 -39.85
CA LEU A 260 1.01 8.62 -38.43
C LEU A 260 2.43 8.58 -37.90
N LEU A 261 2.67 9.37 -36.86
CA LEU A 261 3.97 9.52 -36.26
C LEU A 261 3.98 8.89 -34.89
N ASP A 262 5.13 8.31 -34.52
CA ASP A 262 5.28 7.65 -33.23
C ASP A 262 4.99 8.65 -32.13
N LEU A 263 4.24 8.22 -31.12
CA LEU A 263 3.82 9.11 -30.05
C LEU A 263 4.98 9.69 -29.26
N ASP A 264 5.97 8.86 -28.94
CA ASP A 264 7.12 9.24 -28.12
C ASP A 264 8.23 9.92 -28.91
N ASP A 265 8.40 9.52 -30.16
CA ASP A 265 9.34 10.16 -31.03
C ASP A 265 8.68 10.43 -32.37
N PRO A 266 8.03 11.59 -32.44
CA PRO A 266 7.27 11.99 -33.60
C PRO A 266 8.08 12.13 -34.87
N SER A 267 9.41 12.04 -34.79
CA SER A 267 10.20 12.09 -36.01
C SER A 267 10.23 10.71 -36.66
N LYS A 268 9.71 9.71 -35.96
CA LYS A 268 9.58 8.36 -36.49
C LYS A 268 8.18 8.20 -37.12
N VAL A 269 8.16 7.96 -38.42
CA VAL A 269 6.92 7.80 -39.18
C VAL A 269 6.49 6.36 -39.18
N LEU A 270 5.28 6.11 -38.69
CA LEU A 270 4.80 4.74 -38.56
C LEU A 270 4.09 4.34 -39.84
N TYR A 271 3.27 5.25 -40.35
CA TYR A 271 2.47 4.99 -41.56
C TYR A 271 2.32 6.28 -42.30
N ARG A 272 2.05 6.16 -43.59
CA ARG A 272 1.95 7.29 -44.45
C ARG A 272 1.17 6.86 -45.68
N SER A 273 0.06 7.51 -45.97
CA SER A 273 -0.78 7.11 -47.09
C SER A 273 -0.17 7.46 -48.45
N ARG A 274 -0.02 6.47 -49.31
CA ARG A 274 0.50 6.72 -50.64
C ARG A 274 -0.51 7.57 -51.46
N TYR A 275 -1.79 7.50 -51.10
CA TYR A 275 -2.84 8.26 -51.78
C TYR A 275 -3.16 9.50 -50.98
N TYR A 276 -3.45 10.60 -51.65
CA TYR A 276 -4.01 11.79 -50.95
C TYR A 276 -5.41 11.47 -50.38
N LEU A 277 -5.81 12.22 -49.37
CA LEU A 277 -7.16 12.21 -48.88
C LEU A 277 -8.05 13.10 -49.77
N LEU A 278 -7.50 14.20 -50.26
CA LEU A 278 -8.24 15.14 -51.08
C LEU A 278 -7.30 15.81 -52.08
N THR A 279 -7.80 16.01 -53.31
CA THR A 279 -7.10 16.68 -54.37
C THR A 279 -8.10 17.64 -55.03
N PRO A 280 -7.64 18.70 -55.71
CA PRO A 280 -8.55 19.67 -56.32
C PRO A 280 -9.40 19.00 -57.41
N GLU A 281 -10.72 19.18 -57.34
CA GLU A 281 -11.65 18.52 -58.25
C GLU A 281 -12.86 19.44 -58.50
N GLU A 282 -13.32 20.12 -57.45
CA GLU A 282 -14.46 21.03 -57.60
C GLU A 282 -14.04 22.38 -58.12
N GLU A 283 -15.00 23.10 -58.70
CA GLU A 283 -14.75 24.39 -59.29
C GLU A 283 -14.14 25.39 -58.34
N TYR A 284 -14.50 25.31 -57.06
CA TYR A 284 -13.95 26.27 -56.10
C TYR A 284 -12.53 25.89 -55.69
N GLU A 285 -12.09 24.71 -56.13
CA GLU A 285 -10.71 24.23 -55.89
C GLU A 285 -9.81 24.38 -57.14
N THR A 286 -10.43 24.31 -58.33
CA THR A 286 -9.64 24.25 -59.56
C THR A 286 -9.61 25.57 -60.27
N VAL A 287 -10.39 26.52 -59.75
CA VAL A 287 -10.48 27.87 -60.33
C VAL A 287 -10.32 28.86 -59.19
N GLY A 288 -9.55 29.92 -59.42
CA GLY A 288 -9.47 31.02 -58.46
C GLY A 288 -8.11 31.67 -58.52
N PHE A 289 -7.76 32.37 -57.44
CA PHE A 289 -6.55 33.13 -57.33
C PHE A 289 -5.30 32.24 -57.60
N VAL A 290 -5.28 31.07 -56.95
CA VAL A 290 -4.27 30.03 -57.26
C VAL A 290 -4.99 28.72 -57.56
N PRO A 291 -5.21 28.41 -58.85
CA PRO A 291 -5.96 27.22 -59.21
C PRO A 291 -5.28 25.95 -58.72
N ASN A 292 -6.10 24.93 -58.44
CA ASN A 292 -5.63 23.59 -58.11
C ASN A 292 -4.91 23.52 -56.77
N VAL A 293 -5.55 24.07 -55.74
CA VAL A 293 -5.03 24.03 -54.37
C VAL A 293 -6.15 23.57 -53.43
N VAL A 294 -5.90 22.50 -52.67
CA VAL A 294 -6.61 22.24 -51.43
C VAL A 294 -5.58 22.23 -50.30
N PHE A 295 -5.74 23.16 -49.36
CA PHE A 295 -4.68 23.42 -48.40
C PHE A 295 -5.28 23.31 -47.00
N PRO A 296 -5.00 22.22 -46.28
CA PRO A 296 -5.63 21.97 -44.98
C PRO A 296 -5.03 22.84 -43.86
N CYS A 297 -5.86 23.53 -43.10
CA CYS A 297 -5.41 24.48 -42.09
C CYS A 297 -5.74 24.10 -40.66
N ALA A 298 -6.87 23.43 -40.48
CA ALA A 298 -7.39 23.13 -39.18
C ALA A 298 -8.22 21.85 -39.23
N ALA A 299 -8.18 21.05 -38.17
CA ALA A 299 -9.09 19.91 -38.03
C ALA A 299 -9.73 19.96 -36.65
N LEU A 300 -11.04 19.78 -36.60
CA LEU A 300 -11.72 19.52 -35.35
C LEU A 300 -12.06 18.05 -35.29
N CYS A 301 -11.93 17.47 -34.10
CA CYS A 301 -12.35 16.11 -33.90
C CYS A 301 -13.14 16.00 -32.60
N ASP A 302 -14.37 15.52 -32.74
CA ASP A 302 -15.24 15.28 -31.62
C ASP A 302 -14.89 13.90 -31.01
N ALA A 303 -14.15 13.95 -29.91
CA ALA A 303 -13.71 12.76 -29.18
C ALA A 303 -14.85 11.78 -28.92
N ASP A 304 -16.07 12.30 -28.76
CA ASP A 304 -17.23 11.46 -28.44
C ASP A 304 -17.67 10.57 -29.60
N THR A 305 -17.54 11.05 -30.83
CA THR A 305 -18.10 10.32 -31.95
C THR A 305 -17.03 9.92 -32.97
N GLY A 306 -15.87 10.58 -32.90
CA GLY A 306 -14.80 10.36 -33.86
C GLY A 306 -14.95 11.18 -35.15
N ARG A 307 -15.98 12.01 -35.21
CA ARG A 307 -16.22 12.90 -36.35
C ARG A 307 -15.10 13.90 -36.46
N VAL A 308 -14.67 14.13 -37.70
CA VAL A 308 -13.62 15.06 -38.03
C VAL A 308 -14.12 16.09 -39.05
N ALA A 309 -13.82 17.35 -38.81
CA ALA A 309 -14.08 18.41 -39.78
C ALA A 309 -12.75 19.08 -40.07
N ILE A 310 -12.36 19.08 -41.35
CA ILE A 310 -11.11 19.67 -41.83
C ILE A 310 -11.46 20.94 -42.60
N TYR A 311 -10.90 22.07 -42.12
CA TYR A 311 -10.97 23.32 -42.85
C TYR A 311 -9.81 23.38 -43.82
N TYR A 312 -10.11 23.69 -45.07
CA TYR A 312 -9.03 23.86 -46.02
C TYR A 312 -9.26 25.07 -46.92
N GLY A 313 -8.16 25.67 -47.37
CA GLY A 313 -8.20 26.72 -48.36
C GLY A 313 -8.38 26.08 -49.72
N ALA A 314 -9.27 26.66 -50.51
CA ALA A 314 -9.54 26.15 -51.84
C ALA A 314 -9.13 27.22 -52.87
N ALA A 315 -8.21 26.87 -53.74
CA ALA A 315 -7.67 27.73 -54.80
C ALA A 315 -7.17 29.12 -54.32
N ASP A 316 -6.74 29.18 -53.04
CA ASP A 316 -6.33 30.43 -52.39
C ASP A 316 -7.42 31.48 -52.52
N THR A 317 -8.68 31.04 -52.47
CA THR A 317 -9.83 31.90 -52.75
C THR A 317 -10.91 31.75 -51.69
N HIS A 318 -11.09 30.53 -51.20
CA HIS A 318 -12.23 30.18 -50.34
C HIS A 318 -11.76 29.38 -49.12
N VAL A 319 -12.61 29.36 -48.10
CA VAL A 319 -12.54 28.35 -47.04
C VAL A 319 -13.58 27.26 -47.34
N ALA A 320 -13.14 26.01 -47.29
CA ALA A 320 -14.04 24.88 -47.50
C ALA A 320 -13.88 23.87 -46.38
N LEU A 321 -14.89 23.01 -46.23
CA LEU A 321 -14.90 21.94 -45.24
C LEU A 321 -14.92 20.56 -45.87
N ALA A 322 -14.22 19.63 -45.23
CA ALA A 322 -14.32 18.21 -45.52
C ALA A 322 -14.54 17.48 -44.21
N PHE A 323 -15.30 16.37 -44.31
CA PHE A 323 -15.67 15.55 -43.17
C PHE A 323 -15.16 14.12 -43.29
N GLY A 324 -14.93 13.50 -42.14
CA GLY A 324 -14.66 12.08 -42.06
C GLY A 324 -14.66 11.59 -40.62
N TYR A 325 -14.44 10.30 -40.47
CA TYR A 325 -14.32 9.71 -39.14
C TYR A 325 -12.86 9.40 -38.89
N ILE A 326 -12.37 9.74 -37.70
CA ILE A 326 -10.94 9.63 -37.44
C ILE A 326 -10.41 8.17 -37.57
N ASP A 327 -11.24 7.21 -37.18
CA ASP A 327 -10.83 5.81 -37.26
C ASP A 327 -10.70 5.34 -38.71
N GLU A 328 -11.58 5.84 -39.58
CA GLU A 328 -11.53 5.51 -41.01
C GLU A 328 -10.36 6.21 -41.71
N ILE A 329 -10.05 7.44 -41.29
CA ILE A 329 -8.90 8.15 -41.78
C ILE A 329 -7.65 7.40 -41.38
N VAL A 330 -7.55 7.02 -40.11
CA VAL A 330 -6.38 6.29 -39.61
C VAL A 330 -6.26 4.95 -40.33
N ASP A 331 -7.40 4.28 -40.50
CA ASP A 331 -7.45 3.01 -41.22
C ASP A 331 -6.94 3.15 -42.66
N PHE A 332 -7.33 4.25 -43.31
CA PHE A 332 -6.92 4.57 -44.66
C PHE A 332 -5.41 4.79 -44.74
N VAL A 333 -4.87 5.60 -43.83
CA VAL A 333 -3.43 5.81 -43.73
C VAL A 333 -2.67 4.48 -43.61
N LYS A 334 -3.08 3.64 -42.67
CA LYS A 334 -2.42 2.34 -42.43
C LYS A 334 -2.54 1.41 -43.65
N ARG A 335 -3.77 1.24 -44.14
CA ARG A 335 -4.01 0.39 -45.30
C ARG A 335 -3.27 0.81 -46.59
N ASN A 336 -3.03 2.11 -46.79
CA ASN A 336 -2.42 2.58 -48.04
C ASN A 336 -0.98 3.01 -47.86
N SER A 337 -0.41 2.60 -46.73
CA SER A 337 0.99 2.89 -46.40
C SER A 337 1.92 2.15 -47.37
N MSE A 338 2.91 2.81 -47.94
CA MSE A 338 3.82 2.13 -48.86
C MSE A 338 4.36 0.81 -48.26
O MSE A 338 4.47 0.67 -47.03
OXT MSE A 338 4.65 -0.14 -49.00
CB MSE A 338 4.98 3.03 -49.26
CG MSE A 338 4.59 4.12 -50.24
SE MSE A 338 5.00 3.64 -52.09
CE MSE A 338 7.05 3.71 -51.98
N MSE B 13 42.93 52.62 -28.08
CA MSE B 13 41.90 51.55 -28.18
C MSE B 13 42.30 50.23 -27.53
O MSE B 13 43.43 49.78 -27.67
CB MSE B 13 41.60 51.27 -29.64
CG MSE B 13 40.42 50.36 -29.84
SE MSE B 13 40.41 49.75 -31.69
CE MSE B 13 42.12 48.85 -31.67
N LYS B 14 41.34 49.59 -26.84
CA LYS B 14 41.59 48.28 -26.23
C LYS B 14 41.03 47.11 -27.07
N VAL B 15 41.81 46.03 -27.14
CA VAL B 15 41.44 44.79 -27.86
C VAL B 15 41.47 43.62 -26.89
N PHE B 16 40.37 42.91 -26.79
CA PHE B 16 40.24 41.82 -25.84
C PHE B 16 40.53 40.48 -26.50
N THR B 17 41.81 40.25 -26.80
CA THR B 17 42.29 38.94 -27.28
C THR B 17 43.55 38.54 -26.50
N GLU B 18 44.16 37.44 -26.91
CA GLU B 18 45.39 36.93 -26.30
C GLU B 18 46.61 37.76 -26.72
N LYS B 19 47.65 37.75 -25.87
CA LYS B 19 48.99 38.15 -26.30
C LYS B 19 49.46 37.08 -27.25
N ILE B 20 49.93 37.46 -28.44
CA ILE B 20 50.43 36.49 -29.43
C ILE B 20 51.77 36.99 -29.99
N PRO B 21 52.83 36.95 -29.18
CA PRO B 21 54.12 37.52 -29.57
C PRO B 21 54.65 36.94 -30.88
N ASN B 22 54.33 35.68 -31.15
CA ASN B 22 54.85 35.02 -32.33
C ASN B 22 53.80 34.88 -33.47
N ILE B 23 52.81 35.76 -33.45
CA ILE B 23 51.84 35.85 -34.55
C ILE B 23 52.57 35.86 -35.90
N PRO B 24 52.10 35.12 -36.90
CA PRO B 24 52.64 35.32 -38.25
C PRO B 24 52.53 36.80 -38.60
N TRP B 25 53.59 37.35 -39.17
CA TRP B 25 53.62 38.77 -39.41
C TRP B 25 54.56 39.15 -40.53
N GLU B 26 54.17 40.17 -41.29
CA GLU B 26 55.04 40.78 -42.26
C GLU B 26 54.70 42.25 -42.32
N GLU B 27 55.72 43.11 -42.25
CA GLU B 27 55.54 44.54 -42.40
C GLU B 27 54.89 44.89 -43.73
N ARG B 28 54.13 45.97 -43.75
CA ARG B 28 53.51 46.43 -44.99
C ARG B 28 54.56 46.86 -45.99
N PRO B 29 54.27 46.68 -47.28
CA PRO B 29 55.16 47.13 -48.34
C PRO B 29 55.41 48.62 -48.18
N GLU B 30 56.62 49.05 -48.54
CA GLU B 30 57.01 50.47 -48.45
C GLU B 30 56.01 51.35 -49.18
N GLY B 31 55.50 52.38 -48.50
CA GLY B 31 54.52 53.30 -49.09
C GLY B 31 53.12 52.75 -49.35
N TYR B 32 52.82 51.55 -48.85
CA TYR B 32 51.50 50.95 -48.98
C TYR B 32 50.52 51.65 -48.06
N THR B 33 49.42 52.08 -48.67
CA THR B 33 48.39 52.92 -48.05
C THR B 33 47.16 52.19 -47.45
N GLY B 34 46.83 50.99 -47.93
CA GLY B 34 45.67 50.23 -47.43
C GLY B 34 45.80 49.71 -46.00
N PRO B 35 44.67 49.42 -45.34
CA PRO B 35 44.69 48.91 -43.96
C PRO B 35 45.18 47.45 -43.83
N VAL B 36 45.16 46.70 -44.93
CA VAL B 36 45.45 45.27 -44.88
C VAL B 36 46.28 44.94 -46.13
N TRP B 37 47.35 44.15 -45.96
CA TRP B 37 48.20 43.78 -47.10
C TRP B 37 48.46 42.29 -47.10
N ARG B 38 48.67 41.72 -48.28
CA ARG B 38 48.94 40.30 -48.44
C ARG B 38 50.34 39.94 -47.95
N TYR B 39 50.46 38.71 -47.45
CA TYR B 39 51.75 38.10 -47.23
C TYR B 39 52.48 37.93 -48.56
N SER B 40 53.68 38.49 -48.65
CA SER B 40 54.42 38.46 -49.89
C SER B 40 54.70 37.03 -50.37
N LYS B 41 54.67 36.05 -49.46
CA LYS B 41 54.96 34.68 -49.86
C LYS B 41 53.71 33.80 -49.98
N ASN B 42 52.53 34.44 -50.11
CA ASN B 42 51.29 33.73 -50.44
C ASN B 42 51.39 32.96 -51.78
N PRO B 43 50.68 31.84 -51.92
CA PRO B 43 49.86 31.23 -50.86
C PRO B 43 50.75 30.41 -49.93
N ILE B 44 50.29 30.13 -48.71
CA ILE B 44 51.14 29.39 -47.77
C ILE B 44 50.92 27.89 -47.90
N ILE B 45 49.75 27.48 -48.33
CA ILE B 45 49.48 26.08 -48.61
C ILE B 45 48.28 26.06 -49.57
N GLY B 46 48.08 24.97 -50.30
CA GLY B 46 46.98 24.92 -51.23
C GLY B 46 46.81 23.56 -51.90
N ARG B 47 47.42 23.37 -53.05
CA ARG B 47 47.17 22.15 -53.83
C ARG B 47 47.92 20.96 -53.25
N ASN B 48 47.28 19.79 -53.30
CA ASN B 48 47.89 18.53 -52.86
C ASN B 48 48.57 18.67 -51.51
N PRO B 49 47.84 19.14 -50.49
CA PRO B 49 48.39 19.33 -49.14
C PRO B 49 48.72 18.04 -48.39
N VAL B 50 47.96 16.97 -48.64
CA VAL B 50 48.17 15.70 -47.96
C VAL B 50 47.84 14.68 -49.03
N PRO B 51 48.29 13.43 -48.89
CA PRO B 51 48.08 12.42 -49.93
C PRO B 51 46.65 12.24 -50.43
N LYS B 52 45.66 12.31 -49.55
CA LYS B 52 44.27 12.23 -50.02
C LYS B 52 43.69 13.58 -50.48
N GLY B 53 44.45 14.66 -50.33
CA GLY B 53 43.90 16.01 -50.50
C GLY B 53 44.18 16.63 -51.86
N ALA B 54 43.17 17.27 -52.43
CA ALA B 54 43.34 18.02 -53.69
C ALA B 54 43.72 19.50 -53.43
N ARG B 55 42.98 20.14 -52.53
CA ARG B 55 43.12 21.57 -52.24
C ARG B 55 42.74 21.78 -50.78
N VAL B 56 43.49 22.65 -50.10
CA VAL B 56 43.13 23.12 -48.77
C VAL B 56 42.92 24.62 -48.90
N PHE B 57 41.77 25.12 -48.41
CA PHE B 57 41.42 26.52 -48.53
C PHE B 57 40.48 27.10 -47.47
N ASN B 58 40.18 26.33 -46.42
CA ASN B 58 39.70 27.01 -45.19
C ASN B 58 40.65 26.65 -44.09
N SER B 59 40.81 27.57 -43.17
CA SER B 59 41.77 27.38 -42.14
C SER B 59 41.27 28.20 -40.98
N ALA B 60 40.65 27.50 -40.05
CA ALA B 60 40.25 28.09 -38.80
C ALA B 60 41.42 27.91 -37.84
N VAL B 61 42.23 28.96 -37.69
CA VAL B 61 43.47 28.90 -36.91
C VAL B 61 43.30 29.66 -35.58
N VAL B 62 43.80 29.08 -34.50
CA VAL B 62 43.92 29.80 -33.22
C VAL B 62 45.30 29.56 -32.61
N PRO B 63 45.73 30.44 -31.71
CA PRO B 63 46.94 30.16 -30.93
C PRO B 63 46.65 29.02 -29.95
N TYR B 64 47.64 28.18 -29.69
CA TYR B 64 47.45 27.10 -28.74
C TYR B 64 48.79 26.66 -28.21
N ASN B 65 48.96 26.81 -26.90
CA ASN B 65 50.12 26.24 -26.21
C ASN B 65 51.42 26.85 -26.73
N GLY B 66 51.41 28.17 -26.95
CA GLY B 66 52.59 28.88 -27.48
C GLY B 66 52.81 28.69 -28.99
N GLU B 67 51.92 27.96 -29.64
CA GLU B 67 52.03 27.72 -31.07
C GLU B 67 50.68 27.99 -31.74
N PHE B 68 50.45 27.38 -32.91
CA PHE B 68 49.17 27.53 -33.61
C PHE B 68 48.61 26.18 -34.01
N VAL B 69 47.28 26.09 -33.97
CA VAL B 69 46.61 24.89 -34.45
C VAL B 69 45.50 25.34 -35.38
N GLY B 70 45.03 24.45 -36.23
CA GLY B 70 43.90 24.82 -37.06
C GLY B 70 43.02 23.67 -37.46
N VAL B 71 41.79 24.01 -37.84
CA VAL B 71 40.92 23.06 -38.47
C VAL B 71 40.79 23.50 -39.91
N PHE B 72 41.17 22.61 -40.80
CA PHE B 72 41.29 22.93 -42.21
C PHE B 72 40.27 22.22 -43.08
N ARG B 73 39.68 22.95 -44.03
CA ARG B 73 38.91 22.26 -45.05
C ARG B 73 39.80 21.78 -46.16
N ILE B 74 39.80 20.48 -46.37
CA ILE B 74 40.51 19.90 -47.48
C ILE B 74 39.53 19.14 -48.37
N ASP B 75 39.43 19.57 -49.64
CA ASP B 75 38.71 18.80 -50.62
C ASP B 75 39.61 17.65 -50.98
N HIS B 76 39.09 16.43 -50.86
CA HIS B 76 39.86 15.26 -51.25
C HIS B 76 39.84 15.08 -52.75
N LYS B 77 40.50 14.05 -53.25
CA LYS B 77 40.63 13.83 -54.68
C LYS B 77 39.33 13.27 -55.30
N ASN B 78 38.22 13.34 -54.55
CA ASN B 78 36.91 13.15 -55.15
C ASN B 78 36.11 14.44 -55.07
N THR B 79 36.80 15.51 -54.70
CA THR B 79 36.23 16.87 -54.55
C THR B 79 35.27 17.01 -53.34
N ARG B 80 35.14 15.96 -52.54
CA ARG B 80 34.34 16.01 -51.31
C ARG B 80 35.17 16.68 -50.24
N PRO B 81 34.57 17.57 -49.45
CA PRO B 81 35.27 18.28 -48.39
C PRO B 81 35.35 17.52 -47.06
N PHE B 82 36.51 17.55 -46.41
CA PHE B 82 36.69 17.04 -45.04
C PHE B 82 37.42 18.04 -44.18
N LEU B 83 37.25 17.92 -42.87
CA LEU B 83 37.97 18.77 -41.92
C LEU B 83 39.18 18.02 -41.36
N HIS B 84 40.36 18.60 -41.50
CA HIS B 84 41.58 18.01 -40.97
C HIS B 84 42.15 18.92 -39.91
N PHE B 85 42.80 18.33 -38.90
CA PHE B 85 43.53 19.10 -37.89
C PHE B 85 44.96 19.39 -38.36
N GLY B 86 45.45 20.57 -38.04
CA GLY B 86 46.83 20.92 -38.35
C GLY B 86 47.54 21.70 -37.25
N ARG B 87 48.88 21.63 -37.24
CA ARG B 87 49.69 22.32 -36.27
C ARG B 87 50.78 23.11 -36.96
N SER B 88 51.14 24.22 -36.36
CA SER B 88 52.22 25.07 -36.86
C SER B 88 52.90 25.80 -35.74
N LYS B 89 54.23 25.86 -35.81
CA LYS B 89 55.04 26.58 -34.83
C LYS B 89 54.92 28.09 -35.05
N ASP B 90 54.83 28.47 -36.32
CA ASP B 90 54.86 29.87 -36.73
C ASP B 90 53.60 30.41 -37.39
N GLY B 91 52.62 29.53 -37.66
CA GLY B 91 51.38 29.93 -38.33
C GLY B 91 51.52 30.01 -39.84
N ILE B 92 52.72 29.75 -40.34
CA ILE B 92 52.97 29.84 -41.78
C ILE B 92 53.24 28.47 -42.38
N ASN B 93 54.13 27.70 -41.73
CA ASN B 93 54.44 26.34 -42.14
C ASN B 93 53.62 25.33 -41.36
N TRP B 94 52.78 24.59 -42.08
CA TRP B 94 51.74 23.76 -41.44
C TRP B 94 52.00 22.26 -41.58
N GLU B 95 51.82 21.52 -40.49
CA GLU B 95 51.75 20.07 -40.58
C GLU B 95 50.31 19.66 -40.40
N ILE B 96 49.70 19.15 -41.47
CA ILE B 96 48.30 18.80 -41.43
C ILE B 96 48.14 17.26 -41.39
N GLU B 97 47.24 16.76 -40.53
CA GLU B 97 47.00 15.33 -40.47
C GLU B 97 46.49 14.85 -41.80
N PRO B 98 46.98 13.70 -42.24
CA PRO B 98 46.55 13.12 -43.52
C PRO B 98 45.10 12.66 -43.49
N GLU B 99 44.55 12.36 -42.30
CA GLU B 99 43.17 11.91 -42.15
C GLU B 99 42.26 12.93 -41.44
N GLU B 100 40.96 12.88 -41.75
CA GLU B 100 39.97 13.85 -41.25
C GLU B 100 39.79 13.71 -39.74
N ILE B 101 39.37 14.79 -39.08
CA ILE B 101 38.93 14.73 -37.69
C ILE B 101 37.76 13.77 -37.51
N GLN B 102 37.85 13.00 -36.43
CA GLN B 102 36.83 12.06 -36.00
C GLN B 102 36.01 12.65 -34.88
N TRP B 103 34.70 12.69 -35.05
CA TRP B 103 33.79 13.32 -34.08
C TRP B 103 33.01 12.29 -33.31
N VAL B 104 32.83 12.53 -32.01
CA VAL B 104 31.93 11.72 -31.16
C VAL B 104 30.87 12.65 -30.57
N ASP B 105 29.74 12.10 -30.14
CA ASP B 105 28.72 12.91 -29.47
C ASP B 105 29.04 13.03 -27.97
N VAL B 106 28.18 13.74 -27.22
CA VAL B 106 28.45 13.92 -25.78
C VAL B 106 28.50 12.60 -25.02
N ASN B 107 27.90 11.55 -25.60
CA ASN B 107 27.95 10.23 -24.97
C ASN B 107 29.18 9.43 -25.40
N GLY B 108 29.97 10.00 -26.31
CA GLY B 108 31.17 9.32 -26.80
C GLY B 108 30.96 8.39 -27.97
N GLU B 109 29.74 8.34 -28.52
CA GLU B 109 29.47 7.53 -29.70
C GLU B 109 29.87 8.31 -30.95
N PRO B 110 30.33 7.60 -31.99
CA PRO B 110 30.67 8.29 -33.25
C PRO B 110 29.50 9.15 -33.74
N PHE B 111 29.81 10.34 -34.18
CA PHE B 111 28.81 11.29 -34.66
C PHE B 111 29.43 12.03 -35.86
N GLN B 112 29.84 11.27 -36.87
CA GLN B 112 30.65 11.79 -37.96
C GLN B 112 29.76 12.51 -38.98
N PRO B 113 30.09 13.75 -39.33
CA PRO B 113 29.35 14.45 -40.38
C PRO B 113 29.59 13.78 -41.73
N SER B 114 28.56 13.73 -42.57
CA SER B 114 28.60 13.20 -43.94
C SER B 114 29.67 13.88 -44.75
N TYR B 115 29.67 15.20 -44.65
CA TYR B 115 30.68 16.07 -45.20
C TYR B 115 30.74 17.21 -44.23
N ALA B 116 31.83 17.96 -44.29
CA ALA B 116 31.96 19.16 -43.45
C ALA B 116 32.97 20.11 -44.08
N TYR B 117 32.65 21.39 -44.04
CA TYR B 117 33.54 22.43 -44.53
C TYR B 117 33.26 23.74 -43.84
N ASP B 118 33.99 24.79 -44.21
CA ASP B 118 33.66 26.15 -43.70
C ASP B 118 33.89 26.20 -42.17
N PRO B 119 35.01 25.67 -41.68
CA PRO B 119 35.22 25.59 -40.23
C PRO B 119 35.51 26.98 -39.65
N ARG B 120 35.10 27.21 -38.41
CA ARG B 120 35.53 28.38 -37.64
C ARG B 120 35.80 27.91 -36.21
N VAL B 121 36.83 28.47 -35.59
CA VAL B 121 37.26 28.00 -34.29
C VAL B 121 37.30 29.19 -33.38
N VAL B 122 36.67 29.10 -32.22
CA VAL B 122 36.73 30.17 -31.28
C VAL B 122 36.72 29.62 -29.84
N LYS B 123 37.60 30.16 -29.01
CA LYS B 123 37.67 29.80 -27.62
C LYS B 123 36.66 30.61 -26.78
N ILE B 124 35.81 29.91 -26.06
CA ILE B 124 34.86 30.54 -25.16
C ILE B 124 35.15 29.91 -23.81
N GLU B 125 35.57 30.75 -22.87
CA GLU B 125 36.01 30.30 -21.56
C GLU B 125 37.12 29.27 -21.76
N ASP B 126 36.89 28.02 -21.33
CA ASP B 126 37.94 27.00 -21.33
C ASP B 126 37.83 26.04 -22.52
N THR B 127 36.91 26.32 -23.45
CA THR B 127 36.60 25.39 -24.51
C THR B 127 36.71 26.05 -25.88
N TYR B 128 37.29 25.31 -26.82
CA TYR B 128 37.31 25.74 -28.22
C TYR B 128 36.10 25.17 -28.92
N TYR B 129 35.19 26.04 -29.35
CA TYR B 129 34.06 25.65 -30.17
C TYR B 129 34.38 25.73 -31.64
N ILE B 130 33.94 24.73 -32.39
CA ILE B 130 34.16 24.65 -33.81
C ILE B 130 32.80 24.61 -34.54
N THR B 131 32.55 25.57 -35.40
CA THR B 131 31.38 25.50 -36.25
C THR B 131 31.82 25.12 -37.67
N PHE B 132 30.91 24.55 -38.43
CA PHE B 132 31.22 24.12 -39.75
C PHE B 132 29.90 23.92 -40.46
N CYS B 133 29.97 23.75 -41.77
CA CYS B 133 28.83 23.50 -42.55
C CYS B 133 28.77 22.00 -42.85
N THR B 134 27.59 21.44 -42.61
CA THR B 134 27.38 20.02 -42.85
C THR B 134 25.97 19.75 -43.35
N ASP B 135 25.74 18.53 -43.81
CA ASP B 135 24.43 18.15 -44.33
C ASP B 135 23.47 17.71 -43.24
N ASP B 136 22.23 18.16 -43.37
CA ASP B 136 21.10 17.54 -42.72
C ASP B 136 19.89 17.76 -43.62
N HIS B 137 19.82 16.96 -44.70
CA HIS B 137 18.89 17.21 -45.80
C HIS B 137 19.07 18.65 -46.28
N GLY B 138 20.32 19.05 -46.45
CA GLY B 138 20.64 20.40 -46.86
C GLY B 138 21.69 20.96 -45.97
N PRO B 139 22.40 21.97 -46.47
CA PRO B 139 23.45 22.64 -45.70
C PRO B 139 22.92 23.25 -44.42
N THR B 140 23.60 23.00 -43.31
CA THR B 140 23.30 23.69 -42.05
C THR B 140 24.59 23.84 -41.24
N ILE B 141 24.47 24.45 -40.08
CA ILE B 141 25.62 24.73 -39.20
C ILE B 141 25.76 23.61 -38.18
N GLY B 142 26.86 22.87 -38.30
CA GLY B 142 27.28 21.91 -37.26
C GLY B 142 28.08 22.61 -36.19
N VAL B 143 28.04 22.05 -34.99
CA VAL B 143 28.66 22.63 -33.82
C VAL B 143 29.43 21.54 -33.07
N GLY B 144 30.71 21.79 -32.80
CA GLY B 144 31.52 20.85 -32.03
C GLY B 144 32.37 21.58 -31.01
N MSE B 145 33.14 20.83 -30.21
CA MSE B 145 34.02 21.45 -29.23
C MSE B 145 35.18 20.53 -28.88
O MSE B 145 35.14 19.32 -29.08
CB MSE B 145 33.26 21.81 -27.95
CG MSE B 145 32.13 20.83 -27.65
SE MSE B 145 31.35 21.15 -25.90
CE MSE B 145 32.82 20.22 -24.72
N THR B 146 36.22 21.14 -28.34
CA THR B 146 37.36 20.40 -27.85
C THR B 146 38.03 21.23 -26.79
N LYS B 147 38.61 20.57 -25.78
CA LYS B 147 39.39 21.28 -24.82
C LYS B 147 40.87 21.12 -25.11
N ASP B 148 41.23 20.14 -25.95
CA ASP B 148 42.64 19.79 -26.08
C ASP B 148 43.06 19.49 -27.50
N PHE B 149 42.14 19.65 -28.45
CA PHE B 149 42.41 19.34 -29.85
C PHE B 149 42.83 17.88 -30.08
N LYS B 150 42.39 17.00 -29.19
CA LYS B 150 42.62 15.56 -29.26
C LYS B 150 41.30 14.85 -29.42
N THR B 151 40.35 15.17 -28.54
CA THR B 151 39.00 14.63 -28.58
C THR B 151 38.05 15.71 -29.09
N PHE B 152 37.31 15.39 -30.15
CA PHE B 152 36.42 16.38 -30.76
C PHE B 152 34.98 15.91 -30.55
N VAL B 153 34.23 16.70 -29.79
CA VAL B 153 32.86 16.33 -29.42
C VAL B 153 31.92 17.17 -30.25
N ARG B 154 31.00 16.53 -30.94
CA ARG B 154 30.04 17.21 -31.80
C ARG B 154 28.69 17.33 -31.08
N LEU B 155 28.13 18.53 -31.11
CA LEU B 155 26.80 18.80 -30.53
C LEU B 155 25.76 18.69 -31.64
N PRO B 156 24.47 18.71 -31.29
CA PRO B 156 23.41 18.73 -32.32
C PRO B 156 23.59 19.97 -33.18
N ASN B 157 23.22 19.91 -34.47
CA ASN B 157 23.31 21.07 -35.35
C ASN B 157 22.50 22.23 -34.75
N ALA B 158 22.94 23.45 -34.99
CA ALA B 158 22.26 24.61 -34.38
C ALA B 158 20.92 24.88 -35.09
N TYR B 159 20.82 24.58 -36.38
CA TYR B 159 19.65 24.97 -37.17
C TYR B 159 19.19 23.82 -38.05
N VAL B 160 17.92 23.86 -38.43
CA VAL B 160 17.45 23.18 -39.62
C VAL B 160 18.14 23.84 -40.84
N PRO B 161 18.25 23.15 -41.98
CA PRO B 161 18.75 23.83 -43.19
C PRO B 161 17.81 25.02 -43.57
N PHE B 162 18.20 25.95 -44.45
CA PHE B 162 19.46 25.96 -45.17
C PHE B 162 20.24 27.14 -44.62
N ASN B 163 21.42 26.87 -44.08
CA ASN B 163 22.15 27.90 -43.35
C ASN B 163 23.66 27.61 -43.44
N ARG B 164 24.47 28.66 -43.39
CA ARG B 164 25.93 28.51 -43.43
C ARG B 164 26.59 29.74 -42.84
N ASN B 165 27.93 29.79 -42.91
CA ASN B 165 28.72 30.86 -42.31
C ASN B 165 28.35 31.08 -40.84
N GLY B 166 28.23 29.98 -40.09
CA GLY B 166 27.94 30.05 -38.65
C GLY B 166 29.22 30.29 -37.87
N VAL B 167 29.21 31.31 -37.06
CA VAL B 167 30.35 31.54 -36.21
C VAL B 167 29.90 32.17 -34.89
N LEU B 168 30.56 31.76 -33.81
CA LEU B 168 30.21 32.15 -32.47
C LEU B 168 30.99 33.36 -32.03
N PHE B 169 30.36 34.20 -31.21
CA PHE B 169 31.06 35.24 -30.49
C PHE B 169 31.95 34.57 -29.42
N PRO B 170 33.13 35.16 -29.16
CA PRO B 170 34.17 34.57 -28.28
C PRO B 170 33.90 34.64 -26.77
N ARG B 171 32.72 35.13 -26.37
CA ARG B 171 32.25 35.05 -24.99
C ARG B 171 30.74 35.14 -24.99
N LYS B 172 30.13 34.76 -23.86
CA LYS B 172 28.72 35.01 -23.64
C LYS B 172 28.42 36.52 -23.61
N ILE B 173 27.27 36.88 -24.17
CA ILE B 173 26.78 38.25 -24.06
C ILE B 173 25.48 38.19 -23.29
N ASN B 174 25.39 38.94 -22.20
CA ASN B 174 24.22 38.90 -21.34
C ASN B 174 23.83 37.47 -20.95
N GLY B 175 24.82 36.65 -20.62
CA GLY B 175 24.56 35.25 -20.25
C GLY B 175 24.21 34.28 -21.36
N LYS B 176 24.29 34.72 -22.63
CA LYS B 176 23.94 33.88 -23.77
C LYS B 176 25.12 33.66 -24.72
N TYR B 177 25.23 32.45 -25.25
CA TYR B 177 26.06 32.21 -26.42
C TYR B 177 25.38 32.85 -27.59
N VAL B 178 26.16 33.44 -28.49
CA VAL B 178 25.63 34.16 -29.64
C VAL B 178 26.25 33.65 -30.92
N MSE B 179 25.41 33.27 -31.86
CA MSE B 179 25.85 32.63 -33.11
C MSE B 179 25.45 33.51 -34.25
O MSE B 179 24.25 33.73 -34.47
CB MSE B 179 25.10 31.31 -33.27
CG MSE B 179 25.22 30.69 -34.66
SE MSE B 179 26.87 29.65 -34.75
CE MSE B 179 26.32 28.22 -33.53
N LEU B 180 26.43 34.00 -35.01
CA LEU B 180 26.12 34.56 -36.31
C LEU B 180 25.80 33.43 -37.27
N ASN B 181 24.89 33.69 -38.19
CA ASN B 181 24.51 32.69 -39.16
C ASN B 181 24.10 33.38 -40.45
N ARG B 182 23.73 32.61 -41.45
CA ARG B 182 23.48 33.21 -42.76
C ARG B 182 22.45 32.38 -43.50
N PRO B 183 21.18 32.69 -43.29
CA PRO B 183 20.07 31.97 -43.93
C PRO B 183 20.29 31.89 -45.43
N SER B 184 20.14 30.70 -46.00
CA SER B 184 20.51 30.45 -47.38
C SER B 184 19.45 29.62 -48.13
N ASP B 185 19.82 29.13 -49.32
CA ASP B 185 18.99 28.18 -50.05
C ASP B 185 19.69 26.83 -50.21
N ASN B 186 19.12 25.94 -51.02
CA ASN B 186 19.74 24.63 -51.24
C ASN B 186 20.96 24.66 -52.17
N GLY B 187 21.01 25.65 -53.08
CA GLY B 187 22.08 25.73 -54.08
C GLY B 187 23.13 26.82 -53.90
N HIS B 188 23.57 27.40 -55.02
CA HIS B 188 24.51 28.52 -54.98
C HIS B 188 23.72 29.80 -54.75
N THR B 189 23.39 30.02 -53.48
CA THR B 189 22.46 31.05 -53.01
C THR B 189 22.70 32.42 -53.65
N PRO B 190 21.69 32.94 -54.34
CA PRO B 190 21.74 34.30 -54.91
C PRO B 190 21.18 35.39 -53.98
N PHE B 191 21.44 35.27 -52.68
CA PHE B 191 21.05 36.26 -51.67
C PHE B 191 21.73 35.87 -50.36
N GLY B 192 21.59 36.71 -49.33
CA GLY B 192 22.09 36.34 -48.02
C GLY B 192 22.42 37.48 -47.09
N ASP B 193 21.77 37.47 -45.93
CA ASP B 193 22.04 38.42 -44.86
C ASP B 193 22.61 37.68 -43.65
N ILE B 194 23.31 38.43 -42.80
CA ILE B 194 23.86 37.88 -41.57
C ILE B 194 22.84 38.11 -40.48
N PHE B 195 22.46 37.04 -39.80
CA PHE B 195 21.62 37.12 -38.60
C PHE B 195 22.46 36.69 -37.41
N LEU B 196 21.91 36.86 -36.22
CA LEU B 196 22.48 36.22 -35.05
C LEU B 196 21.36 35.53 -34.26
N SER B 197 21.75 34.53 -33.45
CA SER B 197 20.81 33.85 -32.57
C SER B 197 21.51 33.72 -31.22
N GLU B 198 20.72 33.48 -30.18
CA GLU B 198 21.30 33.31 -28.86
C GLU B 198 20.82 31.98 -28.28
N SER B 199 21.64 31.46 -27.37
CA SER B 199 21.37 30.19 -26.70
C SER B 199 21.84 30.24 -25.25
N PRO B 200 21.07 29.65 -24.35
CA PRO B 200 21.51 29.47 -22.99
C PRO B 200 22.50 28.30 -22.86
N ASP B 201 22.52 27.37 -23.82
CA ASP B 201 23.15 26.07 -23.64
C ASP B 201 23.89 25.50 -24.86
N MSE B 202 24.02 26.28 -25.92
CA MSE B 202 24.72 25.86 -27.14
C MSE B 202 23.92 24.86 -27.97
O MSE B 202 24.43 24.33 -28.92
CB MSE B 202 26.11 25.25 -26.83
CG MSE B 202 27.19 26.27 -26.58
SE MSE B 202 27.49 27.43 -28.18
CE MSE B 202 27.88 26.10 -29.47
N ILE B 203 22.66 24.65 -27.60
CA ILE B 203 21.80 23.64 -28.26
C ILE B 203 20.50 24.27 -28.79
N HIS B 204 19.83 25.04 -27.94
CA HIS B 204 18.55 25.65 -28.26
C HIS B 204 18.79 27.12 -28.59
N TRP B 205 18.40 27.50 -29.82
CA TRP B 205 18.66 28.82 -30.36
C TRP B 205 17.36 29.61 -30.56
N GLY B 206 17.37 30.88 -30.19
CA GLY B 206 16.16 31.69 -30.24
C GLY B 206 16.50 33.18 -30.24
N ASN B 207 15.47 34.01 -30.22
CA ASN B 207 15.68 35.46 -30.24
C ASN B 207 16.56 35.95 -31.36
N HIS B 208 16.19 35.54 -32.56
CA HIS B 208 17.00 35.76 -33.73
C HIS B 208 16.89 37.20 -34.11
N ARG B 209 17.96 37.75 -34.69
CA ARG B 209 17.92 39.14 -35.15
C ARG B 209 18.74 39.26 -36.40
N PHE B 210 18.17 39.95 -37.39
CA PHE B 210 18.91 40.48 -38.54
C PHE B 210 20.03 41.38 -38.04
N VAL B 211 21.24 41.21 -38.59
CA VAL B 211 22.35 42.08 -38.22
C VAL B 211 22.73 42.98 -39.39
N LEU B 212 23.09 42.36 -40.51
CA LEU B 212 23.74 43.04 -41.59
C LEU B 212 23.24 42.39 -42.86
N GLY B 213 22.91 43.18 -43.85
CA GLY B 213 22.44 42.63 -45.13
C GLY B 213 23.27 43.09 -46.30
N ARG B 214 23.05 42.45 -47.45
CA ARG B 214 23.72 42.87 -48.67
C ARG B 214 23.43 44.34 -48.96
N SER B 215 24.38 45.03 -49.57
CA SER B 215 24.23 46.44 -49.86
C SER B 215 23.60 46.62 -51.25
N SER B 216 22.81 47.67 -51.42
CA SER B 216 22.32 47.99 -52.75
C SER B 216 23.34 48.90 -53.45
N TYR B 217 23.95 49.77 -52.65
CA TYR B 217 24.83 50.77 -53.18
C TYR B 217 26.23 50.23 -53.48
N ASN B 218 26.80 49.47 -52.55
CA ASN B 218 28.13 48.92 -52.73
C ASN B 218 28.05 47.62 -53.52
N TRP B 219 28.45 47.69 -54.78
CA TRP B 219 28.29 46.60 -55.71
C TRP B 219 29.08 45.35 -55.30
N TRP B 220 30.21 45.55 -54.64
CA TRP B 220 31.02 44.42 -54.22
C TRP B 220 30.29 43.45 -53.27
N GLU B 221 29.27 43.96 -52.57
CA GLU B 221 28.52 43.18 -51.59
C GLU B 221 26.99 43.27 -51.87
N ASN B 222 26.61 43.35 -53.14
CA ASN B 222 25.19 43.53 -53.42
C ASN B 222 24.45 42.24 -53.73
N LEU B 223 25.18 41.11 -53.77
CA LEU B 223 24.52 39.83 -54.00
C LEU B 223 24.24 39.13 -52.65
N LYS B 224 25.29 38.92 -51.88
CA LYS B 224 25.13 38.32 -50.56
C LYS B 224 26.34 38.61 -49.71
N ILE B 225 26.20 38.47 -48.40
CA ILE B 225 27.33 38.53 -47.46
C ILE B 225 27.27 37.37 -46.46
N GLY B 226 28.32 37.21 -45.67
CA GLY B 226 28.38 36.13 -44.69
C GLY B 226 29.55 36.39 -43.77
N ALA B 227 29.39 36.02 -42.50
CA ALA B 227 30.41 36.24 -41.49
C ALA B 227 31.65 35.38 -41.84
N GLY B 228 32.83 35.86 -41.45
CA GLY B 228 34.08 35.14 -41.67
C GLY B 228 34.70 34.79 -40.31
N PRO B 229 35.82 35.41 -39.96
CA PRO B 229 36.45 35.21 -38.66
C PRO B 229 35.48 35.53 -37.51
N TYR B 230 35.68 34.93 -36.35
CA TYR B 230 34.79 35.26 -35.26
C TYR B 230 34.96 36.76 -34.92
N PRO B 231 33.89 37.39 -34.44
CA PRO B 231 33.97 38.82 -34.12
C PRO B 231 34.96 39.11 -33.00
N ILE B 232 35.81 40.12 -33.20
CA ILE B 232 36.85 40.47 -32.23
C ILE B 232 36.36 41.61 -31.36
N GLU B 233 36.41 41.39 -30.05
CA GLU B 233 35.96 42.42 -29.09
C GLU B 233 36.98 43.56 -28.96
N THR B 234 36.55 44.79 -29.25
CA THR B 234 37.39 45.96 -29.01
C THR B 234 36.57 46.95 -28.20
N SER B 235 37.23 47.99 -27.72
CA SER B 235 36.49 49.06 -27.04
C SER B 235 35.64 49.86 -28.05
N GLU B 236 35.83 49.63 -29.35
CA GLU B 236 35.06 50.33 -30.37
C GLU B 236 33.88 49.47 -30.85
N GLY B 237 33.73 48.28 -30.26
CA GLY B 237 32.70 47.37 -30.67
C GLY B 237 33.25 46.04 -31.15
N TRP B 238 32.36 45.15 -31.56
CA TRP B 238 32.75 43.89 -32.12
C TRP B 238 33.20 44.14 -33.52
N LEU B 239 34.44 43.77 -33.83
CA LEU B 239 34.94 43.89 -35.18
C LEU B 239 34.59 42.61 -35.95
N LEU B 240 33.65 42.73 -36.89
CA LEU B 240 33.21 41.62 -37.70
C LEU B 240 33.75 41.70 -39.11
N ILE B 241 34.65 40.80 -39.45
CA ILE B 241 35.17 40.70 -40.79
C ILE B 241 34.26 39.74 -41.56
N TYR B 242 33.75 40.19 -42.71
CA TYR B 242 32.73 39.42 -43.38
C TYR B 242 33.01 39.43 -44.87
N HIS B 243 32.62 38.39 -45.57
CA HIS B 243 32.78 38.41 -47.00
C HIS B 243 31.54 39.02 -47.66
N GLY B 244 31.75 39.59 -48.86
CA GLY B 244 30.68 40.18 -49.64
C GLY B 244 30.84 39.69 -51.06
N VAL B 245 29.71 39.47 -51.72
CA VAL B 245 29.71 38.89 -53.07
C VAL B 245 28.94 39.77 -54.03
N THR B 246 29.46 39.83 -55.25
CA THR B 246 28.76 40.42 -56.35
C THR B 246 28.69 39.44 -57.50
N LEU B 247 27.67 39.57 -58.33
CA LEU B 247 27.56 38.66 -59.46
C LEU B 247 27.90 39.41 -60.76
N THR B 248 28.93 38.97 -61.45
CA THR B 248 29.24 39.54 -62.78
C THR B 248 28.63 38.61 -63.81
N CYS B 249 28.79 38.92 -65.09
CA CYS B 249 28.19 38.04 -66.06
C CYS B 249 28.92 36.68 -66.10
N ASN B 250 30.14 36.61 -65.59
CA ASN B 250 30.90 35.38 -65.59
C ASN B 250 31.07 34.70 -64.26
N GLY B 251 30.40 35.19 -63.24
CA GLY B 251 30.30 34.46 -62.00
C GLY B 251 30.38 35.38 -60.78
N TYR B 252 30.53 34.77 -59.63
CA TYR B 252 30.64 35.52 -58.41
C TYR B 252 32.04 36.01 -58.20
N VAL B 253 32.16 37.15 -57.53
CA VAL B 253 33.46 37.63 -57.05
C VAL B 253 33.29 37.89 -55.55
N TYR B 254 34.05 37.16 -54.73
CA TYR B 254 34.00 37.25 -53.29
C TYR B 254 35.12 38.17 -52.82
N SER B 255 34.77 39.20 -52.04
CA SER B 255 35.75 40.08 -51.42
C SER B 255 35.51 40.01 -49.94
N PHE B 256 36.30 40.71 -49.13
CA PHE B 256 35.88 40.85 -47.74
C PHE B 256 36.08 42.24 -47.19
N GLY B 257 35.21 42.59 -46.24
CA GLY B 257 35.25 43.92 -45.60
C GLY B 257 35.06 43.72 -44.10
N ALA B 258 34.52 44.73 -43.44
CA ALA B 258 34.36 44.65 -41.98
C ALA B 258 33.35 45.65 -41.45
N ALA B 259 32.74 45.32 -40.31
CA ALA B 259 31.80 46.20 -39.65
C ALA B 259 32.10 46.20 -38.16
N LEU B 260 31.60 47.21 -37.46
CA LEU B 260 31.66 47.23 -36.00
C LEU B 260 30.26 47.17 -35.42
N LEU B 261 30.07 46.25 -34.49
CA LEU B 261 28.76 46.00 -33.88
C LEU B 261 28.81 46.44 -32.44
N ASP B 262 27.67 46.92 -31.96
CA ASP B 262 27.52 47.36 -30.61
C ASP B 262 27.86 46.21 -29.65
N LEU B 263 28.63 46.52 -28.60
CA LEU B 263 29.10 45.49 -27.68
C LEU B 263 27.97 44.76 -26.97
N ASP B 264 26.98 45.51 -26.50
CA ASP B 264 25.87 44.99 -25.71
C ASP B 264 24.76 44.40 -26.56
N ASP B 265 24.53 44.99 -27.74
CA ASP B 265 23.57 44.46 -28.69
C ASP B 265 24.21 44.38 -30.06
N PRO B 266 24.87 43.26 -30.32
CA PRO B 266 25.62 43.06 -31.58
C PRO B 266 24.76 43.08 -32.83
N SER B 267 23.43 43.08 -32.70
CA SER B 267 22.58 43.21 -33.90
C SER B 267 22.50 44.66 -34.33
N LYS B 268 23.00 45.57 -33.50
CA LYS B 268 23.10 46.98 -33.85
C LYS B 268 24.45 47.28 -34.47
N VAL B 269 24.43 47.69 -35.74
CA VAL B 269 25.65 47.96 -36.48
C VAL B 269 26.07 49.40 -36.26
N LEU B 270 27.29 49.61 -35.77
CA LEU B 270 27.78 50.97 -35.49
C LEU B 270 28.42 51.58 -36.73
N TYR B 271 29.24 50.78 -37.43
CA TYR B 271 29.98 51.23 -38.59
C TYR B 271 30.14 50.06 -39.54
N ARG B 272 30.32 50.34 -40.82
CA ARG B 272 30.46 49.30 -41.82
C ARG B 272 31.16 49.96 -43.01
N SER B 273 32.29 49.40 -43.42
CA SER B 273 33.07 50.03 -44.48
C SER B 273 32.38 49.82 -45.78
N ARG B 274 32.19 50.91 -46.51
CA ARG B 274 31.66 50.82 -47.87
C ARG B 274 32.63 50.14 -48.86
N TYR B 275 33.93 50.17 -48.54
CA TYR B 275 34.93 49.52 -49.37
C TYR B 275 35.37 48.20 -48.74
N TYR B 276 35.66 47.23 -49.59
CA TYR B 276 36.25 46.01 -49.08
C TYR B 276 37.66 46.27 -48.52
N LEU B 277 38.09 45.38 -47.64
CA LEU B 277 39.48 45.30 -47.17
C LEU B 277 40.36 44.58 -48.18
N LEU B 278 39.78 43.59 -48.85
CA LEU B 278 40.56 42.85 -49.81
C LEU B 278 39.62 42.28 -50.85
N THR B 279 40.11 42.19 -52.08
CA THR B 279 39.36 41.64 -53.21
C THR B 279 40.35 40.83 -54.05
N PRO B 280 39.87 39.90 -54.89
CA PRO B 280 40.78 39.08 -55.69
C PRO B 280 41.59 39.94 -56.67
N GLU B 281 42.92 39.78 -56.63
CA GLU B 281 43.84 40.53 -57.48
C GLU B 281 45.03 39.67 -57.89
N GLU B 282 45.57 38.86 -56.96
CA GLU B 282 46.71 38.02 -57.28
C GLU B 282 46.29 36.74 -57.98
N GLU B 283 47.23 36.17 -58.71
CA GLU B 283 47.02 34.94 -59.47
C GLU B 283 46.39 33.81 -58.65
N TYR B 284 46.81 33.68 -57.38
CA TYR B 284 46.32 32.62 -56.54
C TYR B 284 44.90 32.91 -56.04
N GLU B 285 44.43 34.15 -56.28
CA GLU B 285 43.04 34.52 -55.97
C GLU B 285 42.14 34.54 -57.22
N THR B 286 42.71 34.79 -58.38
CA THR B 286 41.88 35.00 -59.56
C THR B 286 41.83 33.78 -60.47
N VAL B 287 42.64 32.78 -60.14
CA VAL B 287 42.75 31.54 -60.90
C VAL B 287 42.66 30.38 -59.91
N GLY B 288 41.85 29.37 -60.28
CA GLY B 288 41.81 28.13 -59.51
C GLY B 288 40.45 27.45 -59.63
N PHE B 289 40.15 26.67 -58.60
CA PHE B 289 38.95 25.86 -58.59
C PHE B 289 37.72 26.75 -58.71
N VAL B 290 37.64 27.78 -57.85
CA VAL B 290 36.61 28.81 -57.97
C VAL B 290 37.32 30.17 -58.05
N PRO B 291 37.52 30.68 -59.26
CA PRO B 291 38.25 31.92 -59.51
C PRO B 291 37.57 33.12 -58.85
N ASN B 292 38.38 34.09 -58.47
CA ASN B 292 37.86 35.35 -57.93
C ASN B 292 37.20 35.20 -56.59
N VAL B 293 37.90 34.57 -55.67
CA VAL B 293 37.42 34.42 -54.30
C VAL B 293 38.54 34.77 -53.32
N VAL B 294 38.26 35.67 -52.40
CA VAL B 294 39.01 35.77 -51.17
C VAL B 294 38.03 35.60 -50.02
N PHE B 295 38.23 34.55 -49.23
CA PHE B 295 37.24 34.14 -48.24
C PHE B 295 37.86 34.04 -46.85
N PRO B 296 37.62 35.03 -45.99
CA PRO B 296 38.33 35.07 -44.68
C PRO B 296 37.76 34.06 -43.69
N CYS B 297 38.65 33.31 -43.03
CA CYS B 297 38.24 32.20 -42.22
C CYS B 297 38.61 32.38 -40.76
N ALA B 298 39.71 33.08 -40.52
CA ALA B 298 40.19 33.25 -39.15
C ALA B 298 41.04 34.49 -39.09
N ALA B 299 41.08 35.08 -37.90
CA ALA B 299 41.94 36.20 -37.66
C ALA B 299 42.61 36.01 -36.31
N LEU B 300 43.92 36.22 -36.27
CA LEU B 300 44.65 36.30 -34.99
C LEU B 300 44.94 37.75 -34.72
N CYS B 301 44.84 38.13 -33.44
CA CYS B 301 45.21 39.46 -33.04
C CYS B 301 46.06 39.41 -31.80
N ASP B 302 47.26 39.96 -31.93
CA ASP B 302 48.19 40.08 -30.83
C ASP B 302 47.84 41.30 -29.98
N ALA B 303 47.18 41.07 -28.84
CA ALA B 303 46.74 42.17 -27.97
C ALA B 303 47.88 43.11 -27.57
N ASP B 304 49.09 42.60 -27.50
CA ASP B 304 50.23 43.42 -27.14
C ASP B 304 50.65 44.46 -28.19
N THR B 305 50.44 44.17 -29.48
CA THR B 305 50.93 45.07 -30.53
C THR B 305 49.82 45.56 -31.45
N GLY B 306 48.65 44.93 -31.39
CA GLY B 306 47.57 45.23 -32.31
C GLY B 306 47.73 44.60 -33.69
N ARG B 307 48.79 43.84 -33.87
CA ARG B 307 49.00 43.10 -35.13
C ARG B 307 47.91 42.09 -35.36
N VAL B 308 47.42 42.06 -36.61
CA VAL B 308 46.35 41.15 -37.01
C VAL B 308 46.82 40.33 -38.21
N ALA B 309 46.59 39.02 -38.15
CA ALA B 309 46.82 38.11 -39.28
C ALA B 309 45.49 37.48 -39.65
N ILE B 310 45.10 37.64 -40.90
CA ILE B 310 43.85 37.06 -41.39
C ILE B 310 44.15 35.91 -42.34
N TYR B 311 43.63 34.73 -42.04
CA TYR B 311 43.73 33.61 -42.94
C TYR B 311 42.53 33.62 -43.87
N TYR B 312 42.79 33.49 -45.17
CA TYR B 312 41.70 33.44 -46.08
C TYR B 312 41.91 32.39 -47.14
N GLY B 313 40.80 31.83 -47.62
CA GLY B 313 40.86 30.94 -48.77
C GLY B 313 40.95 31.76 -50.04
N ALA B 314 41.82 31.34 -50.94
CA ALA B 314 42.01 32.01 -52.21
C ALA B 314 41.57 31.06 -53.31
N ALA B 315 40.63 31.50 -54.16
CA ALA B 315 40.18 30.78 -55.34
C ALA B 315 39.67 29.38 -55.03
N ASP B 316 39.25 29.17 -53.78
CA ASP B 316 38.92 27.82 -53.28
C ASP B 316 40.00 26.79 -53.58
N THR B 317 41.26 27.28 -53.56
CA THR B 317 42.41 26.47 -53.96
C THR B 317 43.55 26.53 -52.94
N HIS B 318 43.69 27.67 -52.24
CA HIS B 318 44.83 27.92 -51.38
C HIS B 318 44.42 28.56 -50.07
N VAL B 319 45.32 28.46 -49.10
CA VAL B 319 45.24 29.23 -47.87
C VAL B 319 46.26 30.35 -48.01
N ALA B 320 45.83 31.58 -47.72
CA ALA B 320 46.68 32.75 -47.82
C ALA B 320 46.55 33.60 -46.56
N LEU B 321 47.52 34.50 -46.38
CA LEU B 321 47.55 35.41 -45.24
C LEU B 321 47.51 36.87 -45.66
N ALA B 322 46.83 37.67 -44.86
CA ALA B 322 46.85 39.10 -45.00
C ALA B 322 47.09 39.68 -43.60
N PHE B 323 47.74 40.84 -43.53
CA PHE B 323 48.12 41.45 -42.25
C PHE B 323 47.61 42.88 -42.16
N GLY B 324 47.45 43.35 -40.93
CA GLY B 324 47.16 44.75 -40.64
C GLY B 324 47.21 44.98 -39.16
N TYR B 325 46.97 46.23 -38.76
CA TYR B 325 46.88 46.60 -37.36
C TYR B 325 45.43 46.83 -37.05
N ILE B 326 45.00 46.36 -35.88
CA ILE B 326 43.61 46.41 -35.51
C ILE B 326 43.05 47.84 -35.46
N ASP B 327 43.81 48.78 -34.92
CA ASP B 327 43.34 50.16 -34.83
C ASP B 327 43.20 50.81 -36.21
N GLU B 328 44.07 50.44 -37.16
CA GLU B 328 43.98 50.94 -38.54
C GLU B 328 42.74 50.38 -39.23
N ILE B 329 42.50 49.09 -39.02
CA ILE B 329 41.33 48.46 -39.59
C ILE B 329 40.07 49.09 -39.01
N VAL B 330 40.06 49.31 -37.70
CA VAL B 330 38.92 49.92 -37.05
C VAL B 330 38.69 51.31 -37.60
N ASP B 331 39.79 52.06 -37.78
CA ASP B 331 39.72 53.42 -38.33
C ASP B 331 39.16 53.39 -39.76
N PHE B 332 39.63 52.43 -40.53
CA PHE B 332 39.20 52.26 -41.91
C PHE B 332 37.69 52.02 -41.93
N VAL B 333 37.22 51.15 -41.04
CA VAL B 333 35.78 50.85 -40.95
C VAL B 333 34.96 52.11 -40.59
N LYS B 334 35.40 52.85 -39.58
CA LYS B 334 34.69 54.07 -39.22
C LYS B 334 34.71 55.12 -40.32
N ARG B 335 35.88 55.38 -40.90
CA ARG B 335 36.03 56.42 -41.88
C ARG B 335 35.32 56.13 -43.18
N ASN B 336 35.13 54.87 -43.50
CA ASN B 336 34.51 54.54 -44.77
C ASN B 336 33.09 54.10 -44.59
N SER B 337 32.53 54.47 -43.46
CA SER B 337 31.20 54.06 -43.08
C SER B 337 30.15 54.95 -43.76
N MSE B 338 28.94 54.43 -43.95
CA MSE B 338 27.87 55.23 -44.59
C MSE B 338 26.85 55.81 -43.60
O MSE B 338 26.85 55.51 -42.39
OXT MSE B 338 26.00 56.61 -44.00
CB MSE B 338 27.12 54.44 -45.68
CG MSE B 338 28.03 53.75 -46.69
SE MSE B 338 27.23 53.66 -48.50
CE MSE B 338 25.51 52.67 -48.05
N MSE C 13 -56.09 -4.32 23.00
CA MSE C 13 -54.84 -3.87 22.30
C MSE C 13 -54.99 -2.54 21.55
O MSE C 13 -56.04 -2.24 20.97
CB MSE C 13 -54.29 -4.97 21.38
CG MSE C 13 -55.03 -5.14 20.05
SE MSE C 13 -53.87 -5.84 18.64
CE MSE C 13 -52.19 -5.12 19.21
N LYS C 14 -53.92 -1.75 21.56
CA LYS C 14 -53.86 -0.48 20.85
C LYS C 14 -53.18 -0.57 19.49
N VAL C 15 -53.70 0.19 18.53
CA VAL C 15 -53.14 0.32 17.19
C VAL C 15 -52.87 1.78 16.94
N PHE C 16 -51.65 2.10 16.53
CA PHE C 16 -51.31 3.49 16.32
C PHE C 16 -51.39 3.86 14.85
N THR C 17 -52.61 3.95 14.33
CA THR C 17 -52.85 4.50 12.98
C THR C 17 -53.94 5.56 13.02
N GLU C 18 -54.34 6.03 11.85
CA GLU C 18 -55.42 7.01 11.73
C GLU C 18 -56.78 6.38 11.97
N LYS C 19 -57.74 7.21 12.38
CA LYS C 19 -59.14 6.86 12.29
C LYS C 19 -59.46 6.89 10.80
N ILE C 20 -60.09 5.83 10.30
CA ILE C 20 -60.52 5.75 8.90
C ILE C 20 -61.96 5.23 8.82
N PRO C 21 -62.92 6.09 9.19
CA PRO C 21 -64.34 5.70 9.22
C PRO C 21 -64.80 5.09 7.90
N ASN C 22 -64.31 5.61 6.78
CA ASN C 22 -64.76 5.17 5.46
C ASN C 22 -63.82 4.17 4.78
N ILE C 23 -63.02 3.46 5.58
CA ILE C 23 -62.15 2.38 5.10
C ILE C 23 -62.96 1.44 4.18
N PRO C 24 -62.41 1.05 3.04
CA PRO C 24 -63.05 0.00 2.24
C PRO C 24 -63.26 -1.21 3.14
N TRP C 25 -64.46 -1.79 3.13
CA TRP C 25 -64.76 -2.85 4.06
C TRP C 25 -65.87 -3.77 3.57
N GLU C 26 -65.76 -5.04 3.93
CA GLU C 26 -66.85 -5.99 3.73
C GLU C 26 -66.76 -7.00 4.87
N GLU C 27 -67.93 -7.31 5.46
CA GLU C 27 -68.06 -8.31 6.52
C GLU C 27 -67.59 -9.68 6.05
N ARG C 28 -67.10 -10.50 6.99
CA ARG C 28 -66.63 -11.84 6.61
C ARG C 28 -67.82 -12.67 6.20
N PRO C 29 -67.62 -13.62 5.29
CA PRO C 29 -68.68 -14.53 4.89
C PRO C 29 -69.19 -15.28 6.12
N GLU C 30 -70.49 -15.56 6.15
CA GLU C 30 -71.13 -16.34 7.20
C GLU C 30 -70.32 -17.58 7.53
N GLY C 31 -69.98 -17.75 8.81
CA GLY C 31 -69.25 -18.92 9.27
C GLY C 31 -67.82 -19.08 8.79
N TYR C 32 -67.26 -18.04 8.19
CA TYR C 32 -65.85 -18.08 7.77
C TYR C 32 -64.93 -17.91 8.99
N THR C 33 -64.00 -18.84 9.11
CA THR C 33 -63.13 -18.98 10.27
C THR C 33 -61.76 -18.28 10.18
N GLY C 34 -61.21 -18.08 8.98
CA GLY C 34 -59.91 -17.44 8.81
C GLY C 34 -59.82 -15.97 9.25
N PRO C 35 -58.61 -15.50 9.53
CA PRO C 35 -58.41 -14.13 10.02
C PRO C 35 -58.55 -13.06 8.94
N VAL C 36 -58.48 -13.45 7.68
CA VAL C 36 -58.51 -12.53 6.56
C VAL C 36 -59.36 -13.14 5.45
N TRP C 37 -60.24 -12.34 4.84
CA TRP C 37 -61.12 -12.83 3.79
C TRP C 37 -61.03 -11.90 2.60
N ARG C 38 -61.20 -12.45 1.40
CA ARG C 38 -61.22 -11.69 0.16
C ARG C 38 -62.48 -10.84 0.01
N TYR C 39 -62.31 -9.70 -0.64
CA TYR C 39 -63.44 -8.89 -1.04
C TYR C 39 -64.20 -9.69 -2.09
N SER C 40 -65.51 -9.86 -1.88
CA SER C 40 -66.32 -10.70 -2.75
C SER C 40 -66.41 -10.16 -4.17
N LYS C 41 -66.07 -8.88 -4.34
CA LYS C 41 -66.16 -8.25 -5.64
C LYS C 41 -64.79 -8.10 -6.32
N ASN C 42 -63.77 -8.79 -5.79
CA ASN C 42 -62.45 -8.84 -6.41
C ASN C 42 -62.50 -9.39 -7.84
N PRO C 43 -61.62 -8.93 -8.73
CA PRO C 43 -60.61 -7.90 -8.42
C PRO C 43 -61.24 -6.52 -8.58
N ILE C 44 -60.64 -5.49 -8.00
CA ILE C 44 -61.25 -4.17 -8.08
C ILE C 44 -60.79 -3.40 -9.33
N ILE C 45 -59.59 -3.71 -9.81
CA ILE C 45 -59.08 -3.16 -11.05
C ILE C 45 -57.97 -4.09 -11.53
N GLY C 46 -57.63 -4.03 -12.81
CA GLY C 46 -56.64 -4.94 -13.34
C GLY C 46 -56.21 -4.64 -14.76
N ARG C 47 -56.81 -5.35 -15.71
CA ARG C 47 -56.45 -5.24 -17.13
C ARG C 47 -56.92 -3.93 -17.77
N ASN C 48 -56.07 -3.40 -18.64
CA ASN C 48 -56.37 -2.18 -19.37
C ASN C 48 -56.97 -1.07 -18.49
N PRO C 49 -56.26 -0.69 -17.44
CA PRO C 49 -56.74 0.32 -16.51
C PRO C 49 -56.80 1.75 -17.07
N VAL C 50 -55.87 2.06 -17.97
CA VAL C 50 -55.70 3.39 -18.56
C VAL C 50 -55.30 3.10 -20.02
N PRO C 51 -55.44 4.08 -20.93
CA PRO C 51 -55.18 3.83 -22.35
C PRO C 51 -53.79 3.24 -22.67
N LYS C 52 -52.73 3.67 -21.98
CA LYS C 52 -51.41 3.07 -22.19
C LYS C 52 -51.15 1.80 -21.38
N GLY C 53 -52.09 1.45 -20.50
CA GLY C 53 -51.85 0.43 -19.50
C GLY C 53 -52.34 -0.96 -19.86
N ALA C 54 -51.53 -1.96 -19.58
CA ALA C 54 -51.90 -3.36 -19.77
C ALA C 54 -52.50 -3.97 -18.49
N ARG C 55 -51.84 -3.76 -17.35
CA ARG C 55 -52.25 -4.36 -16.09
C ARG C 55 -51.79 -3.46 -14.97
N VAL C 56 -52.67 -3.21 -14.00
CA VAL C 56 -52.29 -2.56 -12.77
C VAL C 56 -52.37 -3.59 -11.64
N PHE C 57 -51.31 -3.70 -10.84
CA PHE C 57 -51.27 -4.74 -9.83
C PHE C 57 -50.40 -4.44 -8.59
N ASN C 58 -49.86 -3.24 -8.50
CA ASN C 58 -49.42 -2.78 -7.18
C ASN C 58 -50.21 -1.52 -6.88
N SER C 59 -50.52 -1.36 -5.61
CA SER C 59 -51.30 -0.22 -5.22
C SER C 59 -50.87 0.11 -3.81
N ALA C 60 -50.06 1.14 -3.71
CA ALA C 60 -49.67 1.63 -2.42
C ALA C 60 -50.71 2.69 -2.09
N VAL C 61 -51.69 2.32 -1.26
CA VAL C 61 -52.83 3.18 -0.90
C VAL C 61 -52.69 3.77 0.51
N VAL C 62 -52.99 5.07 0.66
CA VAL C 62 -53.07 5.71 1.98
C VAL C 62 -54.34 6.57 2.04
N PRO C 63 -54.84 6.82 3.25
CA PRO C 63 -55.94 7.78 3.39
C PRO C 63 -55.36 9.18 3.16
N TYR C 64 -56.13 10.03 2.49
CA TYR C 64 -55.69 11.39 2.28
C TYR C 64 -56.92 12.29 2.13
N ASN C 65 -57.02 13.26 3.03
CA ASN C 65 -57.99 14.33 2.88
C ASN C 65 -59.41 13.79 2.94
N GLY C 66 -59.65 12.83 3.82
CA GLY C 66 -60.98 12.22 3.94
C GLY C 66 -61.30 11.22 2.85
N GLU C 67 -60.35 11.00 1.93
CA GLU C 67 -60.54 10.02 0.87
C GLU C 67 -59.30 9.15 0.80
N PHE C 68 -59.02 8.58 -0.37
CA PHE C 68 -57.89 7.71 -0.52
C PHE C 68 -57.11 8.08 -1.77
N VAL C 69 -55.80 7.92 -1.71
CA VAL C 69 -54.95 8.13 -2.86
C VAL C 69 -53.99 6.96 -2.94
N GLY C 70 -53.40 6.75 -4.09
CA GLY C 70 -52.46 5.65 -4.23
C GLY C 70 -51.39 5.91 -5.26
N VAL C 71 -50.27 5.22 -5.09
CA VAL C 71 -49.27 5.12 -6.12
C VAL C 71 -49.38 3.70 -6.68
N PHE C 72 -49.62 3.62 -7.99
CA PHE C 72 -49.91 2.34 -8.63
C PHE C 72 -48.84 1.91 -9.61
N ARG C 73 -48.55 0.63 -9.62
CA ARG C 73 -47.72 0.09 -10.66
C ARG C 73 -48.61 -0.36 -11.82
N ILE C 74 -48.37 0.25 -12.97
CA ILE C 74 -49.01 -0.15 -14.19
C ILE C 74 -47.98 -0.57 -15.25
N ASP C 75 -48.04 -1.85 -15.64
CA ASP C 75 -47.31 -2.28 -16.81
C ASP C 75 -48.00 -1.71 -18.03
N HIS C 76 -47.25 -1.01 -18.87
CA HIS C 76 -47.83 -0.45 -20.08
C HIS C 76 -47.97 -1.55 -21.14
N LYS C 77 -48.46 -1.19 -22.30
CA LYS C 77 -48.62 -2.15 -23.38
C LYS C 77 -47.30 -2.47 -24.09
N ASN C 78 -46.18 -2.14 -23.46
CA ASN C 78 -44.90 -2.68 -23.88
C ASN C 78 -44.35 -3.55 -22.75
N THR C 79 -45.23 -3.82 -21.77
CA THR C 79 -44.93 -4.59 -20.54
C THR C 79 -43.92 -3.90 -19.57
N ARG C 80 -43.52 -2.68 -19.89
CA ARG C 80 -42.63 -1.91 -19.03
C ARG C 80 -43.46 -1.30 -17.89
N PRO C 81 -42.96 -1.34 -16.65
CA PRO C 81 -43.72 -0.84 -15.49
C PRO C 81 -43.51 0.67 -15.25
N PHE C 82 -44.57 1.36 -14.85
CA PHE C 82 -44.52 2.78 -14.54
C PHE C 82 -45.34 3.00 -13.27
N LEU C 83 -45.04 4.07 -12.54
CA LEU C 83 -45.86 4.46 -11.39
C LEU C 83 -46.86 5.53 -11.78
N HIS C 84 -48.13 5.29 -11.46
CA HIS C 84 -49.21 6.24 -11.70
C HIS C 84 -49.88 6.63 -10.41
N PHE C 85 -50.32 7.88 -10.34
CA PHE C 85 -51.09 8.36 -9.20
C PHE C 85 -52.57 8.09 -9.42
N GLY C 86 -53.27 7.75 -8.33
CA GLY C 86 -54.69 7.50 -8.40
C GLY C 86 -55.44 8.03 -7.19
N ARG C 87 -56.74 8.26 -7.39
CA ARG C 87 -57.62 8.80 -6.35
C ARG C 87 -58.88 7.96 -6.27
N SER C 88 -59.43 7.86 -5.06
CA SER C 88 -60.68 7.14 -4.82
C SER C 88 -61.38 7.73 -3.61
N LYS C 89 -62.69 7.92 -3.74
CA LYS C 89 -63.50 8.36 -2.60
C LYS C 89 -63.68 7.23 -1.60
N ASP C 90 -63.76 6.00 -2.08
CA ASP C 90 -64.15 4.87 -1.25
C ASP C 90 -63.05 3.79 -1.08
N GLY C 91 -61.97 3.91 -1.86
CA GLY C 91 -60.87 2.96 -1.83
C GLY C 91 -61.11 1.75 -2.71
N ILE C 92 -62.26 1.72 -3.41
CA ILE C 92 -62.62 0.59 -4.24
C ILE C 92 -62.71 1.01 -5.70
N ASN C 93 -63.37 2.14 -5.93
CA ASN C 93 -63.45 2.68 -7.28
C ASN C 93 -62.41 3.75 -7.51
N TRP C 94 -61.46 3.45 -8.39
CA TRP C 94 -60.27 4.28 -8.58
C TRP C 94 -60.29 5.10 -9.86
N GLU C 95 -59.88 6.37 -9.75
CA GLU C 95 -59.55 7.14 -10.93
C GLU C 95 -58.04 7.28 -10.99
N ILE C 96 -57.44 6.65 -12.00
CA ILE C 96 -55.99 6.61 -12.14
C ILE C 96 -55.54 7.52 -13.28
N GLU C 97 -54.52 8.32 -13.02
CA GLU C 97 -53.93 9.19 -14.02
C GLU C 97 -53.44 8.37 -15.20
N PRO C 98 -53.74 8.83 -16.40
CA PRO C 98 -53.33 8.12 -17.62
C PRO C 98 -51.81 8.14 -17.84
N GLU C 99 -51.13 9.14 -17.27
CA GLU C 99 -49.67 9.29 -17.41
C GLU C 99 -48.95 9.04 -16.08
N GLU C 100 -47.67 8.68 -16.19
CA GLU C 100 -46.91 8.30 -15.00
C GLU C 100 -46.52 9.51 -14.16
N ILE C 101 -46.22 9.28 -12.88
CA ILE C 101 -45.72 10.35 -12.00
C ILE C 101 -44.38 10.87 -12.54
N GLN C 102 -44.22 12.20 -12.54
CA GLN C 102 -42.95 12.84 -12.86
C GLN C 102 -42.19 13.25 -11.59
N TRP C 103 -40.92 12.86 -11.52
CA TRP C 103 -40.14 13.08 -10.31
C TRP C 103 -39.08 14.13 -10.54
N VAL C 104 -38.90 14.99 -9.54
CA VAL C 104 -37.81 15.97 -9.55
C VAL C 104 -36.89 15.71 -8.35
N ASP C 105 -35.65 16.16 -8.43
CA ASP C 105 -34.74 16.03 -7.30
C ASP C 105 -34.96 17.18 -6.31
N VAL C 106 -34.22 17.20 -5.19
CA VAL C 106 -34.42 18.25 -4.17
C VAL C 106 -34.15 19.63 -4.73
N ASN C 107 -33.42 19.68 -5.84
CA ASN C 107 -33.20 20.98 -6.47
C ASN C 107 -34.25 21.33 -7.50
N GLY C 108 -35.19 20.43 -7.73
CA GLY C 108 -36.26 20.69 -8.68
C GLY C 108 -35.95 20.28 -10.13
N GLU C 109 -34.80 19.65 -10.36
CA GLU C 109 -34.44 19.15 -11.69
C GLU C 109 -35.08 17.79 -11.91
N PRO C 110 -35.41 17.46 -13.15
CA PRO C 110 -36.02 16.15 -13.43
C PRO C 110 -35.09 15.05 -12.94
N PHE C 111 -35.68 14.02 -12.33
CA PHE C 111 -34.90 12.89 -11.80
C PHE C 111 -35.76 11.64 -11.98
N GLN C 112 -36.11 11.38 -13.24
CA GLN C 112 -37.06 10.35 -13.60
C GLN C 112 -36.43 8.98 -13.55
N PRO C 113 -37.04 8.02 -12.86
CA PRO C 113 -36.58 6.64 -12.91
C PRO C 113 -36.75 6.06 -14.32
N SER C 114 -35.80 5.25 -14.73
CA SER C 114 -35.80 4.58 -16.01
C SER C 114 -36.99 3.64 -16.12
N TYR C 115 -37.24 2.91 -15.04
CA TYR C 115 -38.46 2.14 -14.82
C TYR C 115 -38.69 2.23 -13.31
N ALA C 116 -39.91 1.93 -12.87
CA ALA C 116 -40.24 1.91 -11.46
C ALA C 116 -41.42 0.97 -11.22
N TYR C 117 -41.34 0.19 -10.16
CA TYR C 117 -42.45 -0.66 -9.73
C TYR C 117 -42.39 -0.89 -8.22
N ASP C 118 -43.32 -1.69 -7.68
CA ASP C 118 -43.23 -2.17 -6.31
C ASP C 118 -43.37 -0.97 -5.36
N PRO C 119 -44.32 -0.08 -5.59
CA PRO C 119 -44.38 1.14 -4.74
C PRO C 119 -44.86 0.80 -3.35
N ARG C 120 -44.41 1.57 -2.38
CA ARG C 120 -44.94 1.54 -1.02
C ARG C 120 -45.06 2.97 -0.58
N VAL C 121 -46.14 3.31 0.12
CA VAL C 121 -46.35 4.69 0.58
C VAL C 121 -46.57 4.70 2.08
N VAL C 122 -45.86 5.58 2.78
CA VAL C 122 -46.00 5.66 4.22
C VAL C 122 -45.79 7.07 4.70
N LYS C 123 -46.71 7.54 5.53
CA LYS C 123 -46.60 8.87 6.11
C LYS C 123 -45.71 8.86 7.34
N ILE C 124 -44.66 9.69 7.31
CA ILE C 124 -43.81 9.91 8.46
C ILE C 124 -43.87 11.38 8.79
N GLU C 125 -44.34 11.69 10.00
CA GLU C 125 -44.58 13.07 10.41
C GLU C 125 -45.47 13.71 9.34
N ASP C 126 -44.95 14.73 8.67
CA ASP C 126 -45.74 15.54 7.75
C ASP C 126 -45.62 15.15 6.29
N THR C 127 -44.86 14.10 6.02
CA THR C 127 -44.42 13.81 4.68
C THR C 127 -44.73 12.38 4.34
N TYR C 128 -45.28 12.18 3.15
CA TYR C 128 -45.49 10.84 2.61
C TYR C 128 -44.27 10.40 1.85
N TYR C 129 -43.63 9.32 2.32
CA TYR C 129 -42.50 8.75 1.63
C TYR C 129 -42.92 7.59 0.73
N ILE C 130 -42.30 7.52 -0.43
CA ILE C 130 -42.67 6.50 -1.43
C ILE C 130 -41.40 5.75 -1.77
N THR C 131 -41.40 4.45 -1.59
CA THR C 131 -40.28 3.64 -2.01
C THR C 131 -40.75 2.82 -3.19
N PHE C 132 -39.80 2.39 -4.00
CA PHE C 132 -40.17 1.66 -5.20
C PHE C 132 -38.90 0.99 -5.69
N CYS C 133 -39.04 0.06 -6.62
CA CYS C 133 -37.91 -0.59 -7.19
C CYS C 133 -37.58 0.11 -8.50
N THR C 134 -36.30 0.44 -8.67
CA THR C 134 -35.84 1.11 -9.88
C THR C 134 -34.49 0.56 -10.29
N ASP C 135 -34.06 0.94 -11.48
CA ASP C 135 -32.76 0.52 -11.96
C ASP C 135 -31.62 1.45 -11.56
N ASP C 136 -30.51 0.84 -11.14
CA ASP C 136 -29.21 1.54 -11.10
C ASP C 136 -28.14 0.49 -11.41
N HIS C 137 -28.02 0.12 -12.69
CA HIS C 137 -27.26 -1.07 -13.08
C HIS C 137 -27.74 -2.28 -12.27
N GLY C 138 -29.07 -2.44 -12.22
CA GLY C 138 -29.69 -3.54 -11.53
C GLY C 138 -30.73 -2.98 -10.57
N PRO C 139 -31.65 -3.82 -10.13
CA PRO C 139 -32.74 -3.37 -9.28
C PRO C 139 -32.24 -2.89 -7.92
N THR C 140 -32.78 -1.76 -7.46
CA THR C 140 -32.49 -1.30 -6.13
C THR C 140 -33.70 -0.50 -5.64
N ILE C 141 -33.59 0.06 -4.44
CA ILE C 141 -34.69 0.74 -3.81
C ILE C 141 -34.56 2.23 -4.05
N GLY C 142 -35.52 2.78 -4.80
CA GLY C 142 -35.66 4.22 -4.96
C GLY C 142 -36.50 4.81 -3.85
N VAL C 143 -36.25 6.08 -3.54
CA VAL C 143 -36.90 6.76 -2.44
C VAL C 143 -37.37 8.12 -2.94
N GLY C 144 -38.64 8.41 -2.70
CA GLY C 144 -39.18 9.74 -3.02
C GLY C 144 -40.11 10.21 -1.92
N MSE C 145 -40.69 11.40 -2.10
CA MSE C 145 -41.53 11.96 -1.05
C MSE C 145 -42.45 13.02 -1.62
O MSE C 145 -42.17 13.58 -2.69
CB MSE C 145 -40.69 12.56 0.05
CG MSE C 145 -39.84 13.72 -0.42
SE MSE C 145 -38.60 14.35 0.96
CE MSE C 145 -37.89 16.06 0.12
N THR C 146 -43.55 13.28 -0.93
CA THR C 146 -44.48 14.33 -1.31
C THR C 146 -45.26 14.77 -0.07
N LYS C 147 -45.62 16.05 -0.03
CA LYS C 147 -46.46 16.54 1.04
C LYS C 147 -47.88 16.65 0.59
N ASP C 148 -48.10 16.64 -0.73
CA ASP C 148 -49.39 17.03 -1.30
C ASP C 148 -49.86 16.14 -2.45
N PHE C 149 -49.06 15.14 -2.81
CA PHE C 149 -49.35 14.29 -3.97
C PHE C 149 -49.54 15.07 -5.26
N LYS C 150 -48.91 16.25 -5.33
CA LYS C 150 -48.87 17.05 -6.55
C LYS C 150 -47.45 17.14 -7.06
N THR C 151 -46.52 17.44 -6.14
CA THR C 151 -45.10 17.49 -6.45
C THR C 151 -44.43 16.29 -5.81
N PHE C 152 -43.71 15.51 -6.63
CA PHE C 152 -43.07 14.29 -6.18
C PHE C 152 -41.56 14.48 -6.27
N VAL C 153 -40.91 14.44 -5.11
CA VAL C 153 -39.47 14.70 -5.00
C VAL C 153 -38.74 13.39 -4.72
N ARG C 154 -37.75 13.11 -5.55
CA ARG C 154 -37.00 11.86 -5.46
C ARG C 154 -35.68 12.13 -4.78
N LEU C 155 -35.35 11.30 -3.80
CA LEU C 155 -34.04 11.33 -3.14
C LEU C 155 -33.07 10.33 -3.82
N PRO C 156 -31.79 10.34 -3.46
CA PRO C 156 -30.86 9.34 -3.97
C PRO C 156 -31.35 7.95 -3.55
N ASN C 157 -31.11 6.94 -4.38
CA ASN C 157 -31.48 5.57 -4.02
C ASN C 157 -30.89 5.20 -2.66
N ALA C 158 -31.61 4.38 -1.91
CA ALA C 158 -31.13 4.01 -0.58
C ALA C 158 -29.91 3.07 -0.68
N TYR C 159 -29.84 2.27 -1.75
CA TYR C 159 -28.83 1.18 -1.82
C TYR C 159 -28.21 1.09 -3.18
N VAL C 160 -27.03 0.49 -3.24
CA VAL C 160 -26.54 -0.12 -4.46
C VAL C 160 -27.42 -1.33 -4.76
N PRO C 161 -27.54 -1.77 -6.01
CA PRO C 161 -28.21 -3.05 -6.25
C PRO C 161 -27.50 -4.21 -5.49
N PHE C 162 -28.13 -5.37 -5.30
CA PHE C 162 -29.44 -5.72 -5.88
C PHE C 162 -30.38 -5.82 -4.71
N ASN C 163 -31.45 -5.04 -4.76
CA ASN C 163 -32.33 -4.92 -3.60
C ASN C 163 -33.73 -4.58 -4.02
N ARG C 164 -34.70 -5.04 -3.25
CA ARG C 164 -36.10 -4.73 -3.56
C ARG C 164 -36.94 -4.88 -2.29
N ASN C 165 -38.25 -4.69 -2.42
CA ASN C 165 -39.17 -4.76 -1.29
C ASN C 165 -38.75 -3.81 -0.16
N GLY C 166 -38.31 -2.61 -0.55
CA GLY C 166 -37.99 -1.55 0.37
C GLY C 166 -39.23 -0.92 0.91
N VAL C 167 -39.37 -0.89 2.24
CA VAL C 167 -40.49 -0.21 2.86
C VAL C 167 -40.05 0.40 4.18
N LEU C 168 -40.49 1.65 4.40
CA LEU C 168 -40.19 2.43 5.62
C LEU C 168 -41.13 2.17 6.80
N PHE C 169 -40.59 2.25 8.02
CA PHE C 169 -41.43 2.27 9.18
C PHE C 169 -42.11 3.63 9.22
N PRO C 170 -43.36 3.66 9.69
CA PRO C 170 -44.18 4.88 9.73
C PRO C 170 -43.75 5.96 10.73
N ARG C 171 -42.67 5.73 11.47
CA ARG C 171 -42.11 6.79 12.29
C ARG C 171 -40.64 6.46 12.54
N LYS C 172 -39.89 7.44 13.04
CA LYS C 172 -38.54 7.22 13.51
C LYS C 172 -38.56 6.28 14.71
N ILE C 173 -37.51 5.47 14.82
CA ILE C 173 -37.30 4.63 15.98
C ILE C 173 -35.97 5.04 16.51
N ASN C 174 -35.94 5.48 17.77
CA ASN C 174 -34.71 5.92 18.41
C ASN C 174 -34.00 6.97 17.57
N GLY C 175 -34.79 7.89 17.01
CA GLY C 175 -34.26 9.00 16.21
C GLY C 175 -33.82 8.66 14.80
N LYS C 176 -34.08 7.43 14.34
CA LYS C 176 -33.61 6.99 13.02
C LYS C 176 -34.80 6.61 12.17
N TYR C 177 -34.75 6.92 10.87
CA TYR C 177 -35.66 6.30 9.92
C TYR C 177 -35.20 4.85 9.75
N VAL C 178 -36.16 3.96 9.55
CA VAL C 178 -35.87 2.54 9.45
C VAL C 178 -36.48 2.00 8.15
N MSE C 179 -35.64 1.40 7.34
CA MSE C 179 -36.00 0.85 6.03
C MSE C 179 -35.87 -0.67 6.07
O MSE C 179 -34.80 -1.19 6.33
CB MSE C 179 -35.00 1.39 4.98
CG MSE C 179 -35.11 0.76 3.56
SE MSE C 179 -36.66 1.53 2.62
CE MSE C 179 -35.79 3.34 2.40
N LEU C 180 -36.97 -1.39 5.82
CA LEU C 180 -36.90 -2.81 5.59
C LEU C 180 -36.47 -2.96 4.14
N ASN C 181 -35.63 -3.94 3.86
CA ASN C 181 -35.21 -4.19 2.50
C ASN C 181 -35.01 -5.69 2.31
N ARG C 182 -34.64 -6.07 1.08
CA ARG C 182 -34.54 -7.46 0.74
C ARG C 182 -33.41 -7.68 -0.25
N PRO C 183 -32.19 -7.94 0.27
CA PRO C 183 -31.03 -8.22 -0.55
C PRO C 183 -31.38 -9.32 -1.59
N SER C 184 -31.01 -9.09 -2.86
CA SER C 184 -31.42 -9.94 -3.95
C SER C 184 -30.29 -10.20 -4.94
N ASP C 185 -30.71 -10.78 -6.07
CA ASP C 185 -30.00 -11.18 -7.31
C ASP C 185 -30.19 -10.12 -8.38
N ASN C 186 -29.54 -10.34 -9.52
CA ASN C 186 -29.90 -9.61 -10.73
C ASN C 186 -31.15 -10.16 -11.46
N GLY C 187 -31.46 -11.43 -11.25
CA GLY C 187 -32.61 -12.07 -11.94
C GLY C 187 -33.82 -12.41 -11.08
N HIS C 188 -34.46 -13.54 -11.37
CA HIS C 188 -35.60 -14.01 -10.59
C HIS C 188 -35.06 -14.76 -9.36
N THR C 189 -34.70 -13.96 -8.35
CA THR C 189 -33.95 -14.36 -7.15
C THR C 189 -34.47 -15.64 -6.52
N PRO C 190 -33.63 -16.69 -6.44
CA PRO C 190 -33.97 -17.92 -5.75
C PRO C 190 -33.58 -17.97 -4.24
N PHE C 191 -33.66 -16.82 -3.56
CA PHE C 191 -33.41 -16.73 -2.11
C PHE C 191 -33.87 -15.34 -1.70
N GLY C 192 -33.82 -15.03 -0.40
CA GLY C 192 -34.16 -13.70 0.07
C GLY C 192 -34.66 -13.58 1.49
N ASP C 193 -33.91 -12.82 2.28
CA ASP C 193 -34.27 -12.49 3.66
C ASP C 193 -34.59 -11.01 3.80
N ILE C 194 -35.42 -10.68 4.79
CA ILE C 194 -35.76 -9.31 5.13
C ILE C 194 -34.73 -8.78 6.14
N PHE C 195 -34.13 -7.66 5.76
CA PHE C 195 -33.16 -6.92 6.58
C PHE C 195 -33.77 -5.57 6.92
N LEU C 196 -33.18 -4.87 7.87
CA LEU C 196 -33.52 -3.47 8.05
C LEU C 196 -32.25 -2.63 8.09
N SER C 197 -32.41 -1.35 7.86
CA SER C 197 -31.29 -0.43 7.87
C SER C 197 -31.79 0.83 8.54
N GLU C 198 -30.88 1.60 9.12
CA GLU C 198 -31.30 2.84 9.74
C GLU C 198 -30.60 4.05 9.13
N SER C 199 -31.26 5.22 9.19
CA SER C 199 -30.69 6.46 8.64
C SER C 199 -31.06 7.67 9.47
N PRO C 200 -30.10 8.57 9.72
CA PRO C 200 -30.42 9.83 10.37
C PRO C 200 -31.14 10.79 9.42
N ASP C 201 -31.04 10.60 8.10
CA ASP C 201 -31.38 11.68 7.15
C ASP C 201 -32.08 11.21 5.88
N MSE C 202 -32.39 9.91 5.79
CA MSE C 202 -33.11 9.34 4.64
C MSE C 202 -32.19 9.16 3.44
O MSE C 202 -32.65 8.79 2.35
CB MSE C 202 -34.33 10.17 4.21
CG MSE C 202 -35.56 9.98 5.06
SE MSE C 202 -36.26 8.14 4.94
CE MSE C 202 -36.58 8.12 3.08
N ILE C 203 -30.90 9.39 3.64
CA ILE C 203 -29.96 9.29 2.54
C ILE C 203 -28.84 8.28 2.82
N HIS C 204 -28.23 8.36 4.01
CA HIS C 204 -27.15 7.47 4.39
C HIS C 204 -27.70 6.40 5.34
N TRP C 205 -27.43 5.14 4.97
CA TRP C 205 -28.01 3.99 5.65
C TRP C 205 -26.91 3.12 6.21
N GLY C 206 -27.15 2.62 7.41
CA GLY C 206 -26.16 1.80 8.08
C GLY C 206 -26.80 1.05 9.22
N ASN C 207 -25.96 0.42 10.04
CA ASN C 207 -26.42 -0.45 11.09
C ASN C 207 -27.47 -1.45 10.67
N HIS C 208 -27.15 -2.18 9.60
CA HIS C 208 -28.07 -3.14 9.02
C HIS C 208 -28.20 -4.33 9.92
N ARG C 209 -29.36 -4.95 9.87
CA ARG C 209 -29.61 -6.13 10.67
C ARG C 209 -30.56 -7.02 9.94
N PHE C 210 -30.24 -8.30 9.92
CA PHE C 210 -31.17 -9.36 9.53
C PHE C 210 -32.40 -9.31 10.44
N VAL C 211 -33.59 -9.41 9.86
CA VAL C 211 -34.83 -9.44 10.64
C VAL C 211 -35.49 -10.81 10.54
N LEU C 212 -35.78 -11.26 9.34
CA LEU C 212 -36.61 -12.43 9.15
C LEU C 212 -36.12 -13.09 7.87
N GLY C 213 -36.04 -14.43 7.87
CA GLY C 213 -35.55 -15.14 6.72
C GLY C 213 -36.52 -16.23 6.29
N ARG C 214 -36.25 -16.80 5.12
CA ARG C 214 -37.03 -17.89 4.60
C ARG C 214 -37.09 -19.02 5.61
N SER C 215 -38.19 -19.77 5.62
CA SER C 215 -38.37 -20.86 6.56
C SER C 215 -37.92 -22.16 5.91
N SER C 216 -37.35 -23.06 6.68
CA SER C 216 -37.05 -24.37 6.14
C SER C 216 -38.27 -25.27 6.30
N TYR C 217 -38.93 -25.15 7.45
CA TYR C 217 -40.03 -26.01 7.76
C TYR C 217 -41.33 -25.64 7.02
N ASN C 218 -41.59 -24.35 6.89
CA ASN C 218 -42.85 -23.94 6.27
C ASN C 218 -42.62 -23.74 4.79
N TRP C 219 -43.11 -24.70 3.99
CA TRP C 219 -42.80 -24.77 2.56
C TRP C 219 -43.25 -23.58 1.76
N TRP C 220 -44.37 -22.97 2.17
CA TRP C 220 -44.91 -21.81 1.47
C TRP C 220 -43.93 -20.64 1.42
N GLU C 221 -43.00 -20.57 2.38
CA GLU C 221 -42.05 -19.46 2.47
C GLU C 221 -40.63 -20.01 2.58
N ASN C 222 -40.37 -21.13 1.92
CA ASN C 222 -39.07 -21.73 2.00
C ASN C 222 -38.10 -21.29 0.90
N LEU C 223 -38.56 -20.49 -0.06
CA LEU C 223 -37.64 -20.03 -1.12
C LEU C 223 -37.15 -18.61 -0.81
N LYS C 224 -38.07 -17.70 -0.55
CA LYS C 224 -37.68 -16.34 -0.18
C LYS C 224 -38.87 -15.63 0.39
N ILE C 225 -38.60 -14.50 1.00
CA ILE C 225 -39.63 -13.64 1.57
C ILE C 225 -39.30 -12.17 1.29
N GLY C 226 -40.29 -11.29 1.48
CA GLY C 226 -40.07 -9.85 1.27
C GLY C 226 -41.17 -9.10 2.01
N ALA C 227 -40.85 -7.90 2.52
CA ALA C 227 -41.85 -7.08 3.23
C ALA C 227 -42.88 -6.59 2.23
N GLY C 228 -44.11 -6.37 2.72
CA GLY C 228 -45.18 -5.90 1.87
C GLY C 228 -45.63 -4.52 2.34
N PRO C 229 -46.81 -4.43 2.94
CA PRO C 229 -47.30 -3.16 3.53
C PRO C 229 -46.33 -2.66 4.59
N TYR C 230 -46.36 -1.36 4.88
CA TYR C 230 -45.47 -0.85 5.91
C TYR C 230 -45.88 -1.44 7.24
N PRO C 231 -44.93 -1.64 8.16
CA PRO C 231 -45.21 -2.26 9.47
C PRO C 231 -46.17 -1.41 10.30
N ILE C 232 -47.17 -2.06 10.89
CA ILE C 232 -48.20 -1.39 11.62
C ILE C 232 -47.89 -1.44 13.11
N GLU C 233 -47.81 -0.25 13.72
CA GLU C 233 -47.47 -0.20 15.11
C GLU C 233 -48.66 -0.58 15.96
N THR C 234 -48.51 -1.67 16.73
CA THR C 234 -49.50 -2.02 17.77
C THR C 234 -48.84 -2.17 19.15
N SER C 235 -49.65 -2.28 20.19
CA SER C 235 -49.14 -2.52 21.51
C SER C 235 -48.49 -3.92 21.59
N GLU C 236 -48.76 -4.78 20.61
CA GLU C 236 -48.17 -6.13 20.59
C GLU C 236 -46.90 -6.20 19.75
N GLY C 237 -46.48 -5.05 19.22
CA GLY C 237 -45.33 -5.00 18.35
C GLY C 237 -45.71 -4.49 16.98
N TRP C 238 -44.71 -4.44 16.11
CA TRP C 238 -44.87 -4.00 14.72
C TRP C 238 -45.44 -5.15 13.92
N LEU C 239 -46.63 -4.96 13.37
CA LEU C 239 -47.21 -6.01 12.55
C LEU C 239 -46.71 -5.88 11.10
N LEU C 240 -45.87 -6.84 10.72
CA LEU C 240 -45.29 -6.89 9.41
C LEU C 240 -45.98 -7.97 8.57
N ILE C 241 -46.76 -7.55 7.59
CA ILE C 241 -47.32 -8.43 6.59
C ILE C 241 -46.26 -8.60 5.50
N TYR C 242 -45.88 -9.83 5.21
CA TYR C 242 -44.81 -10.05 4.25
C TYR C 242 -45.22 -11.16 3.30
N HIS C 243 -44.64 -11.18 2.09
CA HIS C 243 -44.91 -12.28 1.15
C HIS C 243 -43.89 -13.36 1.38
N GLY C 244 -44.29 -14.60 1.09
CA GLY C 244 -43.41 -15.73 1.16
C GLY C 244 -43.59 -16.56 -0.09
N VAL C 245 -42.50 -17.17 -0.55
CA VAL C 245 -42.50 -17.82 -1.86
C VAL C 245 -42.01 -19.23 -1.72
N THR C 246 -42.64 -20.11 -2.48
CA THR C 246 -42.14 -21.46 -2.63
C THR C 246 -41.99 -21.78 -4.12
N LEU C 247 -41.08 -22.70 -4.43
CA LEU C 247 -40.87 -23.08 -5.82
C LEU C 247 -41.44 -24.46 -6.08
N THR C 248 -42.43 -24.55 -6.95
CA THR C 248 -42.93 -25.86 -7.39
C THR C 248 -42.23 -26.23 -8.68
N CYS C 249 -42.51 -27.38 -9.24
CA CYS C 249 -41.83 -27.72 -10.48
C CYS C 249 -42.29 -26.81 -11.64
N ASN C 250 -43.46 -26.17 -11.49
CA ASN C 250 -43.96 -25.31 -12.56
C ASN C 250 -43.91 -23.81 -12.28
N GLY C 251 -43.23 -23.43 -11.19
CA GLY C 251 -42.95 -22.04 -10.92
C GLY C 251 -43.17 -21.65 -9.47
N TYR C 252 -43.07 -20.38 -9.21
CA TYR C 252 -43.22 -19.86 -7.88
C TYR C 252 -44.68 -19.71 -7.51
N VAL C 253 -44.97 -19.87 -6.22
CA VAL C 253 -46.25 -19.53 -5.67
C VAL C 253 -46.00 -18.51 -4.54
N TYR C 254 -46.59 -17.32 -4.67
CA TYR C 254 -46.44 -16.26 -3.67
C TYR C 254 -47.65 -16.26 -2.81
N SER C 255 -47.44 -16.37 -1.51
CA SER C 255 -48.50 -16.25 -0.52
C SER C 255 -48.11 -15.08 0.38
N PHE C 256 -48.95 -14.72 1.34
CA PHE C 256 -48.49 -13.76 2.35
C PHE C 256 -48.94 -14.09 3.78
N GLY C 257 -48.10 -13.73 4.74
CA GLY C 257 -48.39 -14.00 6.14
C GLY C 257 -48.02 -12.79 6.96
N ALA C 258 -47.69 -12.99 8.24
CA ALA C 258 -47.30 -11.86 9.07
C ALA C 258 -46.47 -12.24 10.27
N ALA C 259 -45.71 -11.26 10.75
CA ALA C 259 -44.88 -11.43 11.91
C ALA C 259 -45.10 -10.24 12.83
N LEU C 260 -44.77 -10.39 14.10
CA LEU C 260 -44.72 -9.26 15.01
C LEU C 260 -43.28 -8.99 15.42
N LEU C 261 -42.87 -7.73 15.33
CA LEU C 261 -41.51 -7.33 15.63
C LEU C 261 -41.51 -6.51 16.90
N ASP C 262 -40.44 -6.64 17.68
CA ASP C 262 -40.29 -5.84 18.90
C ASP C 262 -40.30 -4.35 18.55
N LEU C 263 -41.02 -3.57 19.35
CA LEU C 263 -41.25 -2.14 19.11
C LEU C 263 -39.97 -1.33 19.09
N ASP C 264 -39.08 -1.62 20.05
CA ASP C 264 -37.83 -0.90 20.26
C ASP C 264 -36.69 -1.39 19.39
N ASP C 265 -36.67 -2.70 19.17
CA ASP C 265 -35.69 -3.28 18.24
C ASP C 265 -36.42 -4.19 17.27
N PRO C 266 -36.93 -3.61 16.20
CA PRO C 266 -37.67 -4.36 15.18
C PRO C 266 -36.90 -5.47 14.46
N SER C 267 -35.61 -5.61 14.72
CA SER C 267 -34.87 -6.77 14.18
C SER C 267 -35.09 -7.98 15.09
N LYS C 268 -35.67 -7.77 16.26
CA LYS C 268 -36.11 -8.88 17.10
C LYS C 268 -37.54 -9.31 16.76
N VAL C 269 -37.69 -10.56 16.28
CA VAL C 269 -39.01 -11.11 15.92
C VAL C 269 -39.68 -11.75 17.12
N LEU C 270 -40.86 -11.25 17.49
CA LEU C 270 -41.59 -11.77 18.66
C LEU C 270 -42.43 -12.98 18.28
N TYR C 271 -43.10 -12.92 17.14
CA TYR C 271 -44.03 -13.95 16.70
C TYR C 271 -44.06 -13.93 15.20
N ARG C 272 -44.39 -15.07 14.61
CA ARG C 272 -44.39 -15.22 13.19
C ARG C 272 -45.30 -16.39 12.86
N SER C 273 -46.36 -16.14 12.10
CA SER C 273 -47.32 -17.22 11.83
C SER C 273 -46.71 -18.29 10.93
N ARG C 274 -46.83 -19.56 11.32
CA ARG C 274 -46.36 -20.65 10.46
C ARG C 274 -47.25 -20.78 9.22
N TYR C 275 -48.51 -20.33 9.33
CA TYR C 275 -49.45 -20.40 8.21
C TYR C 275 -49.55 -19.05 7.52
N TYR C 276 -49.67 -19.08 6.19
CA TYR C 276 -49.94 -17.85 5.46
C TYR C 276 -51.32 -17.30 5.86
N LEU C 277 -51.54 -16.00 5.72
CA LEU C 277 -52.86 -15.38 5.83
C LEU C 277 -53.66 -15.57 4.53
N LEU C 278 -52.95 -15.59 3.40
CA LEU C 278 -53.61 -15.74 2.10
C LEU C 278 -52.68 -16.40 1.11
N THR C 279 -53.24 -17.26 0.27
CA THR C 279 -52.53 -17.95 -0.79
C THR C 279 -53.41 -17.92 -2.06
N PRO C 280 -52.81 -18.05 -3.25
CA PRO C 280 -53.58 -18.02 -4.49
C PRO C 280 -54.59 -19.16 -4.55
N GLU C 281 -55.85 -18.81 -4.82
CA GLU C 281 -56.97 -19.77 -4.83
C GLU C 281 -57.99 -19.37 -5.87
N GLU C 282 -58.26 -18.09 -5.95
CA GLU C 282 -59.28 -17.60 -6.88
C GLU C 282 -58.71 -17.44 -8.28
N GLU C 283 -59.59 -17.49 -9.29
CA GLU C 283 -59.18 -17.40 -10.68
C GLU C 283 -58.35 -16.16 -11.02
N TYR C 284 -58.66 -15.01 -10.41
CA TYR C 284 -57.84 -13.80 -10.59
C TYR C 284 -56.47 -13.87 -9.89
N GLU C 285 -56.24 -14.93 -9.11
CA GLU C 285 -54.96 -15.11 -8.41
C GLU C 285 -54.15 -16.26 -9.04
N THR C 286 -54.86 -17.20 -9.65
CA THR C 286 -54.19 -18.41 -10.15
C THR C 286 -54.00 -18.37 -11.66
N VAL C 287 -54.56 -17.35 -12.31
CA VAL C 287 -54.54 -17.21 -13.77
C VAL C 287 -54.13 -15.78 -14.09
N GLY C 288 -53.19 -15.61 -15.01
CA GLY C 288 -52.83 -14.26 -15.42
C GLY C 288 -51.40 -14.14 -15.86
N PHE C 289 -50.87 -12.92 -15.83
CA PHE C 289 -49.54 -12.64 -16.34
C PHE C 289 -48.50 -13.50 -15.60
N VAL C 290 -48.56 -13.50 -14.27
CA VAL C 290 -47.76 -14.40 -13.43
C VAL C 290 -48.72 -15.17 -12.52
N PRO C 291 -49.08 -16.38 -12.93
CA PRO C 291 -50.06 -17.17 -12.18
C PRO C 291 -49.56 -17.48 -10.77
N ASN C 292 -50.48 -17.57 -9.82
CA ASN C 292 -50.18 -18.02 -8.45
C ASN C 292 -49.39 -17.01 -7.66
N VAL C 293 -49.91 -15.77 -7.65
CA VAL C 293 -49.30 -14.70 -6.90
C VAL C 293 -50.37 -13.95 -6.15
N VAL C 294 -50.21 -13.83 -4.83
CA VAL C 294 -50.90 -12.82 -4.04
C VAL C 294 -49.81 -12.00 -3.35
N PHE C 295 -49.76 -10.71 -3.67
CA PHE C 295 -48.60 -9.89 -3.28
C PHE C 295 -49.09 -8.61 -2.54
N PRO C 296 -49.01 -8.57 -1.20
CA PRO C 296 -49.56 -7.46 -0.46
C PRO C 296 -48.72 -6.20 -0.60
N CYS C 297 -49.39 -5.09 -0.91
CA CYS C 297 -48.73 -3.82 -1.14
C CYS C 297 -49.02 -2.77 -0.11
N ALA C 298 -50.21 -2.81 0.46
CA ALA C 298 -50.62 -1.76 1.39
C ALA C 298 -51.70 -2.28 2.29
N ALA C 299 -51.74 -1.72 3.49
CA ALA C 299 -52.77 -2.03 4.43
C ALA C 299 -53.31 -0.74 5.04
N LEU C 300 -54.63 -0.64 5.15
CA LEU C 300 -55.26 0.45 5.86
C LEU C 300 -55.80 -0.14 7.15
N CYS C 301 -55.73 0.63 8.22
CA CYS C 301 -56.28 0.20 9.48
C CYS C 301 -57.02 1.35 10.16
N ASP C 302 -58.33 1.16 10.36
CA ASP C 302 -59.16 2.12 11.06
C ASP C 302 -58.93 1.90 12.55
N ALA C 303 -58.13 2.80 13.15
CA ALA C 303 -57.86 2.82 14.58
C ALA C 303 -59.12 2.68 15.42
N ASP C 304 -60.21 3.26 14.95
CA ASP C 304 -61.47 3.28 15.68
C ASP C 304 -62.15 1.92 15.83
N THR C 305 -61.99 1.04 14.84
CA THR C 305 -62.74 -0.23 14.84
C THR C 305 -61.80 -1.42 14.76
N GLY C 306 -60.56 -1.18 14.36
CA GLY C 306 -59.62 -2.27 14.16
C GLY C 306 -59.76 -2.95 12.80
N ARG C 307 -60.67 -2.45 11.97
CA ARG C 307 -60.83 -2.97 10.63
C ARG C 307 -59.56 -2.74 9.80
N VAL C 308 -59.17 -3.77 9.06
CA VAL C 308 -58.00 -3.71 8.19
C VAL C 308 -58.43 -4.04 6.77
N ALA C 309 -57.92 -3.26 5.81
CA ALA C 309 -58.04 -3.58 4.39
C ALA C 309 -56.65 -3.71 3.82
N ILE C 310 -56.35 -4.86 3.23
CA ILE C 310 -55.08 -5.10 2.59
C ILE C 310 -55.28 -5.09 1.07
N TYR C 311 -54.47 -4.28 0.39
CA TYR C 311 -54.41 -4.27 -1.05
C TYR C 311 -53.33 -5.21 -1.52
N TYR C 312 -53.68 -6.12 -2.40
CA TYR C 312 -52.67 -7.01 -2.93
C TYR C 312 -52.78 -7.15 -4.44
N GLY C 313 -51.66 -7.41 -5.07
CA GLY C 313 -51.65 -7.71 -6.49
C GLY C 313 -51.97 -9.16 -6.66
N ALA C 314 -52.80 -9.47 -7.66
CA ALA C 314 -53.23 -10.83 -7.92
C ALA C 314 -52.75 -11.25 -9.30
N ALA C 315 -51.93 -12.31 -9.33
CA ALA C 315 -51.38 -12.88 -10.59
C ALA C 315 -50.65 -11.86 -11.46
N ASP C 316 -50.07 -10.85 -10.80
CA ASP C 316 -49.45 -9.71 -11.50
C ASP C 316 -50.34 -9.17 -12.58
N THR C 317 -51.64 -9.12 -12.28
CA THR C 317 -52.66 -8.76 -13.29
C THR C 317 -53.73 -7.80 -12.74
N HIS C 318 -54.05 -7.97 -11.46
CA HIS C 318 -55.14 -7.24 -10.84
C HIS C 318 -54.73 -6.65 -9.49
N VAL C 319 -55.46 -5.63 -9.07
CA VAL C 319 -55.43 -5.21 -7.68
C VAL C 319 -56.65 -5.82 -7.02
N ALA C 320 -56.45 -6.39 -5.83
CA ALA C 320 -57.55 -7.01 -5.11
C ALA C 320 -57.46 -6.63 -3.62
N LEU C 321 -58.57 -6.80 -2.91
CA LEU C 321 -58.69 -6.46 -1.50
C LEU C 321 -58.97 -7.67 -0.62
N ALA C 322 -58.41 -7.62 0.59
CA ALA C 322 -58.72 -8.59 1.63
C ALA C 322 -58.94 -7.79 2.90
N PHE C 323 -59.80 -8.33 3.79
CA PHE C 323 -60.20 -7.66 5.00
C PHE C 323 -59.96 -8.55 6.20
N GLY C 324 -59.79 -7.90 7.35
CA GLY C 324 -59.75 -8.57 8.63
C GLY C 324 -59.72 -7.55 9.75
N TYR C 325 -59.68 -8.05 10.97
CA TYR C 325 -59.55 -7.21 12.14
C TYR C 325 -58.13 -7.35 12.66
N ILE C 326 -57.55 -6.21 13.03
CA ILE C 326 -56.16 -6.17 13.48
C ILE C 326 -55.93 -7.11 14.68
N ASP C 327 -56.87 -7.16 15.62
CA ASP C 327 -56.68 -7.97 16.80
C ASP C 327 -56.75 -9.47 16.48
N GLU C 328 -57.56 -9.85 15.52
CA GLU C 328 -57.62 -11.26 15.13
C GLU C 328 -56.38 -11.67 14.33
N ILE C 329 -55.89 -10.77 13.50
CA ILE C 329 -54.70 -11.04 12.73
C ILE C 329 -53.54 -11.19 13.70
N VAL C 330 -53.40 -10.24 14.62
CA VAL C 330 -52.39 -10.33 15.68
C VAL C 330 -52.54 -11.64 16.46
N ASP C 331 -53.78 -11.99 16.86
CA ASP C 331 -54.03 -13.27 17.53
C ASP C 331 -53.57 -14.48 16.72
N PHE C 332 -53.85 -14.45 15.44
CA PHE C 332 -53.50 -15.54 14.54
C PHE C 332 -51.98 -15.69 14.47
N VAL C 333 -51.28 -14.57 14.34
CA VAL C 333 -49.83 -14.55 14.32
C VAL C 333 -49.26 -15.17 15.60
N LYS C 334 -49.75 -14.73 16.76
CA LYS C 334 -49.25 -15.26 18.02
C LYS C 334 -49.55 -16.76 18.14
N ARG C 335 -50.81 -17.14 17.94
CA ARG C 335 -51.25 -18.51 18.11
C ARG C 335 -50.57 -19.51 17.16
N ASN C 336 -50.20 -19.07 15.96
CA ASN C 336 -49.58 -19.97 14.99
C ASN C 336 -48.07 -19.82 14.92
N SER C 337 -47.50 -19.17 15.92
CA SER C 337 -46.04 -19.00 15.99
C SER C 337 -45.36 -20.32 16.29
N MSE C 338 -44.17 -20.56 15.80
CA MSE C 338 -43.50 -21.79 16.24
C MSE C 338 -42.84 -21.52 17.58
O MSE C 338 -43.46 -21.65 18.63
OXT MSE C 338 -41.67 -21.12 17.62
CB MSE C 338 -42.49 -22.27 15.19
CG MSE C 338 -43.12 -22.40 13.81
SE MSE C 338 -42.49 -23.93 12.80
CE MSE C 338 -42.71 -25.43 14.18
N MSE D 13 4.87 14.67 -12.50
CA MSE D 13 3.59 14.30 -11.77
C MSE D 13 3.78 14.08 -10.26
O MSE D 13 4.78 13.53 -9.80
CB MSE D 13 2.90 13.10 -12.42
CG MSE D 13 3.28 11.71 -11.87
SE MSE D 13 1.80 10.43 -12.18
CE MSE D 13 0.43 11.54 -11.55
N LYS D 14 2.78 14.51 -9.50
CA LYS D 14 2.81 14.37 -8.06
C LYS D 14 2.02 13.15 -7.58
N VAL D 15 2.55 12.47 -6.56
CA VAL D 15 1.89 11.34 -5.93
C VAL D 15 1.78 11.59 -4.43
N PHE D 16 0.58 11.45 -3.90
CA PHE D 16 0.31 11.78 -2.52
C PHE D 16 0.36 10.52 -1.69
N THR D 17 1.56 10.02 -1.44
CA THR D 17 1.75 8.83 -0.58
C THR D 17 2.89 9.10 0.36
N GLU D 18 3.27 8.11 1.16
CA GLU D 18 4.40 8.21 2.07
C GLU D 18 5.71 8.03 1.29
N LYS D 19 6.77 8.56 1.87
CA LYS D 19 8.13 8.19 1.52
C LYS D 19 8.31 6.77 2.02
N ILE D 20 8.77 5.87 1.15
CA ILE D 20 9.04 4.48 1.56
C ILE D 20 10.41 4.06 1.02
N PRO D 21 11.49 4.55 1.64
CA PRO D 21 12.85 4.27 1.17
C PRO D 21 13.14 2.79 1.00
N ASN D 22 12.62 1.98 1.91
CA ASN D 22 12.86 0.55 1.93
C ASN D 22 11.74 -0.30 1.31
N ILE D 23 10.96 0.31 0.43
CA ILE D 23 9.95 -0.40 -0.35
C ILE D 23 10.56 -1.67 -0.96
N PRO D 24 9.84 -2.81 -0.93
CA PRO D 24 10.31 -3.99 -1.64
C PRO D 24 10.48 -3.58 -3.10
N TRP D 25 11.59 -3.97 -3.71
CA TRP D 25 11.86 -3.52 -5.05
C TRP D 25 12.78 -4.48 -5.82
N GLU D 26 12.57 -4.55 -7.13
CA GLU D 26 13.49 -5.23 -8.02
C GLU D 26 13.41 -4.49 -9.36
N GLU D 27 14.57 -4.22 -9.96
CA GLU D 27 14.62 -3.58 -11.25
C GLU D 27 13.98 -4.44 -12.33
N ARG D 28 13.45 -3.80 -13.36
CA ARG D 28 12.85 -4.54 -14.45
C ARG D 28 13.90 -5.39 -15.17
N PRO D 29 13.50 -6.54 -15.69
CA PRO D 29 14.41 -7.35 -16.49
C PRO D 29 14.94 -6.51 -17.66
N GLU D 30 16.18 -6.79 -18.06
CA GLU D 30 16.82 -6.11 -19.17
C GLU D 30 15.91 -6.14 -20.39
N GLY D 31 15.64 -4.96 -20.95
CA GLY D 31 14.80 -4.86 -22.16
C GLY D 31 13.31 -5.19 -22.05
N TYR D 32 12.76 -5.33 -20.85
CA TYR D 32 11.30 -5.49 -20.64
C TYR D 32 10.80 -4.05 -20.80
N THR D 33 10.05 -3.59 -21.78
CA THR D 33 8.68 -3.58 -22.27
C THR D 33 7.54 -2.99 -21.41
N GLY D 34 6.93 -3.85 -20.60
CA GLY D 34 5.70 -3.52 -19.88
C GLY D 34 5.83 -2.59 -18.68
N PRO D 35 4.71 -2.00 -18.26
CA PRO D 35 4.74 -1.07 -17.12
C PRO D 35 4.96 -1.74 -15.77
N VAL D 36 4.72 -3.05 -15.71
CA VAL D 36 4.76 -3.77 -14.45
C VAL D 36 5.44 -5.10 -14.72
N TRP D 37 6.37 -5.51 -13.85
CA TRP D 37 7.04 -6.80 -13.96
C TRP D 37 6.95 -7.57 -12.64
N ARG D 38 6.97 -8.89 -12.75
CA ARG D 38 6.93 -9.77 -11.58
C ARG D 38 8.26 -9.79 -10.83
N TYR D 39 8.18 -9.92 -9.52
CA TYR D 39 9.35 -10.18 -8.71
C TYR D 39 9.92 -11.53 -9.13
N SER D 40 11.22 -11.56 -9.39
CA SER D 40 11.83 -12.73 -9.97
C SER D 40 11.83 -13.90 -8.98
N LYS D 41 11.69 -13.60 -7.69
CA LYS D 41 11.67 -14.64 -6.70
C LYS D 41 10.27 -15.03 -6.18
N ASN D 42 9.22 -14.65 -6.91
CA ASN D 42 7.84 -15.06 -6.59
C ASN D 42 7.71 -16.57 -6.63
N PRO D 43 6.78 -17.14 -5.86
CA PRO D 43 5.92 -16.40 -4.92
C PRO D 43 6.69 -16.12 -3.63
N ILE D 44 6.30 -15.13 -2.83
CA ILE D 44 7.04 -14.84 -1.60
C ILE D 44 6.55 -15.65 -0.40
N ILE D 45 5.31 -16.10 -0.47
CA ILE D 45 4.74 -16.90 0.60
C ILE D 45 3.49 -17.56 0.02
N GLY D 46 3.06 -18.68 0.55
CA GLY D 46 1.89 -19.34 -0.04
C GLY D 46 1.34 -20.52 0.72
N ARG D 47 1.82 -21.71 0.37
CA ARG D 47 1.34 -22.93 0.99
C ARG D 47 1.86 -23.11 2.41
N ASN D 48 0.98 -23.63 3.27
CA ASN D 48 1.34 -23.97 4.66
C ASN D 48 2.14 -22.88 5.37
N PRO D 49 1.59 -21.68 5.41
CA PRO D 49 2.30 -20.53 5.97
C PRO D 49 2.41 -20.58 7.49
N VAL D 50 1.39 -21.14 8.16
CA VAL D 50 1.35 -21.23 9.63
C VAL D 50 0.74 -22.61 9.93
N PRO D 51 0.94 -23.15 11.13
CA PRO D 51 0.52 -24.53 11.39
C PRO D 51 -0.95 -24.83 11.07
N LYS D 52 -1.85 -23.88 11.31
CA LYS D 52 -3.28 -24.05 10.94
C LYS D 52 -3.59 -23.71 9.47
N GLY D 53 -2.64 -23.11 8.76
CA GLY D 53 -2.91 -22.56 7.45
C GLY D 53 -2.63 -23.48 6.30
N ALA D 54 -3.52 -23.45 5.30
CA ALA D 54 -3.32 -24.15 4.04
C ALA D 54 -2.62 -23.30 2.98
N ARG D 55 -3.13 -22.06 2.80
CA ARG D 55 -2.69 -21.13 1.73
C ARG D 55 -2.89 -19.71 2.21
N VAL D 56 -1.90 -18.85 2.02
CA VAL D 56 -2.06 -17.41 2.23
C VAL D 56 -1.97 -16.76 0.85
N PHE D 57 -2.95 -15.92 0.53
CA PHE D 57 -2.99 -15.30 -0.78
C PHE D 57 -3.75 -13.98 -0.85
N ASN D 58 -4.19 -13.42 0.26
CA ASN D 58 -4.43 -11.97 0.20
C ASN D 58 -3.50 -11.34 1.23
N SER D 59 -3.03 -10.17 0.88
CA SER D 59 -2.14 -9.47 1.76
C SER D 59 -2.38 -8.00 1.57
N ALA D 60 -2.98 -7.41 2.58
CA ALA D 60 -3.17 -6.00 2.61
C ALA D 60 -1.97 -5.46 3.40
N VAL D 61 -0.97 -4.90 2.70
CA VAL D 61 0.28 -4.47 3.31
C VAL D 61 0.33 -2.93 3.35
N VAL D 62 0.77 -2.38 4.47
CA VAL D 62 1.12 -0.95 4.57
C VAL D 62 2.48 -0.78 5.21
N PRO D 63 3.20 0.33 4.96
CA PRO D 63 4.32 0.65 5.81
C PRO D 63 3.86 1.00 7.19
N TYR D 64 4.66 0.64 8.19
CA TYR D 64 4.33 0.94 9.55
C TYR D 64 5.61 0.97 10.35
N ASN D 65 5.89 2.12 10.96
CA ASN D 65 6.99 2.25 11.90
C ASN D 65 8.35 1.89 11.25
N GLY D 66 8.54 2.31 10.01
CA GLY D 66 9.80 2.06 9.32
C GLY D 66 9.90 0.66 8.76
N GLU D 67 8.86 -0.13 8.95
CA GLU D 67 8.81 -1.48 8.39
C GLU D 67 7.47 -1.71 7.68
N PHE D 68 7.07 -2.97 7.61
CA PHE D 68 5.82 -3.30 6.95
C PHE D 68 4.97 -4.20 7.84
N VAL D 69 3.68 -3.98 7.78
CA VAL D 69 2.75 -4.91 8.41
C VAL D 69 1.71 -5.27 7.39
N GLY D 70 0.92 -6.31 7.67
CA GLY D 70 -0.15 -6.67 6.77
C GLY D 70 -1.28 -7.40 7.46
N VAL D 71 -2.46 -7.34 6.83
CA VAL D 71 -3.57 -8.18 7.19
C VAL D 71 -3.67 -9.22 6.07
N PHE D 72 -3.58 -10.49 6.44
CA PHE D 72 -3.44 -11.60 5.47
C PHE D 72 -4.64 -12.52 5.52
N ARG D 73 -5.15 -12.88 4.34
CA ARG D 73 -6.13 -13.94 4.26
C ARG D 73 -5.42 -15.28 4.18
N ILE D 74 -5.66 -16.12 5.20
CA ILE D 74 -5.18 -17.46 5.19
C ILE D 74 -6.38 -18.40 5.24
N ASP D 75 -6.50 -19.23 4.22
CA ASP D 75 -7.44 -20.37 4.26
C ASP D 75 -6.82 -21.41 5.18
N HIS D 76 -7.55 -21.84 6.22
CA HIS D 76 -7.04 -22.83 7.15
C HIS D 76 -7.10 -24.22 6.51
N LYS D 77 -6.67 -25.25 7.24
CA LYS D 77 -6.68 -26.63 6.74
C LYS D 77 -8.11 -27.24 6.73
N ASN D 78 -9.13 -26.38 6.90
CA ASN D 78 -10.50 -26.76 6.61
C ASN D 78 -11.05 -25.94 5.46
N THR D 79 -10.14 -25.24 4.78
CA THR D 79 -10.42 -24.37 3.65
C THR D 79 -11.22 -23.09 4.00
N ARG D 80 -11.46 -22.85 5.28
CA ARG D 80 -12.20 -21.69 5.70
C ARG D 80 -11.21 -20.55 5.92
N PRO D 81 -11.56 -19.35 5.44
CA PRO D 81 -10.66 -18.20 5.44
C PRO D 81 -10.68 -17.39 6.76
N PHE D 82 -9.50 -16.96 7.18
CA PHE D 82 -9.34 -16.14 8.36
C PHE D 82 -8.34 -15.03 8.04
N LEU D 83 -8.40 -13.95 8.81
CA LEU D 83 -7.48 -12.84 8.66
C LEU D 83 -6.42 -12.94 9.76
N HIS D 84 -5.16 -12.95 9.36
CA HIS D 84 -4.05 -13.00 10.30
C HIS D 84 -3.19 -11.76 10.11
N PHE D 85 -2.60 -11.30 11.21
CA PHE D 85 -1.67 -10.20 11.19
C PHE D 85 -0.26 -10.69 10.91
N GLY D 86 0.48 -9.92 10.11
CA GLY D 86 1.88 -10.23 9.80
C GLY D 86 2.82 -9.03 9.84
N ARG D 87 4.09 -9.29 10.08
CA ARG D 87 5.14 -8.23 10.10
C ARG D 87 6.31 -8.58 9.20
N SER D 88 6.93 -7.57 8.61
CA SER D 88 8.10 -7.77 7.78
C SER D 88 8.98 -6.54 7.85
N LYS D 89 10.30 -6.78 7.94
CA LYS D 89 11.26 -5.67 7.89
C LYS D 89 11.39 -5.14 6.48
N ASP D 90 11.26 -6.02 5.50
CA ASP D 90 11.56 -5.69 4.11
C ASP D 90 10.37 -5.81 3.13
N GLY D 91 9.26 -6.35 3.60
CA GLY D 91 8.06 -6.50 2.80
C GLY D 91 8.07 -7.78 1.96
N ILE D 92 9.12 -8.58 2.10
CA ILE D 92 9.26 -9.80 1.30
C ILE D 92 9.26 -11.02 2.23
N ASN D 93 10.05 -10.93 3.29
CA ASN D 93 10.09 -12.01 4.29
C ASN D 93 9.17 -11.70 5.46
N TRP D 94 8.14 -12.54 5.63
CA TRP D 94 7.02 -12.22 6.50
C TRP D 94 6.98 -13.10 7.71
N GLU D 95 6.72 -12.51 8.88
CA GLU D 95 6.36 -13.28 10.05
C GLU D 95 4.88 -13.11 10.31
N ILE D 96 4.14 -14.21 10.14
CA ILE D 96 2.68 -14.17 10.24
C ILE D 96 2.18 -14.85 11.51
N GLU D 97 1.30 -14.18 12.24
CA GLU D 97 0.74 -14.75 13.48
C GLU D 97 0.09 -16.08 13.19
N PRO D 98 0.35 -17.09 14.01
CA PRO D 98 -0.28 -18.42 13.81
C PRO D 98 -1.80 -18.42 14.05
N GLU D 99 -2.30 -17.46 14.82
CA GLU D 99 -3.75 -17.34 15.08
C GLU D 99 -4.37 -16.08 14.47
N GLU D 100 -5.66 -16.17 14.17
CA GLU D 100 -6.34 -15.07 13.46
C GLU D 100 -6.49 -13.83 14.34
N ILE D 101 -6.70 -12.68 13.71
CA ILE D 101 -6.99 -11.44 14.43
C ILE D 101 -8.30 -11.57 15.18
N GLN D 102 -8.32 -11.06 16.42
CA GLN D 102 -9.50 -11.04 17.23
C GLN D 102 -10.08 -9.61 17.22
N TRP D 103 -11.39 -9.50 17.00
CA TRP D 103 -12.05 -8.20 16.84
C TRP D 103 -13.02 -7.91 17.98
N VAL D 104 -13.00 -6.66 18.47
CA VAL D 104 -14.01 -6.22 19.44
C VAL D 104 -14.79 -5.08 18.79
N ASP D 105 -16.00 -4.79 19.29
CA ASP D 105 -16.76 -3.67 18.80
C ASP D 105 -16.32 -2.39 19.53
N VAL D 106 -16.95 -1.25 19.20
CA VAL D 106 -16.55 0.04 19.78
C VAL D 106 -16.74 0.05 21.29
N ASN D 107 -17.56 -0.87 21.78
CA ASN D 107 -17.76 -1.03 23.22
C ASN D 107 -16.72 -1.95 23.86
N GLY D 108 -15.92 -2.62 23.04
CA GLY D 108 -14.92 -3.53 23.59
C GLY D 108 -15.45 -4.93 23.82
N GLU D 109 -16.68 -5.21 23.39
CA GLU D 109 -17.22 -6.58 23.38
C GLU D 109 -16.77 -7.36 22.15
N PRO D 110 -16.64 -8.68 22.28
CA PRO D 110 -16.20 -9.54 21.16
C PRO D 110 -17.11 -9.32 19.95
N PHE D 111 -16.54 -9.19 18.75
CA PHE D 111 -17.36 -8.96 17.57
C PHE D 111 -16.73 -9.69 16.39
N GLN D 112 -16.56 -11.00 16.58
CA GLN D 112 -15.72 -11.78 15.69
C GLN D 112 -16.46 -12.17 14.42
N PRO D 113 -15.88 -11.93 13.24
CA PRO D 113 -16.51 -12.40 11.98
C PRO D 113 -16.57 -13.93 11.95
N SER D 114 -17.67 -14.51 11.47
CA SER D 114 -17.71 -15.99 11.35
C SER D 114 -16.65 -16.46 10.34
N TYR D 115 -16.45 -15.71 9.28
CA TYR D 115 -15.33 -15.93 8.36
C TYR D 115 -14.93 -14.55 7.89
N ALA D 116 -13.72 -14.45 7.32
CA ALA D 116 -13.24 -13.16 6.83
C ALA D 116 -12.21 -13.36 5.75
N TYR D 117 -12.34 -12.62 4.67
CA TYR D 117 -11.34 -12.66 3.61
C TYR D 117 -11.24 -11.34 2.84
N ASP D 118 -10.36 -11.27 1.84
CA ASP D 118 -10.36 -10.13 0.92
C ASP D 118 -9.98 -8.82 1.67
N PRO D 119 -8.97 -8.82 2.56
CA PRO D 119 -8.67 -7.64 3.37
C PRO D 119 -8.13 -6.50 2.53
N ARG D 120 -8.43 -5.27 2.90
CA ARG D 120 -7.71 -4.15 2.35
C ARG D 120 -7.42 -3.28 3.53
N VAL D 121 -6.27 -2.60 3.50
CA VAL D 121 -5.85 -1.75 4.63
C VAL D 121 -5.47 -0.38 4.10
N VAL D 122 -6.03 0.66 4.70
CA VAL D 122 -5.74 1.99 4.26
C VAL D 122 -5.71 2.94 5.46
N LYS D 123 -4.70 3.79 5.49
CA LYS D 123 -4.62 4.80 6.55
C LYS D 123 -5.40 6.04 6.14
N ILE D 124 -6.31 6.48 7.02
CA ILE D 124 -7.04 7.71 6.81
C ILE D 124 -6.79 8.51 8.05
N GLU D 125 -6.13 9.65 7.89
CA GLU D 125 -5.72 10.47 9.02
C GLU D 125 -4.87 9.63 9.96
N ASP D 126 -5.28 9.48 11.20
CA ASP D 126 -4.47 8.77 12.19
C ASP D 126 -4.86 7.28 12.36
N THR D 127 -5.80 6.81 11.54
CA THR D 127 -6.37 5.48 11.74
C THR D 127 -6.19 4.60 10.53
N TYR D 128 -5.83 3.34 10.76
CA TYR D 128 -5.81 2.31 9.72
C TYR D 128 -7.15 1.63 9.66
N TYR D 129 -7.84 1.77 8.53
CA TYR D 129 -9.09 1.10 8.31
C TYR D 129 -8.86 -0.17 7.53
N ILE D 130 -9.58 -1.23 7.93
CA ILE D 130 -9.45 -2.54 7.29
C ILE D 130 -10.82 -2.91 6.81
N THR D 131 -10.95 -3.13 5.51
CA THR D 131 -12.16 -3.69 4.99
C THR D 131 -11.91 -5.15 4.65
N PHE D 132 -12.96 -5.96 4.67
CA PHE D 132 -12.85 -7.37 4.40
C PHE D 132 -14.21 -7.89 4.00
N CYS D 133 -14.24 -9.09 3.39
CA CYS D 133 -15.48 -9.76 3.10
C CYS D 133 -15.85 -10.66 4.29
N THR D 134 -17.07 -10.53 4.75
CA THR D 134 -17.57 -11.41 5.80
C THR D 134 -19.05 -11.79 5.58
N ASP D 135 -19.55 -12.72 6.38
CA ASP D 135 -20.92 -13.12 6.29
C ASP D 135 -21.89 -12.27 7.10
N ASP D 136 -23.02 -11.99 6.46
CA ASP D 136 -24.19 -11.55 7.21
C ASP D 136 -25.42 -12.05 6.47
N HIS D 137 -25.70 -13.35 6.58
CA HIS D 137 -26.63 -14.02 5.68
C HIS D 137 -26.22 -13.76 4.20
N GLY D 138 -24.93 -13.90 3.96
CA GLY D 138 -24.37 -13.73 2.62
C GLY D 138 -23.20 -12.80 2.75
N PRO D 139 -22.33 -12.83 1.74
CA PRO D 139 -21.11 -11.99 1.74
C PRO D 139 -21.44 -10.48 1.71
N THR D 140 -20.79 -9.72 2.56
CA THR D 140 -20.89 -8.27 2.54
C THR D 140 -19.55 -7.71 3.01
N ILE D 141 -19.46 -6.39 3.10
CA ILE D 141 -18.23 -5.69 3.44
C ILE D 141 -18.19 -5.38 4.90
N GLY D 142 -17.26 -6.03 5.60
CA GLY D 142 -16.99 -5.70 6.99
C GLY D 142 -15.98 -4.59 7.05
N VAL D 143 -15.99 -3.86 8.17
CA VAL D 143 -15.18 -2.68 8.33
C VAL D 143 -14.63 -2.69 9.75
N GLY D 144 -13.31 -2.52 9.85
CA GLY D 144 -12.67 -2.39 11.14
C GLY D 144 -11.59 -1.33 11.12
N MSE D 145 -10.94 -1.14 12.25
CA MSE D 145 -9.92 -0.11 12.37
C MSE D 145 -8.93 -0.45 13.49
O MSE D 145 -9.24 -1.21 14.41
CB MSE D 145 -10.60 1.21 12.67
CG MSE D 145 -11.53 1.15 13.85
SE MSE D 145 -12.38 2.89 14.13
CE MSE D 145 -12.92 2.65 16.03
N THR D 146 -7.75 0.16 13.40
CA THR D 146 -6.74 0.05 14.43
C THR D 146 -5.81 1.25 14.29
N LYS D 147 -5.35 1.73 15.44
CA LYS D 147 -4.34 2.76 15.47
C LYS D 147 -2.94 2.16 15.63
N ASP D 148 -2.84 0.92 16.12
CA ASP D 148 -1.56 0.38 16.55
C ASP D 148 -1.30 -1.05 16.10
N PHE D 149 -2.23 -1.62 15.36
CA PHE D 149 -2.16 -3.03 14.97
C PHE D 149 -2.00 -4.00 16.16
N LYS D 150 -2.52 -3.61 17.32
CA LYS D 150 -2.60 -4.50 18.46
C LYS D 150 -4.05 -4.72 18.86
N THR D 151 -4.81 -3.62 18.91
CA THR D 151 -6.25 -3.71 19.17
C THR D 151 -6.98 -3.43 17.88
N PHE D 152 -7.88 -4.35 17.53
CA PHE D 152 -8.61 -4.31 16.26
C PHE D 152 -10.10 -4.14 16.55
N VAL D 153 -10.66 -3.00 16.18
CA VAL D 153 -12.04 -2.64 16.50
C VAL D 153 -12.85 -2.75 15.24
N ARG D 154 -13.93 -3.51 15.32
CA ARG D 154 -14.80 -3.75 14.18
C ARG D 154 -16.03 -2.87 14.30
N LEU D 155 -16.32 -2.14 13.22
CA LEU D 155 -17.54 -1.36 13.06
C LEU D 155 -18.66 -2.25 12.49
N PRO D 156 -19.90 -1.73 12.48
CA PRO D 156 -21.01 -2.41 11.78
C PRO D 156 -20.64 -2.55 10.28
N ASN D 157 -21.07 -3.63 9.64
CA ASN D 157 -20.77 -3.79 8.20
C ASN D 157 -21.33 -2.62 7.43
N ALA D 158 -20.67 -2.29 6.33
CA ALA D 158 -21.09 -1.14 5.54
C ALA D 158 -22.43 -1.39 4.82
N TYR D 159 -22.66 -2.65 4.46
CA TYR D 159 -23.82 -2.94 3.60
C TYR D 159 -24.52 -4.19 4.00
N VAL D 160 -25.77 -4.30 3.57
CA VAL D 160 -26.42 -5.60 3.49
C VAL D 160 -25.71 -6.38 2.38
N PRO D 161 -25.84 -7.71 2.38
CA PRO D 161 -25.33 -8.54 1.29
C PRO D 161 -26.06 -8.14 0.00
N PHE D 162 -25.54 -8.47 -1.18
CA PHE D 162 -24.37 -9.27 -1.40
C PHE D 162 -23.35 -8.34 -2.04
N ASN D 163 -22.21 -8.20 -1.37
CA ASN D 163 -21.25 -7.19 -1.77
C ASN D 163 -19.85 -7.66 -1.42
N ARG D 164 -18.86 -7.20 -2.19
CA ARG D 164 -17.47 -7.57 -1.94
C ARG D 164 -16.53 -6.54 -2.59
N ASN D 165 -15.23 -6.77 -2.46
CA ASN D 165 -14.18 -5.86 -2.94
C ASN D 165 -14.42 -4.45 -2.44
N GLY D 166 -14.75 -4.34 -1.15
CA GLY D 166 -14.88 -3.05 -0.48
C GLY D 166 -13.50 -2.50 -0.24
N VAL D 167 -13.26 -1.26 -0.68
CA VAL D 167 -12.00 -0.57 -0.36
C VAL D 167 -12.23 0.93 -0.23
N LEU D 168 -11.69 1.49 0.85
CA LEU D 168 -11.77 2.92 1.15
C LEU D 168 -10.75 3.73 0.39
N PHE D 169 -11.15 4.96 -0.01
CA PHE D 169 -10.24 5.99 -0.41
C PHE D 169 -9.38 6.42 0.79
N PRO D 170 -8.10 6.76 0.54
CA PRO D 170 -7.14 7.10 1.61
C PRO D 170 -7.34 8.44 2.31
N ARG D 171 -8.34 9.21 1.92
CA ARG D 171 -8.72 10.41 2.68
C ARG D 171 -10.17 10.71 2.41
N LYS D 172 -10.73 11.64 3.16
CA LYS D 172 -12.07 12.12 2.91
C LYS D 172 -12.07 12.91 1.61
N ILE D 173 -13.17 12.85 0.89
CA ILE D 173 -13.35 13.65 -0.30
C ILE D 173 -14.61 14.49 -0.03
N ASN D 174 -14.47 15.80 -0.08
CA ASN D 174 -15.58 16.71 0.21
C ASN D 174 -16.20 16.40 1.59
N GLY D 175 -15.35 16.11 2.57
CA GLY D 175 -15.82 15.81 3.92
C GLY D 175 -16.45 14.43 4.12
N LYS D 176 -16.43 13.58 3.09
CA LYS D 176 -17.03 12.26 3.19
C LYS D 176 -15.98 11.14 3.08
N TYR D 177 -16.15 10.05 3.85
CA TYR D 177 -15.41 8.84 3.53
C TYR D 177 -16.04 8.21 2.31
N VAL D 178 -15.21 7.56 1.49
CA VAL D 178 -15.68 7.02 0.23
C VAL D 178 -15.24 5.60 0.08
N MSE D 179 -16.22 4.73 -0.17
CA MSE D 179 -16.05 3.28 -0.15
C MSE D 179 -16.33 2.82 -1.54
O MSE D 179 -17.47 2.93 -2.04
CB MSE D 179 -17.09 2.67 0.82
CG MSE D 179 -17.20 1.13 0.87
SE MSE D 179 -15.63 0.26 1.67
CE MSE D 179 -16.23 0.68 3.60
N LEU D 180 -15.31 2.28 -2.20
CA LEU D 180 -15.56 1.48 -3.40
C LEU D 180 -16.17 0.15 -3.01
N ASN D 181 -17.13 -0.32 -3.81
CA ASN D 181 -17.77 -1.59 -3.51
C ASN D 181 -18.11 -2.33 -4.80
N ARG D 182 -18.72 -3.51 -4.69
CA ARG D 182 -18.96 -4.35 -5.85
C ARG D 182 -20.20 -5.21 -5.65
N PRO D 183 -21.38 -4.64 -5.90
CA PRO D 183 -22.65 -5.39 -5.77
C PRO D 183 -22.52 -6.74 -6.46
N SER D 184 -22.99 -7.78 -5.78
CA SER D 184 -22.74 -9.16 -6.17
C SER D 184 -23.98 -10.06 -6.02
N ASP D 185 -23.71 -11.36 -6.16
CA ASP D 185 -24.60 -12.55 -6.07
C ASP D 185 -24.39 -13.21 -4.73
N ASN D 186 -25.16 -14.26 -4.47
CA ASN D 186 -24.81 -15.16 -3.36
C ASN D 186 -23.68 -16.15 -3.71
N GLY D 187 -23.52 -16.47 -5.00
CA GLY D 187 -22.52 -17.47 -5.42
C GLY D 187 -21.29 -16.94 -6.14
N HIS D 188 -20.79 -17.72 -7.11
CA HIS D 188 -19.66 -17.27 -7.94
C HIS D 188 -20.16 -16.32 -9.02
N THR D 189 -20.37 -15.06 -8.62
CA THR D 189 -21.06 -14.02 -9.39
C THR D 189 -20.65 -13.92 -10.87
N PRO D 190 -21.60 -14.09 -11.79
CA PRO D 190 -21.32 -13.95 -13.22
C PRO D 190 -21.53 -12.52 -13.77
N PHE D 191 -21.24 -11.51 -12.94
CA PHE D 191 -21.39 -10.09 -13.32
C PHE D 191 -20.73 -9.28 -12.21
N GLY D 192 -20.59 -7.97 -12.42
CA GLY D 192 -20.13 -7.11 -11.37
C GLY D 192 -19.51 -5.83 -11.85
N ASP D 193 -20.04 -4.72 -11.32
CA ASP D 193 -19.53 -3.37 -11.53
C ASP D 193 -19.02 -2.79 -10.21
N ILE D 194 -18.05 -1.88 -10.33
CA ILE D 194 -17.58 -1.10 -9.23
C ILE D 194 -18.48 0.14 -9.03
N PHE D 195 -18.97 0.29 -7.80
CA PHE D 195 -19.72 1.46 -7.36
C PHE D 195 -18.89 2.12 -6.27
N LEU D 196 -19.29 3.31 -5.88
CA LEU D 196 -18.80 3.92 -4.65
C LEU D 196 -19.97 4.41 -3.83
N SER D 197 -19.70 4.59 -2.54
CA SER D 197 -20.68 5.15 -1.61
C SER D 197 -19.93 6.13 -0.73
N GLU D 198 -20.65 7.07 -0.15
CA GLU D 198 -20.03 8.01 0.75
C GLU D 198 -20.71 7.94 2.13
N SER D 199 -19.97 8.34 3.17
CA SER D 199 -20.44 8.31 4.53
C SER D 199 -19.82 9.46 5.34
N PRO D 200 -20.59 10.14 6.19
CA PRO D 200 -20.00 11.12 7.08
C PRO D 200 -19.29 10.49 8.26
N ASP D 201 -19.57 9.23 8.57
CA ASP D 201 -19.20 8.71 9.88
C ASP D 201 -18.67 7.27 9.83
N MSE D 202 -18.47 6.73 8.63
CA MSE D 202 -17.99 5.36 8.46
C MSE D 202 -19.03 4.28 8.81
O MSE D 202 -18.69 3.09 8.89
CB MSE D 202 -16.69 5.13 9.25
CG MSE D 202 -15.44 5.75 8.61
SE MSE D 202 -14.96 4.66 7.06
CE MSE D 202 -14.53 3.20 8.11
N ILE D 203 -20.27 4.69 9.01
CA ILE D 203 -21.32 3.76 9.43
C ILE D 203 -22.51 3.81 8.47
N HIS D 204 -22.99 5.01 8.19
CA HIS D 204 -24.13 5.21 7.31
C HIS D 204 -23.66 5.61 5.92
N TRP D 205 -24.09 4.85 4.92
CA TRP D 205 -23.64 5.00 3.56
C TRP D 205 -24.79 5.39 2.63
N GLY D 206 -24.51 6.30 1.70
CA GLY D 206 -25.51 6.77 0.75
C GLY D 206 -24.87 7.50 -0.40
N ASN D 207 -25.69 8.16 -1.21
CA ASN D 207 -25.25 8.75 -2.49
C ASN D 207 -24.36 7.84 -3.31
N HIS D 208 -24.87 6.64 -3.57
CA HIS D 208 -24.12 5.65 -4.31
C HIS D 208 -24.03 6.04 -5.78
N ARG D 209 -22.91 5.72 -6.42
CA ARG D 209 -22.75 5.98 -7.84
C ARG D 209 -21.97 4.85 -8.47
N PHE D 210 -22.43 4.44 -9.63
CA PHE D 210 -21.69 3.56 -10.52
C PHE D 210 -20.38 4.23 -10.91
N VAL D 211 -19.29 3.47 -10.89
CA VAL D 211 -18.01 4.04 -11.29
C VAL D 211 -17.54 3.44 -12.58
N LEU D 212 -17.40 2.12 -12.56
CA LEU D 212 -16.70 1.41 -13.60
C LEU D 212 -17.43 0.11 -13.78
N GLY D 213 -17.74 -0.27 -15.01
CA GLY D 213 -18.34 -1.57 -15.26
C GLY D 213 -17.51 -2.46 -16.16
N ARG D 214 -17.93 -3.71 -16.25
CA ARG D 214 -17.29 -4.69 -17.12
C ARG D 214 -17.31 -4.23 -18.56
N SER D 215 -16.30 -4.58 -19.32
CA SER D 215 -16.20 -4.11 -20.70
C SER D 215 -16.88 -5.10 -21.65
N SER D 216 -17.43 -4.61 -22.73
CA SER D 216 -17.94 -5.51 -23.74
C SER D 216 -16.80 -5.83 -24.69
N TYR D 217 -16.02 -4.81 -24.99
CA TYR D 217 -14.97 -4.90 -25.99
C TYR D 217 -13.76 -5.68 -25.49
N ASN D 218 -13.33 -5.41 -24.27
CA ASN D 218 -12.11 -5.99 -23.75
C ASN D 218 -12.42 -7.27 -23.06
N TRP D 219 -12.15 -8.40 -23.72
CA TRP D 219 -12.59 -9.72 -23.27
C TRP D 219 -12.07 -10.09 -21.91
N TRP D 220 -10.87 -9.62 -21.57
CA TRP D 220 -10.25 -9.96 -20.27
C TRP D 220 -11.03 -9.46 -19.06
N GLU D 221 -11.95 -8.52 -19.28
CA GLU D 221 -12.74 -7.94 -18.20
C GLU D 221 -14.21 -7.84 -18.61
N ASN D 222 -14.68 -8.82 -19.38
CA ASN D 222 -16.05 -8.77 -19.91
C ASN D 222 -17.05 -9.51 -19.05
N LEU D 223 -16.58 -10.22 -18.03
CA LEU D 223 -17.48 -10.87 -17.08
C LEU D 223 -17.77 -10.02 -15.83
N LYS D 224 -16.71 -9.63 -15.13
CA LYS D 224 -16.87 -8.73 -14.00
C LYS D 224 -15.55 -8.09 -13.64
N ILE D 225 -15.63 -7.09 -12.76
CA ILE D 225 -14.48 -6.36 -12.29
C ILE D 225 -14.70 -6.05 -10.81
N GLY D 226 -13.64 -5.64 -10.12
CA GLY D 226 -13.73 -5.36 -8.69
C GLY D 226 -12.50 -4.56 -8.33
N ALA D 227 -12.63 -3.68 -7.35
CA ALA D 227 -11.50 -2.87 -6.89
C ALA D 227 -10.44 -3.73 -6.23
N GLY D 228 -9.16 -3.34 -6.36
CA GLY D 228 -8.08 -4.06 -5.69
C GLY D 228 -7.48 -3.21 -4.59
N PRO D 229 -6.24 -2.75 -4.77
CA PRO D 229 -5.58 -1.86 -3.81
C PRO D 229 -6.37 -0.58 -3.66
N TYR D 230 -6.21 0.13 -2.53
CA TYR D 230 -6.89 1.40 -2.39
C TYR D 230 -6.40 2.37 -3.47
N PRO D 231 -7.27 3.27 -3.92
CA PRO D 231 -6.90 4.23 -4.98
C PRO D 231 -5.78 5.20 -4.56
N ILE D 232 -4.80 5.38 -5.42
CA ILE D 232 -3.66 6.19 -5.09
C ILE D 232 -3.89 7.56 -5.67
N GLU D 233 -3.79 8.57 -4.80
CA GLU D 233 -4.00 9.92 -5.24
C GLU D 233 -2.77 10.43 -6.00
N THR D 234 -3.00 10.85 -7.26
CA THR D 234 -1.96 11.45 -8.08
C THR D 234 -2.50 12.75 -8.64
N SER D 235 -1.62 13.56 -9.21
CA SER D 235 -2.06 14.81 -9.83
C SER D 235 -2.80 14.51 -11.14
N GLU D 236 -2.68 13.28 -11.63
CA GLU D 236 -3.42 12.88 -12.81
C GLU D 236 -4.76 12.21 -12.49
N GLY D 237 -5.08 12.09 -11.21
CA GLY D 237 -6.32 11.43 -10.77
C GLY D 237 -6.06 10.37 -9.74
N TRP D 238 -7.14 9.71 -9.30
CA TRP D 238 -7.05 8.57 -8.43
C TRP D 238 -6.65 7.38 -9.29
N LEU D 239 -5.52 6.75 -8.99
CA LEU D 239 -5.16 5.55 -9.71
C LEU D 239 -5.79 4.35 -9.04
N LEU D 240 -6.71 3.72 -9.78
CA LEU D 240 -7.42 2.56 -9.28
C LEU D 240 -6.98 1.30 -10.02
N ILE D 241 -6.27 0.44 -9.32
CA ILE D 241 -5.90 -0.87 -9.82
C ILE D 241 -7.07 -1.80 -9.49
N TYR D 242 -7.60 -2.45 -10.53
CA TYR D 242 -8.80 -3.26 -10.36
C TYR D 242 -8.59 -4.59 -11.10
N HIS D 243 -9.24 -5.65 -10.62
CA HIS D 243 -9.19 -6.91 -11.34
C HIS D 243 -10.35 -6.99 -12.32
N GLY D 244 -10.13 -7.80 -13.34
CA GLY D 244 -11.10 -7.98 -14.37
C GLY D 244 -11.10 -9.45 -14.71
N VAL D 245 -12.29 -9.97 -14.98
CA VAL D 245 -12.50 -11.41 -15.14
C VAL D 245 -13.16 -11.69 -16.49
N THR D 246 -12.70 -12.77 -17.13
CA THR D 246 -13.34 -13.33 -18.29
C THR D 246 -13.69 -14.81 -18.02
N LEU D 247 -14.72 -15.31 -18.67
CA LEU D 247 -15.07 -16.71 -18.50
C LEU D 247 -14.67 -17.48 -19.74
N THR D 248 -13.84 -18.50 -19.55
CA THR D 248 -13.52 -19.42 -20.67
C THR D 248 -14.37 -20.65 -20.48
N CYS D 249 -14.32 -21.60 -21.42
CA CYS D 249 -15.08 -22.82 -21.22
C CYS D 249 -14.61 -23.60 -19.98
N ASN D 250 -13.35 -23.43 -19.57
CA ASN D 250 -12.86 -24.15 -18.38
C ASN D 250 -12.75 -23.36 -17.08
N GLY D 251 -13.37 -22.17 -17.06
CA GLY D 251 -13.39 -21.37 -15.84
C GLY D 251 -13.00 -19.91 -16.05
N TYR D 252 -12.94 -19.18 -14.95
CA TYR D 252 -12.57 -17.77 -14.96
C TYR D 252 -11.08 -17.55 -15.05
N VAL D 253 -10.71 -16.44 -15.66
CA VAL D 253 -9.32 -15.99 -15.67
C VAL D 253 -9.37 -14.57 -15.14
N TYR D 254 -8.73 -14.35 -13.97
CA TYR D 254 -8.61 -13.04 -13.36
C TYR D 254 -7.31 -12.38 -13.77
N SER D 255 -7.42 -11.18 -14.34
CA SER D 255 -6.25 -10.33 -14.60
C SER D 255 -6.40 -9.05 -13.81
N PHE D 256 -5.43 -8.16 -13.92
CA PHE D 256 -5.69 -6.84 -13.39
C PHE D 256 -5.18 -5.69 -14.22
N GLY D 257 -5.89 -4.56 -14.14
CA GLY D 257 -5.58 -3.39 -14.91
C GLY D 257 -5.71 -2.18 -14.04
N ALA D 258 -5.97 -1.03 -14.66
CA ALA D 258 -6.04 0.22 -13.90
C ALA D 258 -6.85 1.29 -14.63
N ALA D 259 -7.44 2.17 -13.83
CA ALA D 259 -8.13 3.33 -14.33
C ALA D 259 -7.68 4.54 -13.56
N LEU D 260 -7.99 5.72 -14.08
CA LEU D 260 -7.78 6.99 -13.41
C LEU D 260 -9.11 7.67 -13.23
N LEU D 261 -9.38 8.09 -12.00
CA LEU D 261 -10.66 8.69 -11.66
C LEU D 261 -10.46 10.14 -11.30
N ASP D 262 -11.49 10.94 -11.58
CA ASP D 262 -11.44 12.33 -11.26
C ASP D 262 -11.24 12.56 -9.74
N LEU D 263 -10.36 13.48 -9.40
CA LEU D 263 -9.98 13.72 -8.01
C LEU D 263 -11.18 14.14 -7.17
N ASP D 264 -11.96 15.08 -7.68
CA ASP D 264 -13.10 15.66 -6.93
C ASP D 264 -14.34 14.80 -7.06
N ASP D 265 -14.48 14.10 -8.16
CA ASP D 265 -15.61 13.23 -8.33
C ASP D 265 -15.16 11.91 -8.87
N PRO D 266 -14.72 11.00 -7.97
CA PRO D 266 -14.14 9.72 -8.40
C PRO D 266 -15.10 8.78 -9.11
N SER D 267 -16.38 9.15 -9.25
CA SER D 267 -17.29 8.34 -10.05
C SER D 267 -17.13 8.68 -11.50
N LYS D 268 -16.36 9.72 -11.80
CA LYS D 268 -16.03 10.07 -13.17
C LYS D 268 -14.68 9.48 -13.56
N VAL D 269 -14.73 8.59 -14.55
CA VAL D 269 -13.53 7.92 -15.02
C VAL D 269 -12.82 8.75 -16.10
N LEU D 270 -11.57 9.10 -15.88
CA LEU D 270 -10.82 9.90 -16.83
C LEU D 270 -10.19 9.02 -17.90
N TYR D 271 -9.56 7.93 -17.46
CA TYR D 271 -8.87 7.02 -18.36
C TYR D 271 -8.99 5.64 -17.79
N ARG D 272 -8.91 4.65 -18.67
CA ARG D 272 -9.00 3.26 -18.26
C ARG D 272 -8.29 2.42 -19.30
N SER D 273 -7.29 1.64 -18.87
CA SER D 273 -6.47 0.91 -19.84
C SER D 273 -7.27 -0.21 -20.46
N ARG D 274 -7.29 -0.26 -21.79
CA ARG D 274 -7.92 -1.41 -22.47
C ARG D 274 -7.15 -2.72 -22.23
N TYR D 275 -5.85 -2.64 -21.94
CA TYR D 275 -5.04 -3.82 -21.70
C TYR D 275 -4.82 -4.02 -20.20
N TYR D 276 -4.76 -5.28 -19.75
CA TYR D 276 -4.43 -5.54 -18.34
C TYR D 276 -2.97 -5.13 -18.10
N LEU D 277 -2.65 -4.86 -16.85
CA LEU D 277 -1.29 -4.72 -16.38
C LEU D 277 -0.63 -6.09 -16.19
N LEU D 278 -1.41 -7.07 -15.75
CA LEU D 278 -0.90 -8.40 -15.47
C LEU D 278 -2.03 -9.42 -15.67
N THR D 279 -1.65 -10.57 -16.22
CA THR D 279 -2.55 -11.70 -16.38
C THR D 279 -1.77 -12.94 -15.97
N PRO D 280 -2.44 -14.03 -15.61
CA PRO D 280 -1.73 -15.25 -15.23
C PRO D 280 -0.88 -15.83 -16.36
N GLU D 281 0.38 -16.12 -16.04
CA GLU D 281 1.34 -16.59 -17.02
C GLU D 281 2.29 -17.55 -16.31
N GLU D 282 2.68 -17.23 -15.08
CA GLU D 282 3.65 -18.08 -14.35
C GLU D 282 2.94 -19.25 -13.70
N GLU D 283 3.70 -20.30 -13.44
CA GLU D 283 3.22 -21.52 -12.83
C GLU D 283 2.49 -21.28 -11.51
N TYR D 284 2.96 -20.32 -10.72
CA TYR D 284 2.32 -20.05 -9.44
C TYR D 284 1.04 -19.23 -9.61
N GLU D 285 0.77 -18.80 -10.85
CA GLU D 285 -0.46 -18.09 -11.17
C GLU D 285 -1.44 -18.97 -11.93
N THR D 286 -0.95 -19.98 -12.67
CA THR D 286 -1.82 -20.78 -13.54
C THR D 286 -2.12 -22.16 -12.98
N VAL D 287 -1.51 -22.45 -11.84
CA VAL D 287 -1.66 -23.72 -11.18
C VAL D 287 -1.91 -23.44 -9.69
N GLY D 288 -2.90 -24.10 -9.11
CA GLY D 288 -3.12 -24.01 -7.69
C GLY D 288 -4.58 -24.17 -7.40
N PHE D 289 -4.97 -23.68 -6.22
CA PHE D 289 -6.29 -23.91 -5.67
C PHE D 289 -7.36 -23.38 -6.63
N VAL D 290 -7.13 -22.15 -7.11
CA VAL D 290 -7.94 -21.59 -8.20
C VAL D 290 -7.01 -21.16 -9.30
N PRO D 291 -6.83 -22.01 -10.30
CA PRO D 291 -5.90 -21.69 -11.39
C PRO D 291 -6.28 -20.40 -12.12
N ASN D 292 -5.27 -19.72 -12.65
CA ASN D 292 -5.44 -18.58 -13.54
C ASN D 292 -6.03 -17.38 -12.85
N VAL D 293 -5.43 -17.05 -11.71
CA VAL D 293 -5.82 -15.85 -10.97
C VAL D 293 -4.61 -15.00 -10.62
N VAL D 294 -4.67 -13.72 -10.99
CA VAL D 294 -3.82 -12.71 -10.36
C VAL D 294 -4.73 -11.63 -9.78
N PHE D 295 -4.66 -11.47 -8.45
CA PHE D 295 -5.65 -10.70 -7.71
C PHE D 295 -4.97 -9.65 -6.82
N PRO D 296 -4.97 -8.39 -7.24
CA PRO D 296 -4.15 -7.35 -6.57
C PRO D 296 -4.83 -6.90 -5.27
N CYS D 297 -4.09 -6.89 -4.18
CA CYS D 297 -4.66 -6.58 -2.86
C CYS D 297 -4.11 -5.32 -2.23
N ALA D 298 -2.88 -4.97 -2.55
CA ALA D 298 -2.29 -3.77 -1.97
C ALA D 298 -1.24 -3.27 -2.89
N ALA D 299 -1.00 -1.97 -2.83
CA ALA D 299 0.09 -1.35 -3.54
C ALA D 299 0.80 -0.44 -2.56
N LEU D 300 2.13 -0.47 -2.60
CA LEU D 300 2.94 0.49 -1.89
C LEU D 300 3.53 1.40 -2.94
N CYS D 301 3.60 2.69 -2.62
CA CYS D 301 4.23 3.64 -3.51
C CYS D 301 5.15 4.58 -2.75
N ASP D 302 6.43 4.53 -3.11
CA ASP D 302 7.42 5.43 -2.50
C ASP D 302 7.38 6.78 -3.20
N ALA D 303 6.79 7.77 -2.51
CA ALA D 303 6.63 9.11 -3.04
C ALA D 303 7.96 9.72 -3.51
N ASP D 304 9.06 9.34 -2.87
CA ASP D 304 10.37 9.85 -3.26
C ASP D 304 10.86 9.41 -4.62
N THR D 305 10.53 8.18 -5.04
CA THR D 305 11.07 7.66 -6.30
C THR D 305 10.00 7.27 -7.30
N GLY D 306 8.75 7.17 -6.84
CA GLY D 306 7.69 6.72 -7.69
C GLY D 306 7.65 5.21 -7.87
N ARG D 307 8.50 4.48 -7.14
CA ARG D 307 8.49 3.03 -7.17
C ARG D 307 7.18 2.50 -6.59
N VAL D 308 6.60 1.53 -7.28
CA VAL D 308 5.38 0.88 -6.83
C VAL D 308 5.62 -0.62 -6.67
N ALA D 309 5.12 -1.17 -5.56
CA ALA D 309 5.12 -2.61 -5.32
C ALA D 309 3.69 -3.02 -5.14
N ILE D 310 3.22 -3.96 -5.96
CA ILE D 310 1.84 -4.48 -5.89
C ILE D 310 1.84 -5.89 -5.36
N TYR D 311 1.14 -6.09 -4.24
CA TYR D 311 0.99 -7.42 -3.72
C TYR D 311 -0.23 -8.02 -4.36
N TYR D 312 -0.09 -9.23 -4.91
CA TYR D 312 -1.26 -9.87 -5.46
C TYR D 312 -1.34 -11.33 -5.06
N GLY D 313 -2.56 -11.85 -5.01
CA GLY D 313 -2.77 -13.27 -4.83
C GLY D 313 -2.59 -13.98 -6.16
N ALA D 314 -1.87 -15.09 -6.13
CA ALA D 314 -1.65 -15.91 -7.33
C ALA D 314 -2.30 -17.27 -7.13
N ALA D 315 -3.24 -17.62 -8.04
CA ALA D 315 -4.01 -18.89 -8.07
C ALA D 315 -4.72 -19.25 -6.76
N ASP D 316 -5.07 -18.21 -5.99
CA ASP D 316 -5.64 -18.40 -4.65
C ASP D 316 -4.77 -19.31 -3.78
N THR D 317 -3.46 -19.23 -4.00
CA THR D 317 -2.51 -20.17 -3.39
C THR D 317 -1.33 -19.45 -2.74
N HIS D 318 -0.91 -18.32 -3.34
CA HIS D 318 0.33 -17.63 -2.99
C HIS D 318 0.14 -16.13 -2.90
N VAL D 319 1.08 -15.49 -2.22
CA VAL D 319 1.26 -14.03 -2.29
C VAL D 319 2.47 -13.76 -3.21
N ALA D 320 2.26 -12.87 -4.17
CA ALA D 320 3.32 -12.50 -5.11
C ALA D 320 3.42 -10.99 -5.23
N LEU D 321 4.57 -10.55 -5.72
CA LEU D 321 4.86 -9.14 -5.94
C LEU D 321 5.07 -8.82 -7.43
N ALA D 322 4.63 -7.61 -7.79
CA ALA D 322 4.90 -7.02 -9.08
C ALA D 322 5.36 -5.59 -8.81
N PHE D 323 6.25 -5.09 -9.68
CA PHE D 323 6.87 -3.80 -9.54
C PHE D 323 6.63 -2.93 -10.75
N GLY D 324 6.63 -1.62 -10.53
CA GLY D 324 6.60 -0.63 -11.60
C GLY D 324 6.84 0.76 -11.05
N TYR D 325 6.83 1.75 -11.94
CA TYR D 325 6.93 3.14 -11.55
C TYR D 325 5.58 3.76 -11.76
N ILE D 326 5.12 4.56 -10.80
CA ILE D 326 3.78 5.14 -10.91
C ILE D 326 3.54 5.98 -12.16
N ASP D 327 4.54 6.76 -12.57
CA ASP D 327 4.40 7.59 -13.77
C ASP D 327 4.21 6.74 -15.01
N GLU D 328 4.97 5.64 -15.11
CA GLU D 328 4.84 4.70 -16.23
C GLU D 328 3.47 4.02 -16.24
N ILE D 329 3.00 3.66 -15.05
CA ILE D 329 1.70 2.98 -14.92
C ILE D 329 0.59 3.96 -15.33
N VAL D 330 0.67 5.19 -14.80
CA VAL D 330 -0.27 6.23 -15.17
C VAL D 330 -0.20 6.50 -16.69
N ASP D 331 1.00 6.58 -17.26
CA ASP D 331 1.12 6.81 -18.71
C ASP D 331 0.55 5.66 -19.54
N PHE D 332 0.74 4.43 -19.05
CA PHE D 332 0.20 3.23 -19.66
C PHE D 332 -1.33 3.32 -19.68
N VAL D 333 -1.92 3.68 -18.55
CA VAL D 333 -3.38 3.81 -18.46
C VAL D 333 -3.91 4.83 -19.48
N LYS D 334 -3.29 6.02 -19.52
CA LYS D 334 -3.73 7.07 -20.44
C LYS D 334 -3.55 6.64 -21.90
N ARG D 335 -2.36 6.16 -22.23
CA ARG D 335 -2.01 5.79 -23.59
C ARG D 335 -2.92 4.68 -24.13
N ASN D 336 -3.33 3.78 -23.25
CA ASN D 336 -4.09 2.58 -23.69
C ASN D 336 -5.56 2.67 -23.41
N SER D 337 -5.98 3.91 -23.17
CA SER D 337 -7.32 4.20 -22.75
C SER D 337 -8.32 4.00 -23.84
N MSE D 338 -9.41 3.44 -23.32
CA MSE D 338 -10.68 3.32 -23.97
C MSE D 338 -11.27 4.72 -24.17
O MSE D 338 -11.96 4.98 -25.15
OXT MSE D 338 -11.02 5.64 -23.39
CB MSE D 338 -11.60 2.45 -23.08
CG MSE D 338 -11.32 0.93 -23.20
SE MSE D 338 -11.42 0.23 -25.11
CE MSE D 338 -13.46 0.05 -25.31
N MSE E 13 40.62 -31.67 20.06
CA MSE E 13 39.49 -31.11 20.84
C MSE E 13 39.76 -29.70 21.38
O MSE E 13 40.79 -29.46 21.99
CB MSE E 13 39.16 -32.06 21.99
CG MSE E 13 37.87 -31.69 22.68
SE MSE E 13 37.59 -32.52 24.42
CE MSE E 13 36.07 -31.73 24.72
N LYS E 14 38.81 -28.79 21.21
CA LYS E 14 38.90 -27.43 21.74
C LYS E 14 38.18 -27.28 23.07
N VAL E 15 38.77 -26.51 23.99
CA VAL E 15 38.21 -26.23 25.28
C VAL E 15 38.19 -24.71 25.48
N PHE E 16 37.03 -24.15 25.75
CA PHE E 16 36.91 -22.71 25.87
C PHE E 16 36.98 -22.26 27.32
N THR E 17 38.18 -22.30 27.88
CA THR E 17 38.45 -21.77 29.22
C THR E 17 39.69 -20.89 29.17
N GLU E 18 40.09 -20.38 30.33
CA GLU E 18 41.34 -19.63 30.46
C GLU E 18 42.56 -20.51 30.38
N LYS E 19 43.68 -19.89 30.01
CA LYS E 19 44.99 -20.49 30.22
C LYS E 19 45.26 -20.39 31.71
N ILE E 20 45.60 -21.51 32.35
CA ILE E 20 45.92 -21.52 33.78
C ILE E 20 47.24 -22.29 33.97
N PRO E 21 48.37 -21.64 33.67
CA PRO E 21 49.66 -22.34 33.71
C PRO E 21 49.99 -22.88 35.10
N ASN E 22 49.55 -22.17 36.13
CA ASN E 22 49.81 -22.56 37.53
C ASN E 22 48.62 -23.30 38.19
N ILE E 23 47.78 -23.93 37.39
CA ILE E 23 46.69 -24.77 37.91
C ILE E 23 47.25 -25.78 38.93
N PRO E 24 46.58 -26.00 40.08
CA PRO E 24 46.98 -27.09 40.96
C PRO E 24 47.06 -28.38 40.12
N TRP E 25 48.10 -29.15 40.30
CA TRP E 25 48.30 -30.33 39.47
C TRP E 25 49.13 -31.39 40.15
N GLU E 26 48.83 -32.63 39.86
CA GLU E 26 49.71 -33.74 40.19
C GLU E 26 49.50 -34.80 39.15
N GLU E 27 50.60 -35.35 38.65
CA GLU E 27 50.52 -36.42 37.66
C GLU E 27 49.86 -37.66 38.22
N ARG E 28 49.27 -38.46 37.32
CA ARG E 28 48.57 -39.66 37.73
C ARG E 28 49.55 -40.69 38.30
N PRO E 29 49.13 -41.45 39.32
CA PRO E 29 49.94 -42.52 39.84
C PRO E 29 50.37 -43.46 38.71
N GLU E 30 51.59 -43.98 38.80
CA GLU E 30 52.09 -44.88 37.76
C GLU E 30 51.10 -46.04 37.52
N GLY E 31 50.77 -46.26 36.25
CA GLY E 31 49.88 -47.36 35.85
C GLY E 31 48.42 -47.18 36.23
N TYR E 32 48.05 -45.98 36.68
CA TYR E 32 46.65 -45.67 36.99
C TYR E 32 45.85 -45.50 35.70
N THR E 33 44.78 -46.27 35.61
CA THR E 33 43.94 -46.39 34.42
C THR E 33 42.74 -45.42 34.32
N GLY E 34 42.20 -44.96 35.46
CA GLY E 34 41.01 -44.11 35.45
C GLY E 34 41.22 -42.71 34.90
N PRO E 35 40.13 -42.02 34.54
CA PRO E 35 40.20 -40.69 33.92
C PRO E 35 40.58 -39.60 34.93
N VAL E 36 40.33 -39.87 36.20
CA VAL E 36 40.49 -38.86 37.25
C VAL E 36 41.13 -39.52 38.46
N TRP E 37 42.12 -38.86 39.06
CA TRP E 37 42.77 -39.39 40.25
C TRP E 37 42.82 -38.34 41.34
N ARG E 38 42.84 -38.80 42.59
CA ARG E 38 42.89 -37.93 43.77
C ARG E 38 44.25 -37.30 43.95
N TYR E 39 44.26 -36.10 44.47
CA TYR E 39 45.49 -35.50 44.97
C TYR E 39 46.08 -36.34 46.10
N SER E 40 47.32 -36.78 45.95
CA SER E 40 47.95 -37.65 46.94
C SER E 40 47.97 -37.04 48.35
N LYS E 41 47.91 -35.71 48.44
CA LYS E 41 47.98 -35.04 49.73
C LYS E 41 46.63 -34.52 50.22
N ASN E 42 45.54 -35.04 49.66
CA ASN E 42 44.19 -34.79 50.19
C ASN E 42 44.06 -35.25 51.64
N PRO E 43 43.21 -34.59 52.44
CA PRO E 43 42.44 -33.42 52.00
C PRO E 43 43.32 -32.18 52.11
N ILE E 44 42.97 -31.12 51.40
CA ILE E 44 43.80 -29.93 51.41
C ILE E 44 43.38 -28.97 52.54
N ILE E 45 42.13 -29.04 52.97
CA ILE E 45 41.67 -28.28 54.12
C ILE E 45 40.39 -28.95 54.59
N GLY E 46 39.95 -28.68 55.81
CA GLY E 46 38.77 -29.34 56.33
C GLY E 46 38.35 -28.89 57.71
N ARG E 47 38.82 -29.60 58.71
CA ARG E 47 38.35 -29.36 60.07
C ARG E 47 38.98 -28.11 60.69
N ASN E 48 38.19 -27.35 61.45
CA ASN E 48 38.68 -26.14 62.13
C ASN E 48 39.55 -25.24 61.24
N PRO E 49 39.02 -24.81 60.10
CA PRO E 49 39.78 -24.00 59.15
C PRO E 49 39.97 -22.56 59.60
N VAL E 50 39.04 -22.03 60.39
CA VAL E 50 39.10 -20.66 60.90
C VAL E 50 38.54 -20.73 62.33
N PRO E 51 38.79 -19.72 63.17
CA PRO E 51 38.42 -19.79 64.59
C PRO E 51 36.95 -20.11 64.86
N LYS E 52 36.04 -19.60 64.04
CA LYS E 52 34.62 -19.89 64.23
C LYS E 52 34.16 -21.11 63.44
N GLY E 53 35.06 -21.70 62.65
CA GLY E 53 34.68 -22.75 61.72
C GLY E 53 34.90 -24.15 62.26
N ALA E 54 33.91 -25.01 62.04
CA ALA E 54 34.01 -26.43 62.32
C ALA E 54 34.61 -27.19 61.13
N ARG E 55 34.04 -26.99 59.95
CA ARG E 55 34.40 -27.79 58.76
C ARG E 55 34.23 -26.93 57.53
N VAL E 56 35.20 -26.95 56.63
CA VAL E 56 35.04 -26.36 55.29
C VAL E 56 35.01 -27.50 54.26
N PHE E 57 33.99 -27.49 53.39
CA PHE E 57 33.81 -28.57 52.44
C PHE E 57 33.07 -28.20 51.16
N ASN E 58 32.75 -26.93 50.97
CA ASN E 58 32.46 -26.47 49.61
C ASN E 58 33.49 -25.42 49.25
N SER E 59 33.94 -25.46 48.01
CA SER E 59 34.92 -24.52 47.55
C SER E 59 34.64 -24.27 46.10
N ALA E 60 34.06 -23.11 45.83
CA ALA E 60 33.85 -22.67 44.48
C ALA E 60 35.09 -21.81 44.13
N VAL E 61 36.01 -22.39 43.38
CA VAL E 61 37.32 -21.79 43.09
C VAL E 61 37.35 -21.34 41.63
N VAL E 62 37.92 -20.16 41.39
CA VAL E 62 38.19 -19.67 40.04
C VAL E 62 39.57 -19.04 40.05
N PRO E 63 40.23 -18.98 38.89
CA PRO E 63 41.47 -18.23 38.76
C PRO E 63 41.15 -16.75 38.88
N TYR E 64 42.04 -15.98 39.49
CA TYR E 64 41.85 -14.54 39.56
C TYR E 64 43.21 -13.85 39.72
N ASN E 65 43.51 -12.94 38.80
CA ASN E 65 44.73 -12.12 38.89
C ASN E 65 46.00 -12.94 39.02
N GLY E 66 46.12 -14.02 38.25
CA GLY E 66 47.31 -14.86 38.28
C GLY E 66 47.35 -15.81 39.46
N GLU E 67 46.28 -15.80 40.25
CA GLU E 67 46.20 -16.64 41.44
C GLU E 67 44.82 -17.31 41.49
N PHE E 68 44.43 -17.76 42.67
CA PHE E 68 43.13 -18.39 42.83
C PHE E 68 42.40 -17.75 43.98
N VAL E 69 41.09 -17.59 43.81
CA VAL E 69 40.21 -17.19 44.90
C VAL E 69 39.07 -18.19 44.97
N GLY E 70 38.36 -18.20 46.08
CA GLY E 70 37.21 -19.05 46.18
C GLY E 70 36.15 -18.53 47.13
N VAL E 71 34.95 -19.04 46.95
CA VAL E 71 33.89 -18.88 47.93
C VAL E 71 33.71 -20.23 48.61
N PHE E 72 33.80 -20.22 49.94
CA PHE E 72 33.85 -21.46 50.71
C PHE E 72 32.66 -21.62 51.63
N ARG E 73 32.08 -22.81 51.64
CA ARG E 73 31.11 -23.12 52.67
C ARG E 73 31.79 -23.59 53.94
N ILE E 74 31.62 -22.84 55.01
CA ILE E 74 32.14 -23.25 56.30
C ILE E 74 31.00 -23.38 57.31
N ASP E 75 30.77 -24.60 57.81
CA ASP E 75 29.88 -24.76 58.95
C ASP E 75 30.59 -24.23 60.15
N HIS E 76 29.93 -23.35 60.88
CA HIS E 76 30.51 -22.82 62.08
C HIS E 76 30.35 -23.79 63.23
N LYS E 77 30.83 -23.42 64.41
CA LYS E 77 30.78 -24.27 65.58
C LYS E 77 29.38 -24.33 66.20
N ASN E 78 28.39 -23.85 65.47
CA ASN E 78 27.00 -24.14 65.79
C ASN E 78 26.39 -25.01 64.68
N THR E 79 27.25 -25.47 63.76
CA THR E 79 26.89 -26.31 62.62
C THR E 79 26.07 -25.60 61.53
N ARG E 80 25.83 -24.31 61.72
CA ARG E 80 25.22 -23.45 60.70
C ARG E 80 26.23 -23.07 59.61
N PRO E 81 25.83 -23.17 58.34
CA PRO E 81 26.70 -22.85 57.19
C PRO E 81 26.81 -21.36 56.84
N PHE E 82 28.03 -20.92 56.54
CA PHE E 82 28.26 -19.56 56.07
C PHE E 82 29.17 -19.61 54.86
N LEU E 83 29.11 -18.55 54.05
CA LEU E 83 30.03 -18.45 52.91
C LEU E 83 31.20 -17.55 53.28
N HIS E 84 32.42 -18.03 53.08
CA HIS E 84 33.63 -17.24 53.38
C HIS E 84 34.47 -17.12 52.11
N PHE E 85 35.13 -15.98 51.96
CA PHE E 85 36.05 -15.73 50.86
C PHE E 85 37.46 -16.23 51.19
N GLY E 86 38.13 -16.79 50.19
CA GLY E 86 39.48 -17.30 50.39
C GLY E 86 40.40 -17.02 49.22
N ARG E 87 41.70 -17.01 49.50
CA ARG E 87 42.74 -16.69 48.52
C ARG E 87 43.83 -17.76 48.53
N SER E 88 44.38 -18.08 47.35
CA SER E 88 45.45 -19.06 47.25
C SER E 88 46.38 -18.68 46.10
N LYS E 89 47.69 -18.77 46.33
CA LYS E 89 48.65 -18.54 45.24
C LYS E 89 48.72 -19.75 44.33
N ASP E 90 48.51 -20.95 44.88
CA ASP E 90 48.67 -22.19 44.11
C ASP E 90 47.40 -23.06 44.02
N GLY E 91 46.32 -22.64 44.67
CA GLY E 91 45.09 -23.42 44.65
C GLY E 91 45.06 -24.57 45.65
N ILE E 92 46.14 -24.74 46.41
CA ILE E 92 46.28 -25.87 47.33
C ILE E 92 46.32 -25.36 48.77
N ASN E 93 47.14 -24.32 48.99
CA ASN E 93 47.24 -23.66 50.29
C ASN E 93 46.38 -22.43 50.33
N TRP E 94 45.37 -22.46 51.20
CA TRP E 94 44.35 -21.42 51.23
C TRP E 94 44.43 -20.51 52.45
N GLU E 95 44.27 -19.21 52.23
CA GLU E 95 44.01 -18.27 53.32
C GLU E 95 42.54 -17.92 53.23
N ILE E 96 41.77 -18.37 54.23
CA ILE E 96 40.35 -18.12 54.28
C ILE E 96 40.03 -17.04 55.31
N GLU E 97 39.20 -16.09 54.92
CA GLU E 97 38.80 -15.03 55.84
C GLU E 97 38.01 -15.62 57.01
N PRO E 98 38.29 -15.15 58.21
CA PRO E 98 37.68 -15.71 59.42
C PRO E 98 36.19 -15.37 59.52
N GLU E 99 35.77 -14.29 58.86
CA GLU E 99 34.37 -13.87 58.86
C GLU E 99 33.70 -14.10 57.49
N GLU E 100 32.36 -14.27 57.50
CA GLU E 100 31.62 -14.56 56.29
C GLU E 100 31.51 -13.36 55.36
N ILE E 101 31.29 -13.65 54.08
CA ILE E 101 31.01 -12.61 53.08
C ILE E 101 29.78 -11.83 53.50
N GLN E 102 29.86 -10.51 53.37
CA GLN E 102 28.73 -9.59 53.56
C GLN E 102 28.12 -9.18 52.21
N TRP E 103 26.81 -9.34 52.09
CA TRP E 103 26.13 -9.07 50.83
C TRP E 103 25.31 -7.80 50.91
N VAL E 104 25.35 -7.01 49.84
CA VAL E 104 24.47 -5.86 49.70
C VAL E 104 23.60 -6.08 48.46
N ASP E 105 22.47 -5.36 48.38
CA ASP E 105 21.61 -5.44 47.20
C ASP E 105 22.09 -4.44 46.14
N VAL E 106 21.40 -4.37 44.99
CA VAL E 106 21.85 -3.47 43.90
C VAL E 106 21.83 -2.03 44.35
N ASN E 107 21.05 -1.76 45.39
CA ASN E 107 21.00 -0.40 45.95
C ASN E 107 22.06 -0.12 46.99
N GLY E 108 22.84 -1.15 47.31
CA GLY E 108 23.88 -1.03 48.33
C GLY E 108 23.41 -1.23 49.76
N GLU E 109 22.15 -1.64 49.95
CA GLU E 109 21.60 -1.97 51.27
C GLU E 109 22.00 -3.37 51.65
N PRO E 110 22.22 -3.64 52.93
CA PRO E 110 22.49 -5.00 53.40
C PRO E 110 21.44 -5.98 52.91
N PHE E 111 21.87 -7.13 52.40
CA PHE E 111 20.90 -8.15 51.92
C PHE E 111 21.50 -9.51 52.25
N GLN E 112 21.70 -9.72 53.55
CA GLN E 112 22.44 -10.88 54.04
C GLN E 112 21.57 -12.11 54.12
N PRO E 113 22.02 -13.22 53.52
CA PRO E 113 21.30 -14.50 53.61
C PRO E 113 21.28 -14.97 55.06
N SER E 114 20.15 -15.55 55.49
CA SER E 114 20.04 -16.07 56.86
C SER E 114 21.02 -17.23 57.05
N TYR E 115 21.17 -18.06 56.03
CA TYR E 115 22.21 -19.07 55.99
C TYR E 115 22.54 -19.21 54.52
N ALA E 116 23.71 -19.77 54.21
CA ALA E 116 24.13 -19.94 52.81
C ALA E 116 25.16 -21.06 52.67
N TYR E 117 24.99 -21.86 51.62
CA TYR E 117 25.91 -22.96 51.38
C TYR E 117 25.92 -23.35 49.92
N ASP E 118 26.69 -24.37 49.56
CA ASP E 118 26.62 -24.91 48.19
C ASP E 118 27.02 -23.84 47.13
N PRO E 119 28.10 -23.07 47.37
CA PRO E 119 28.47 -21.99 46.45
C PRO E 119 28.94 -22.52 45.13
N ARG E 120 28.66 -21.78 44.07
CA ARG E 120 29.33 -22.00 42.76
C ARG E 120 29.70 -20.63 42.23
N VAL E 121 30.81 -20.57 41.52
CA VAL E 121 31.32 -19.30 41.03
C VAL E 121 31.67 -19.45 39.55
N VAL E 122 31.12 -18.56 38.73
CA VAL E 122 31.34 -18.61 37.28
C VAL E 122 31.49 -17.21 36.73
N LYS E 123 32.50 -17.00 35.90
CA LYS E 123 32.68 -15.70 35.27
C LYS E 123 31.87 -15.68 33.99
N ILE E 124 31.00 -14.69 33.87
CA ILE E 124 30.28 -14.42 32.63
C ILE E 124 30.62 -13.00 32.21
N GLU E 125 31.22 -12.89 31.02
CA GLU E 125 31.74 -11.62 30.53
C GLU E 125 32.68 -11.02 31.59
N ASP E 126 32.32 -9.89 32.15
CA ASP E 126 33.22 -9.16 33.07
C ASP E 126 32.90 -9.38 34.55
N THR E 127 31.93 -10.24 34.81
CA THR E 127 31.38 -10.39 36.17
C THR E 127 31.47 -11.83 36.62
N TYR E 128 31.82 -12.00 37.89
CA TYR E 128 31.73 -13.29 38.57
C TYR E 128 30.38 -13.43 39.24
N TYR E 129 29.61 -14.42 38.80
CA TYR E 129 28.37 -14.73 39.46
C TYR E 129 28.54 -15.88 40.42
N ILE E 130 27.85 -15.75 41.54
CA ILE E 130 27.93 -16.69 42.63
C ILE E 130 26.52 -17.17 42.94
N THR E 131 26.30 -18.47 42.80
CA THR E 131 25.03 -19.03 43.23
C THR E 131 25.27 -19.81 44.50
N PHE E 132 24.19 -20.02 45.24
CA PHE E 132 24.31 -20.70 46.51
C PHE E 132 22.93 -21.06 46.98
N CYS E 133 22.89 -21.90 48.00
CA CYS E 133 21.64 -22.31 48.58
C CYS E 133 21.35 -21.47 49.80
N THR E 134 20.16 -20.90 49.85
CA THR E 134 19.76 -20.11 50.97
C THR E 134 18.29 -20.31 51.29
N ASP E 135 17.85 -19.71 52.39
CA ASP E 135 16.49 -19.91 52.85
C ASP E 135 15.57 -18.84 52.31
N ASP E 136 14.39 -19.28 51.88
CA ASP E 136 13.27 -18.36 51.67
C ASP E 136 11.98 -19.13 51.99
N HIS E 137 11.70 -19.32 53.28
CA HIS E 137 10.73 -20.35 53.72
C HIS E 137 11.04 -21.69 53.02
N GLY E 138 12.31 -22.07 53.04
CA GLY E 138 12.73 -23.29 52.38
C GLY E 138 13.95 -23.02 51.52
N PRO E 139 14.73 -24.07 51.28
CA PRO E 139 15.94 -23.96 50.46
C PRO E 139 15.62 -23.49 49.03
N THR E 140 16.39 -22.53 48.53
CA THR E 140 16.25 -22.08 47.16
C THR E 140 17.60 -21.60 46.68
N ILE E 141 17.66 -21.16 45.43
CA ILE E 141 18.91 -20.71 44.84
C ILE E 141 19.06 -19.19 44.96
N GLY E 142 20.04 -18.75 45.76
CA GLY E 142 20.44 -17.35 45.80
C GLY E 142 21.45 -17.05 44.71
N VAL E 143 21.53 -15.77 44.35
CA VAL E 143 22.32 -15.31 43.24
C VAL E 143 23.00 -14.00 43.67
N GLY E 144 24.29 -13.96 43.45
CA GLY E 144 25.07 -12.78 43.72
C GLY E 144 26.14 -12.58 42.66
N MSE E 145 26.88 -11.48 42.80
CA MSE E 145 27.87 -11.15 41.81
C MSE E 145 28.93 -10.23 42.38
O MSE E 145 28.70 -9.53 43.37
CB MSE E 145 27.18 -10.47 40.62
CG MSE E 145 26.25 -9.35 40.99
SE MSE E 145 25.51 -8.49 39.39
CE MSE E 145 25.11 -6.71 40.23
N THR E 146 30.08 -10.26 41.74
CA THR E 146 31.18 -9.39 42.09
C THR E 146 32.06 -9.20 40.87
N LYS E 147 32.69 -8.03 40.78
CA LYS E 147 33.65 -7.76 39.73
C LYS E 147 35.08 -7.82 40.29
N ASP E 148 35.22 -7.74 41.61
CA ASP E 148 36.53 -7.55 42.23
C ASP E 148 36.77 -8.42 43.46
N PHE E 149 35.76 -9.22 43.85
CA PHE E 149 35.82 -10.03 45.08
C PHE E 149 36.10 -9.18 46.32
N LYS E 150 35.63 -7.94 46.30
CA LYS E 150 35.68 -7.06 47.46
C LYS E 150 34.26 -6.67 47.81
N THR E 151 33.48 -6.27 46.80
CA THR E 151 32.08 -5.96 47.01
C THR E 151 31.24 -7.09 46.43
N PHE E 152 30.36 -7.65 47.26
CA PHE E 152 29.50 -8.76 46.85
C PHE E 152 28.05 -8.29 46.82
N VAL E 153 27.48 -8.31 45.62
CA VAL E 153 26.14 -7.78 45.40
C VAL E 153 25.21 -8.95 45.16
N ARG E 154 24.15 -9.02 45.97
CA ARG E 154 23.18 -10.10 45.91
C ARG E 154 21.93 -9.64 45.16
N LEU E 155 21.50 -10.46 44.19
CA LEU E 155 20.29 -10.24 43.42
C LEU E 155 19.12 -11.01 44.08
N PRO E 156 17.88 -10.80 43.64
CA PRO E 156 16.76 -11.61 44.14
C PRO E 156 17.00 -13.09 43.83
N ASN E 157 16.56 -13.97 44.72
CA ASN E 157 16.72 -15.40 44.49
C ASN E 157 16.10 -15.77 43.15
N ALA E 158 16.66 -16.76 42.48
CA ALA E 158 16.19 -17.11 41.14
C ALA E 158 14.81 -17.81 41.19
N TYR E 159 14.56 -18.52 42.29
CA TYR E 159 13.41 -19.43 42.39
C TYR E 159 12.71 -19.28 43.71
N VAL E 160 11.42 -19.61 43.74
CA VAL E 160 10.78 -19.99 44.98
C VAL E 160 11.40 -21.32 45.43
N PRO E 161 11.29 -21.69 46.72
CA PRO E 161 11.67 -23.06 47.13
C PRO E 161 10.83 -24.11 46.37
N PHE E 162 11.28 -25.38 46.30
CA PHE E 162 12.46 -25.89 47.00
C PHE E 162 13.41 -26.30 45.90
N ASN E 163 14.57 -25.66 45.90
CA ASN E 163 15.55 -25.85 44.82
C ASN E 163 16.95 -25.77 45.36
N ARG E 164 17.89 -26.42 44.67
CA ARG E 164 19.29 -26.37 45.04
C ARG E 164 20.16 -26.77 43.85
N ASN E 165 21.48 -26.81 44.06
CA ASN E 165 22.48 -27.13 43.05
C ASN E 165 22.28 -26.22 41.86
N GLY E 166 22.12 -24.93 42.13
CA GLY E 166 21.99 -23.97 41.05
C GLY E 166 23.36 -23.56 40.56
N VAL E 167 23.58 -23.64 39.25
CA VAL E 167 24.83 -23.21 38.68
C VAL E 167 24.56 -22.66 37.27
N LEU E 168 25.18 -21.51 36.99
CA LEU E 168 25.07 -20.87 35.71
C LEU E 168 26.05 -21.42 34.66
N PHE E 169 25.66 -21.36 33.38
CA PHE E 169 26.61 -21.54 32.29
C PHE E 169 27.53 -20.32 32.20
N PRO E 170 28.79 -20.52 31.81
CA PRO E 170 29.79 -19.47 31.80
C PRO E 170 29.66 -18.45 30.65
N ARG E 171 28.60 -18.54 29.85
CA ARG E 171 28.28 -17.49 28.89
C ARG E 171 26.79 -17.55 28.56
N LYS E 172 26.27 -16.49 27.95
CA LYS E 172 24.92 -16.50 27.44
C LYS E 172 24.83 -17.51 26.31
N ILE E 173 23.66 -18.16 26.20
CA ILE E 173 23.37 -19.04 25.08
C ILE E 173 22.16 -18.44 24.41
N ASN E 174 22.30 -18.13 23.11
CA ASN E 174 21.24 -17.51 22.36
C ASN E 174 20.69 -16.29 23.11
N GLY E 175 21.59 -15.47 23.62
CA GLY E 175 21.22 -14.22 24.25
C GLY E 175 20.65 -14.34 25.66
N LYS E 176 20.68 -15.55 26.23
CA LYS E 176 20.08 -15.81 27.52
C LYS E 176 21.09 -16.30 28.53
N TYR E 177 21.01 -15.81 29.77
CA TYR E 177 21.66 -16.52 30.89
C TYR E 177 20.94 -17.84 31.11
N VAL E 178 21.71 -18.87 31.46
CA VAL E 178 21.15 -20.20 31.63
C VAL E 178 21.59 -20.78 32.97
N MSE E 179 20.61 -21.19 33.76
CA MSE E 179 20.79 -21.70 35.11
C MSE E 179 20.37 -23.14 35.20
O MSE E 179 19.18 -23.45 35.03
CB MSE E 179 19.92 -20.90 36.08
CG MSE E 179 19.84 -21.45 37.51
SE MSE E 179 21.36 -20.78 38.56
CE MSE E 179 20.75 -19.03 38.88
N LEU E 180 21.33 -24.03 35.50
CA LEU E 180 20.99 -25.37 35.90
C LEU E 180 20.48 -25.34 37.33
N ASN E 181 19.45 -26.13 37.59
CA ASN E 181 18.89 -26.15 38.92
C ASN E 181 18.39 -27.57 39.23
N ARG E 182 17.84 -27.78 40.41
CA ARG E 182 17.48 -29.11 40.86
C ARG E 182 16.27 -29.04 41.77
N PRO E 183 15.08 -29.06 41.18
CA PRO E 183 13.84 -29.08 41.97
C PRO E 183 13.92 -30.12 43.11
N SER E 184 13.55 -29.72 44.32
CA SER E 184 13.71 -30.59 45.48
C SER E 184 12.48 -30.54 46.41
N ASP E 185 12.71 -31.08 47.61
CA ASP E 185 11.86 -31.21 48.80
C ASP E 185 12.21 -30.16 49.82
N ASN E 186 11.49 -30.16 50.94
CA ASN E 186 11.94 -29.36 52.09
C ASN E 186 13.00 -30.09 52.95
N GLY E 187 13.06 -31.42 52.87
CA GLY E 187 14.01 -32.20 53.68
C GLY E 187 15.19 -32.83 52.94
N HIS E 188 15.60 -34.02 53.36
CA HIS E 188 16.67 -34.76 52.66
C HIS E 188 16.06 -35.48 51.47
N THR E 189 15.83 -34.69 50.42
CA THR E 189 15.15 -35.07 49.17
C THR E 189 15.47 -36.48 48.69
N PRO E 190 14.44 -37.33 48.57
CA PRO E 190 14.60 -38.68 48.04
C PRO E 190 14.30 -38.79 46.52
N PHE E 191 14.62 -37.73 45.77
CA PHE E 191 14.47 -37.70 44.30
C PHE E 191 15.23 -36.47 43.82
N GLY E 192 15.31 -36.28 42.50
CA GLY E 192 15.95 -35.07 41.97
C GLY E 192 16.48 -35.21 40.56
N ASP E 193 15.95 -34.39 39.66
CA ASP E 193 16.46 -34.24 38.30
C ASP E 193 17.08 -32.87 38.10
N ILE E 194 17.97 -32.77 37.12
CA ILE E 194 18.58 -31.50 36.75
C ILE E 194 17.71 -30.86 35.63
N PHE E 195 17.27 -29.63 35.88
CA PHE E 195 16.59 -28.80 34.87
C PHE E 195 17.49 -27.63 34.53
N LEU E 196 17.10 -26.90 33.48
CA LEU E 196 17.67 -25.58 33.23
C LEU E 196 16.55 -24.56 33.06
N SER E 197 16.92 -23.30 33.23
CA SER E 197 16.02 -22.17 33.03
C SER E 197 16.83 -21.09 32.35
N GLU E 198 16.15 -20.19 31.68
CA GLU E 198 16.81 -19.12 31.00
C GLU E 198 16.27 -17.78 31.46
N SER E 199 17.13 -16.76 31.35
CA SER E 199 16.78 -15.41 31.79
C SER E 199 17.43 -14.37 30.90
N PRO E 200 16.71 -13.30 30.56
CA PRO E 200 17.30 -12.22 29.79
C PRO E 200 18.12 -11.29 30.70
N ASP E 201 17.88 -11.32 32.01
CA ASP E 201 18.37 -10.28 32.92
C ASP E 201 18.92 -10.79 34.26
N MSE E 202 19.00 -12.11 34.43
CA MSE E 202 19.48 -12.70 35.68
C MSE E 202 18.49 -12.57 36.81
O MSE E 202 18.81 -12.85 37.96
CB MSE E 202 20.82 -12.13 36.09
CG MSE E 202 21.98 -12.64 35.29
SE MSE E 202 22.32 -14.51 35.74
CE MSE E 202 22.63 -14.12 37.58
N ILE E 203 17.27 -12.15 36.51
CA ILE E 203 16.25 -11.99 37.57
C ILE E 203 14.99 -12.82 37.28
N HIS E 204 14.49 -12.73 36.05
CA HIS E 204 13.29 -13.42 35.62
C HIS E 204 13.69 -14.68 34.84
N TRP E 205 13.20 -15.84 35.31
CA TRP E 205 13.58 -17.16 34.76
C TRP E 205 12.37 -17.83 34.16
N GLY E 206 12.55 -18.45 32.99
CA GLY E 206 11.45 -19.11 32.30
C GLY E 206 11.97 -20.09 31.29
N ASN E 207 11.08 -20.61 30.46
CA ASN E 207 11.42 -21.63 29.46
C ASN E 207 12.22 -22.76 30.06
N HIS E 208 11.69 -23.34 31.13
CA HIS E 208 12.38 -24.38 31.88
C HIS E 208 12.37 -25.68 31.08
N ARG E 209 13.45 -26.46 31.22
CA ARG E 209 13.56 -27.74 30.52
C ARG E 209 14.28 -28.74 31.40
N PHE E 210 13.69 -29.93 31.51
CA PHE E 210 14.36 -31.08 32.07
C PHE E 210 15.64 -31.35 31.25
N VAL E 211 16.73 -31.66 31.94
CA VAL E 211 17.97 -31.92 31.25
C VAL E 211 18.37 -33.39 31.43
N LEU E 212 18.48 -33.79 32.69
CA LEU E 212 19.10 -35.04 33.05
C LEU E 212 18.39 -35.51 34.31
N GLY E 213 17.99 -36.78 34.32
CA GLY E 213 17.35 -37.37 35.50
C GLY E 213 18.13 -38.53 36.10
N ARG E 214 17.73 -38.93 37.31
CA ARG E 214 18.32 -40.10 37.96
C ARG E 214 18.19 -41.31 37.03
N SER E 215 19.14 -42.24 37.12
CA SER E 215 19.11 -43.41 36.27
C SER E 215 18.39 -44.54 37.00
N SER E 216 17.71 -45.42 36.28
CA SER E 216 17.21 -46.59 36.96
C SER E 216 18.22 -47.74 36.89
N TYR E 217 18.92 -47.84 35.76
CA TYR E 217 19.92 -48.87 35.55
C TYR E 217 21.20 -48.67 36.38
N ASN E 218 21.70 -47.44 36.44
CA ASN E 218 22.95 -47.19 37.15
C ASN E 218 22.67 -46.82 38.59
N TRP E 219 22.88 -47.81 39.48
CA TRP E 219 22.46 -47.68 40.86
C TRP E 219 23.10 -46.50 41.59
N TRP E 220 24.32 -46.14 41.19
CA TRP E 220 25.05 -45.06 41.86
C TRP E 220 24.35 -43.71 41.81
N GLU E 221 23.45 -43.57 40.84
CA GLU E 221 22.74 -42.31 40.59
C GLU E 221 21.26 -42.61 40.41
N ASN E 222 20.77 -43.62 41.11
CA ASN E 222 19.36 -43.99 40.98
C ASN E 222 18.41 -43.26 41.95
N LEU E 223 18.96 -42.49 42.88
CA LEU E 223 18.09 -41.79 43.81
C LEU E 223 17.88 -40.36 43.38
N LYS E 224 18.98 -39.65 43.16
CA LYS E 224 18.90 -38.28 42.68
C LYS E 224 20.24 -37.84 42.14
N ILE E 225 20.22 -36.75 41.37
CA ILE E 225 21.42 -36.16 40.81
C ILE E 225 21.38 -34.67 41.02
N GLY E 226 22.52 -33.99 40.84
CA GLY E 226 22.53 -32.54 40.86
C GLY E 226 23.79 -32.01 40.20
N ALA E 227 23.71 -30.81 39.64
CA ALA E 227 24.86 -30.22 38.96
C ALA E 227 25.93 -29.85 39.98
N GLY E 228 27.18 -29.91 39.53
CA GLY E 228 28.32 -29.61 40.38
C GLY E 228 29.02 -28.37 39.86
N PRO E 229 30.24 -28.54 39.33
CA PRO E 229 30.99 -27.43 38.74
C PRO E 229 30.21 -26.83 37.56
N TYR E 230 30.45 -25.58 37.19
CA TYR E 230 29.72 -25.02 36.06
C TYR E 230 30.10 -25.82 34.82
N PRO E 231 29.18 -25.95 33.85
CA PRO E 231 29.48 -26.69 32.62
C PRO E 231 30.62 -26.07 31.80
N ILE E 232 31.53 -26.92 31.36
CA ILE E 232 32.71 -26.47 30.67
C ILE E 232 32.47 -26.61 29.17
N GLU E 233 32.63 -25.51 28.44
CA GLU E 233 32.40 -25.55 27.01
C GLU E 233 33.56 -26.16 26.26
N THR E 234 33.24 -27.19 25.46
CA THR E 234 34.23 -27.84 24.62
C THR E 234 33.63 -28.03 23.24
N SER E 235 34.47 -28.38 22.28
CA SER E 235 34.00 -28.68 20.93
C SER E 235 33.10 -29.92 20.94
N GLU E 236 33.16 -30.71 22.00
CA GLU E 236 32.36 -31.92 22.07
C GLU E 236 31.03 -31.68 22.79
N GLY E 237 30.83 -30.44 23.25
CA GLY E 237 29.64 -30.13 24.00
C GLY E 237 29.99 -29.56 25.34
N TRP E 238 28.98 -29.22 26.10
CA TRP E 238 29.16 -28.76 27.46
C TRP E 238 29.45 -29.96 28.34
N LEU E 239 30.60 -29.95 29.00
CA LEU E 239 30.90 -31.00 29.94
C LEU E 239 30.33 -30.66 31.32
N LEU E 240 29.33 -31.44 31.71
CA LEU E 240 28.69 -31.26 33.00
C LEU E 240 29.11 -32.36 33.97
N ILE E 241 29.88 -31.97 34.98
CA ILE E 241 30.20 -32.86 36.08
C ILE E 241 29.08 -32.73 37.09
N TYR E 242 28.43 -33.84 37.40
CA TYR E 242 27.29 -33.78 38.30
C TYR E 242 27.45 -34.88 39.34
N HIS E 243 26.79 -34.70 40.48
CA HIS E 243 26.85 -35.72 41.49
C HIS E 243 25.63 -36.64 41.33
N GLY E 244 25.76 -37.88 41.76
CA GLY E 244 24.68 -38.83 41.69
C GLY E 244 24.63 -39.55 43.01
N VAL E 245 23.43 -39.88 43.45
CA VAL E 245 23.26 -40.46 44.79
C VAL E 245 22.50 -41.77 44.71
N THR E 246 22.90 -42.71 45.57
CA THR E 246 22.14 -43.93 45.78
C THR E 246 21.85 -44.08 47.26
N LEU E 247 20.78 -44.78 47.59
CA LEU E 247 20.41 -44.99 48.98
C LEU E 247 20.72 -46.42 49.37
N THR E 248 21.58 -46.60 50.37
CA THR E 248 21.84 -47.92 50.91
C THR E 248 21.01 -48.04 52.17
N CYS E 249 21.07 -49.18 52.83
CA CYS E 249 20.26 -49.34 54.03
C CYS E 249 20.80 -48.44 55.17
N ASN E 250 22.05 -48.00 55.04
CA ASN E 250 22.67 -47.14 56.05
C ASN E 250 22.87 -45.68 55.67
N GLY E 251 22.29 -45.28 54.53
CA GLY E 251 22.32 -43.86 54.15
C GLY E 251 22.69 -43.67 52.69
N TYR E 252 22.86 -42.41 52.32
CA TYR E 252 23.20 -42.04 50.97
C TYR E 252 24.68 -42.18 50.70
N VAL E 253 25.00 -42.51 49.45
CA VAL E 253 26.38 -42.47 48.96
C VAL E 253 26.39 -41.53 47.75
N TYR E 254 27.13 -40.44 47.89
CA TYR E 254 27.27 -39.47 46.81
C TYR E 254 28.51 -39.78 46.03
N SER E 255 28.36 -39.96 44.72
CA SER E 255 29.48 -40.08 43.81
C SER E 255 29.39 -38.92 42.80
N PHE E 256 30.36 -38.81 41.90
CA PHE E 256 30.15 -37.92 40.77
C PHE E 256 30.60 -38.48 39.43
N GLY E 257 29.92 -38.04 38.39
CA GLY E 257 30.19 -38.50 37.03
C GLY E 257 30.12 -37.29 36.13
N ALA E 258 29.88 -37.53 34.84
CA ALA E 258 29.78 -36.42 33.89
C ALA E 258 28.91 -36.75 32.67
N ALA E 259 28.32 -35.69 32.10
CA ALA E 259 27.59 -35.79 30.85
C ALA E 259 28.06 -34.70 29.85
N LEU E 260 27.73 -34.88 28.57
CA LEU E 260 28.01 -33.89 27.53
C LEU E 260 26.70 -33.42 26.98
N LEU E 261 26.47 -32.10 27.04
CA LEU E 261 25.24 -31.47 26.58
C LEU E 261 25.48 -30.77 25.27
N ASP E 262 24.46 -30.77 24.43
CA ASP E 262 24.53 -30.08 23.17
C ASP E 262 24.79 -28.57 23.41
N LEU E 263 25.70 -28.00 22.60
CA LEU E 263 26.16 -26.65 22.79
C LEU E 263 25.03 -25.63 22.66
N ASP E 264 24.20 -25.82 21.62
CA ASP E 264 23.14 -24.90 21.27
C ASP E 264 21.87 -25.12 22.03
N ASP E 265 21.57 -26.38 22.35
CA ASP E 265 20.46 -26.68 23.25
C ASP E 265 20.96 -27.63 24.34
N PRO E 266 21.44 -27.07 25.45
CA PRO E 266 22.04 -27.87 26.51
C PRO E 266 21.04 -28.76 27.25
N SER E 267 19.74 -28.66 26.93
CA SER E 267 18.77 -29.59 27.49
C SER E 267 18.87 -30.92 26.73
N LYS E 268 19.60 -30.91 25.62
CA LYS E 268 19.82 -32.13 24.85
C LYS E 268 21.13 -32.82 25.31
N VAL E 269 20.99 -34.03 25.85
CA VAL E 269 22.15 -34.74 26.36
C VAL E 269 22.75 -35.61 25.25
N LEU E 270 24.04 -35.43 24.99
CA LEU E 270 24.69 -36.13 23.90
C LEU E 270 25.30 -37.45 24.38
N TYR E 271 25.87 -37.42 25.58
CA TYR E 271 26.56 -38.57 26.16
C TYR E 271 26.50 -38.38 27.65
N ARG E 272 26.58 -39.50 28.35
CA ARG E 272 26.44 -39.53 29.78
C ARG E 272 27.12 -40.82 30.21
N SER E 273 28.15 -40.70 31.07
CA SER E 273 28.90 -41.90 31.50
C SER E 273 28.07 -42.76 32.44
N ARG E 274 27.96 -44.05 32.10
CA ARG E 274 27.26 -44.98 33.00
C ARG E 274 28.04 -45.19 34.32
N TYR E 275 29.36 -44.99 34.29
CA TYR E 275 30.20 -45.07 35.49
C TYR E 275 30.49 -43.71 36.09
N TYR E 276 30.56 -43.62 37.40
CA TYR E 276 30.99 -42.38 38.03
C TYR E 276 32.48 -42.15 37.72
N LEU E 277 32.91 -40.90 37.85
CA LEU E 277 34.32 -40.56 37.76
C LEU E 277 34.97 -40.77 39.12
N LEU E 278 34.20 -40.64 40.19
CA LEU E 278 34.75 -40.77 41.55
C LEU E 278 33.64 -41.14 42.51
N THR E 279 33.98 -41.98 43.48
CA THR E 279 33.05 -42.41 44.52
C THR E 279 33.87 -42.46 45.82
N PRO E 280 33.22 -42.38 46.97
CA PRO E 280 33.95 -42.41 48.25
C PRO E 280 34.73 -43.71 48.46
N GLU E 281 36.02 -43.58 48.76
CA GLU E 281 36.90 -44.72 48.93
C GLU E 281 37.92 -44.42 50.01
N GLU E 282 38.43 -43.19 50.02
CA GLU E 282 39.43 -42.81 51.00
C GLU E 282 38.82 -42.42 52.32
N GLU E 283 39.62 -42.50 53.37
CA GLU E 283 39.16 -42.25 54.74
C GLU E 283 38.50 -40.89 54.89
N TYR E 284 39.03 -39.88 54.21
CA TYR E 284 38.50 -38.52 54.33
C TYR E 284 37.18 -38.36 53.55
N GLU E 285 36.81 -39.40 52.79
CA GLU E 285 35.54 -39.45 52.03
C GLU E 285 34.50 -40.37 52.70
N THR E 286 34.98 -41.42 53.37
CA THR E 286 34.08 -42.44 53.93
C THR E 286 33.84 -42.23 55.43
N VAL E 287 34.56 -41.30 56.02
CA VAL E 287 34.42 -40.98 57.45
C VAL E 287 34.27 -39.46 57.61
N GLY E 288 33.33 -39.03 58.45
CA GLY E 288 33.18 -37.63 58.80
C GLY E 288 31.75 -37.24 59.14
N PHE E 289 31.45 -35.95 59.02
CA PHE E 289 30.16 -35.41 59.38
C PHE E 289 29.05 -36.11 58.58
N VAL E 290 29.24 -36.23 57.26
CA VAL E 290 28.34 -37.04 56.45
C VAL E 290 29.18 -38.07 55.66
N PRO E 291 29.30 -39.29 56.18
CA PRO E 291 30.14 -40.29 55.54
C PRO E 291 29.72 -40.60 54.12
N ASN E 292 30.67 -40.96 53.27
CA ASN E 292 30.38 -41.45 51.93
C ASN E 292 29.83 -40.40 51.02
N VAL E 293 30.51 -39.26 51.00
CA VAL E 293 30.18 -38.20 50.07
C VAL E 293 31.44 -37.72 49.37
N VAL E 294 31.37 -37.64 48.03
CA VAL E 294 32.29 -36.84 47.23
C VAL E 294 31.41 -35.91 46.37
N PHE E 295 31.54 -34.61 46.57
CA PHE E 295 30.58 -33.64 46.08
C PHE E 295 31.37 -32.55 45.35
N PRO E 296 31.36 -32.60 44.01
CA PRO E 296 32.18 -31.71 43.19
C PRO E 296 31.61 -30.29 43.15
N CYS E 297 32.49 -29.31 43.39
CA CYS E 297 32.05 -27.93 43.50
C CYS E 297 32.57 -27.01 42.43
N ALA E 298 33.77 -27.30 41.95
CA ALA E 298 34.46 -26.42 41.02
C ALA E 298 35.42 -27.22 40.20
N ALA E 299 35.60 -26.81 38.96
CA ALA E 299 36.61 -27.38 38.11
C ALA E 299 37.42 -26.25 37.51
N LEU E 300 38.74 -26.38 37.55
CA LEU E 300 39.62 -25.50 36.79
C LEU E 300 40.11 -26.29 35.59
N CYS E 301 40.17 -25.62 34.46
CA CYS E 301 40.73 -26.22 33.27
C CYS E 301 41.71 -25.29 32.60
N ASP E 302 42.96 -25.76 32.47
CA ASP E 302 44.01 -25.01 31.79
C ASP E 302 43.90 -25.31 30.30
N ALA E 303 43.30 -24.36 29.57
CA ALA E 303 43.12 -24.45 28.12
C ALA E 303 44.39 -24.82 27.37
N ASP E 304 45.55 -24.37 27.86
CA ASP E 304 46.84 -24.68 27.21
C ASP E 304 47.21 -26.16 27.24
N THR E 305 46.86 -26.87 28.31
CA THR E 305 47.32 -28.26 28.46
C THR E 305 46.20 -29.27 28.55
N GLY E 306 45.00 -28.80 28.82
CA GLY E 306 43.87 -29.69 29.01
C GLY E 306 43.78 -30.25 30.42
N ARG E 307 44.73 -29.88 31.27
CA ARG E 307 44.70 -30.23 32.69
C ARG E 307 43.46 -29.73 33.40
N VAL E 308 42.81 -30.63 34.14
CA VAL E 308 41.65 -30.30 34.94
C VAL E 308 41.92 -30.58 36.45
N ALA E 309 41.49 -29.65 37.28
CA ALA E 309 41.50 -29.81 38.72
C ALA E 309 40.07 -29.63 39.21
N ILE E 310 39.54 -30.67 39.88
CA ILE E 310 38.21 -30.67 40.43
C ILE E 310 38.31 -30.56 41.94
N TYR E 311 37.70 -29.51 42.48
CA TYR E 311 37.55 -29.41 43.93
C TYR E 311 36.27 -30.08 44.34
N TYR E 312 36.36 -30.93 45.35
CA TYR E 312 35.15 -31.57 45.87
C TYR E 312 35.14 -31.62 47.39
N GLY E 313 33.94 -31.61 47.94
CA GLY E 313 33.71 -31.78 49.38
C GLY E 313 33.78 -33.26 49.65
N ALA E 314 34.51 -33.63 50.70
CA ALA E 314 34.68 -35.02 51.09
C ALA E 314 34.04 -35.20 52.46
N ALA E 315 33.08 -36.13 52.54
CA ALA E 315 32.35 -36.46 53.79
C ALA E 315 31.73 -35.25 54.50
N ASP E 316 31.37 -34.23 53.74
CA ASP E 316 30.95 -32.93 54.33
C ASP E 316 31.88 -32.43 55.46
N THR E 317 33.17 -32.71 55.29
CA THR E 317 34.17 -32.46 56.32
C THR E 317 35.39 -31.75 55.77
N HIS E 318 35.76 -32.06 54.53
CA HIS E 318 36.99 -31.53 53.94
C HIS E 318 36.81 -31.05 52.50
N VAL E 319 37.78 -30.25 52.05
CA VAL E 319 37.91 -29.93 50.65
C VAL E 319 39.04 -30.81 50.10
N ALA E 320 38.81 -31.45 48.96
CA ALA E 320 39.81 -32.31 48.33
C ALA E 320 39.92 -31.99 46.85
N LEU E 321 41.01 -32.44 46.23
CA LEU E 321 41.26 -32.27 44.82
C LEU E 321 41.34 -33.61 44.08
N ALA E 322 40.86 -33.60 42.85
CA ALA E 322 41.10 -34.66 41.89
C ALA E 322 41.51 -34.03 40.58
N PHE E 323 42.30 -34.77 39.81
CA PHE E 323 42.91 -34.28 38.59
C PHE E 323 42.60 -35.19 37.45
N GLY E 324 42.62 -34.63 36.24
CA GLY E 324 42.57 -35.40 35.01
C GLY E 324 42.77 -34.50 33.81
N TYR E 325 42.71 -35.08 32.63
CA TYR E 325 42.82 -34.33 31.38
C TYR E 325 41.48 -34.25 30.75
N ILE E 326 41.11 -33.07 30.23
CA ILE E 326 39.75 -32.89 29.75
C ILE E 326 39.40 -33.83 28.60
N ASP E 327 40.37 -34.12 27.74
CA ASP E 327 40.11 -34.98 26.60
C ASP E 327 39.86 -36.42 27.04
N GLU E 328 40.56 -36.87 28.07
CA GLU E 328 40.35 -38.21 28.63
C GLU E 328 38.99 -38.31 29.33
N ILE E 329 38.62 -37.25 30.06
CA ILE E 329 37.34 -37.21 30.73
C ILE E 329 36.23 -37.26 29.68
N VAL E 330 36.38 -36.46 28.64
CA VAL E 330 35.41 -36.42 27.54
C VAL E 330 35.34 -37.80 26.89
N ASP E 331 36.50 -38.42 26.68
CA ASP E 331 36.51 -39.72 26.03
C ASP E 331 35.87 -40.80 26.89
N PHE E 332 36.09 -40.70 28.19
CA PHE E 332 35.49 -41.58 29.18
C PHE E 332 33.96 -41.46 29.12
N VAL E 333 33.45 -40.24 29.12
CA VAL E 333 32.01 -40.00 29.01
C VAL E 333 31.42 -40.62 27.72
N LYS E 334 32.04 -40.34 26.59
CA LYS E 334 31.57 -40.87 25.33
C LYS E 334 31.60 -42.39 25.32
N ARG E 335 32.74 -42.98 25.68
CA ARG E 335 32.89 -44.43 25.60
C ARG E 335 32.04 -45.21 26.59
N ASN E 336 31.69 -44.61 27.73
CA ASN E 336 30.85 -45.29 28.71
C ASN E 336 29.38 -44.85 28.68
N SER E 337 29.01 -44.23 27.56
CA SER E 337 27.67 -43.68 27.41
C SER E 337 26.65 -44.77 27.18
N MSE F 13 -17.46 0.95 50.14
CA MSE F 13 -16.38 0.11 49.64
C MSE F 13 -16.51 -0.07 48.14
O MSE F 13 -17.59 -0.41 47.65
CB MSE F 13 -16.53 -1.25 50.33
CG MSE F 13 -15.28 -2.05 50.53
SE MSE F 13 -15.68 -4.00 50.51
CE MSE F 13 -15.44 -4.32 48.66
N LYS F 14 -15.42 0.11 47.40
CA LYS F 14 -15.41 -0.15 45.98
C LYS F 14 -14.85 -1.52 45.64
N VAL F 15 -15.42 -2.14 44.59
CA VAL F 15 -14.99 -3.43 44.05
C VAL F 15 -14.68 -3.24 42.57
N PHE F 16 -13.48 -3.61 42.15
CA PHE F 16 -13.10 -3.37 40.76
C PHE F 16 -13.27 -4.62 39.93
N THR F 17 -14.53 -4.97 39.61
CA THR F 17 -14.85 -6.16 38.81
C THR F 17 -15.94 -5.75 37.81
N GLU F 18 -16.44 -6.69 37.02
CA GLU F 18 -17.54 -6.48 36.07
C GLU F 18 -18.86 -6.30 36.78
N LYS F 19 -19.81 -5.64 36.12
CA LYS F 19 -21.22 -5.76 36.47
C LYS F 19 -21.61 -7.17 36.05
N ILE F 20 -22.27 -7.92 36.94
CA ILE F 20 -22.82 -9.23 36.56
C ILE F 20 -24.26 -9.35 37.04
N PRO F 21 -25.20 -8.67 36.38
CA PRO F 21 -26.61 -8.68 36.84
C PRO F 21 -27.22 -10.08 36.98
N ASN F 22 -26.79 -11.01 36.13
CA ASN F 22 -27.33 -12.36 36.08
C ASN F 22 -26.45 -13.39 36.82
N ILE F 23 -25.58 -12.89 37.72
CA ILE F 23 -24.78 -13.73 38.59
C ILE F 23 -25.67 -14.81 39.25
N PRO F 24 -25.21 -16.06 39.29
CA PRO F 24 -25.91 -17.07 40.07
C PRO F 24 -26.03 -16.51 41.50
N TRP F 25 -27.20 -16.65 42.11
CA TRP F 25 -27.46 -16.04 43.38
C TRP F 25 -28.59 -16.75 44.12
N GLU F 26 -28.47 -16.80 45.43
CA GLU F 26 -29.56 -17.19 46.30
C GLU F 26 -29.40 -16.42 47.60
N GLU F 27 -30.51 -15.91 48.12
CA GLU F 27 -30.49 -15.16 49.37
C GLU F 27 -30.14 -16.05 50.53
N ARG F 28 -29.55 -15.46 51.56
CA ARG F 28 -29.16 -16.23 52.73
C ARG F 28 -30.40 -16.80 53.39
N PRO F 29 -30.30 -17.97 54.01
CA PRO F 29 -31.39 -18.51 54.81
C PRO F 29 -31.76 -17.54 55.91
N GLU F 30 -33.07 -17.46 56.21
CA GLU F 30 -33.61 -16.62 57.28
C GLU F 30 -32.80 -16.76 58.57
N GLY F 31 -32.34 -15.63 59.12
CA GLY F 31 -31.58 -15.64 60.39
C GLY F 31 -30.17 -16.21 60.36
N TYR F 32 -29.66 -16.49 59.16
CA TYR F 32 -28.30 -16.97 58.96
C TYR F 32 -27.32 -15.84 59.22
N THR F 33 -26.34 -16.14 60.07
CA THR F 33 -25.41 -15.15 60.60
C THR F 33 -24.04 -15.11 59.89
N GLY F 34 -23.62 -16.21 59.27
CA GLY F 34 -22.30 -16.24 58.59
C GLY F 34 -22.18 -15.34 57.36
N PRO F 35 -20.93 -15.07 56.93
CA PRO F 35 -20.65 -14.23 55.75
C PRO F 35 -20.96 -14.93 54.41
N VAL F 36 -20.92 -16.25 54.42
CA VAL F 36 -21.07 -17.04 53.19
C VAL F 36 -22.02 -18.20 53.50
N TRP F 37 -22.93 -18.50 52.58
CA TRP F 37 -23.86 -19.59 52.80
C TRP F 37 -23.92 -20.46 51.52
N ARG F 38 -24.24 -21.72 51.69
CA ARG F 38 -24.26 -22.66 50.58
C ARG F 38 -25.51 -22.50 49.73
N TYR F 39 -25.37 -22.72 48.43
CA TYR F 39 -26.51 -22.85 47.57
C TYR F 39 -27.36 -24.03 48.03
N SER F 40 -28.66 -23.78 48.24
CA SER F 40 -29.55 -24.80 48.80
C SER F 40 -29.72 -26.00 47.88
N LYS F 41 -29.44 -25.82 46.59
CA LYS F 41 -29.60 -26.93 45.66
C LYS F 41 -28.25 -27.58 45.25
N ASN F 42 -27.20 -27.34 46.07
CA ASN F 42 -25.90 -28.03 45.88
C ASN F 42 -26.07 -29.54 46.02
N PRO F 43 -25.24 -30.33 45.34
CA PRO F 43 -24.21 -29.81 44.41
C PRO F 43 -24.85 -29.50 43.03
N ILE F 44 -24.19 -28.67 42.21
CA ILE F 44 -24.79 -28.31 40.93
C ILE F 44 -24.43 -29.27 39.82
N ILE F 45 -23.29 -29.94 39.97
CA ILE F 45 -22.85 -30.96 39.03
C ILE F 45 -21.79 -31.78 39.76
N GLY F 46 -21.52 -32.99 39.28
CA GLY F 46 -20.58 -33.85 40.03
C GLY F 46 -20.27 -35.15 39.36
N ARG F 47 -20.97 -36.20 39.76
CA ARG F 47 -20.71 -37.55 39.25
C ARG F 47 -21.22 -37.75 37.84
N ASN F 48 -20.45 -38.47 37.03
CA ASN F 48 -20.84 -38.78 35.66
C ASN F 48 -21.38 -37.59 34.89
N PRO F 49 -20.63 -36.49 34.84
CA PRO F 49 -21.10 -35.27 34.15
C PRO F 49 -21.09 -35.40 32.62
N VAL F 50 -20.23 -36.24 32.04
CA VAL F 50 -20.15 -36.42 30.58
C VAL F 50 -19.81 -37.90 30.42
N PRO F 51 -20.08 -38.48 29.24
CA PRO F 51 -19.84 -39.92 29.02
C PRO F 51 -18.49 -40.47 29.46
N LYS F 52 -17.39 -39.78 29.19
CA LYS F 52 -16.08 -40.25 29.64
C LYS F 52 -15.74 -39.81 31.08
N GLY F 53 -16.62 -39.02 31.69
CA GLY F 53 -16.30 -38.37 32.96
C GLY F 53 -16.80 -39.13 34.17
N ALA F 54 -15.95 -39.29 35.18
CA ALA F 54 -16.33 -39.87 36.49
C ALA F 54 -16.90 -38.79 37.45
N ARG F 55 -16.17 -37.68 37.58
CA ARG F 55 -16.46 -36.65 38.57
C ARG F 55 -15.94 -35.31 38.03
N VAL F 56 -16.73 -34.24 38.21
CA VAL F 56 -16.22 -32.90 37.91
C VAL F 56 -16.24 -32.13 39.22
N PHE F 57 -15.16 -31.44 39.54
CA PHE F 57 -15.03 -30.77 40.84
C PHE F 57 -14.04 -29.62 40.88
N ASN F 58 -13.47 -29.24 39.74
CA ASN F 58 -12.93 -27.88 39.70
C ASN F 58 -13.70 -27.14 38.60
N SER F 59 -13.91 -25.88 38.83
CA SER F 59 -14.68 -25.11 37.90
C SER F 59 -14.18 -23.68 37.98
N ALA F 60 -13.38 -23.32 36.98
CA ALA F 60 -12.89 -21.98 36.87
C ALA F 60 -13.88 -21.27 35.95
N VAL F 61 -14.77 -20.46 36.56
CA VAL F 61 -15.91 -19.81 35.88
C VAL F 61 -15.63 -18.30 35.74
N VAL F 62 -15.98 -17.75 34.57
CA VAL F 62 -15.92 -16.29 34.34
C VAL F 62 -17.17 -15.92 33.54
N PRO F 63 -17.59 -14.66 33.64
CA PRO F 63 -18.66 -14.20 32.77
C PRO F 63 -18.07 -14.09 31.36
N TYR F 64 -18.85 -14.45 30.35
CA TYR F 64 -18.41 -14.19 28.98
C TYR F 64 -19.65 -13.98 28.12
N ASN F 65 -19.66 -12.89 27.37
CA ASN F 65 -20.75 -12.58 26.44
C ASN F 65 -22.14 -12.60 27.02
N GLY F 66 -22.32 -12.01 28.20
CA GLY F 66 -23.64 -12.00 28.86
C GLY F 66 -24.04 -13.32 29.49
N GLU F 67 -23.13 -14.29 29.43
CA GLU F 67 -23.38 -15.58 30.02
C GLU F 67 -22.14 -15.99 30.83
N PHE F 68 -21.98 -17.31 31.02
CA PHE F 68 -20.88 -17.84 31.81
C PHE F 68 -20.23 -18.95 31.05
N VAL F 69 -18.91 -19.00 31.17
CA VAL F 69 -18.17 -20.13 30.64
C VAL F 69 -17.23 -20.61 31.72
N GLY F 70 -16.73 -21.83 31.59
CA GLY F 70 -15.79 -22.32 32.58
C GLY F 70 -14.81 -23.32 32.01
N VAL F 71 -13.69 -23.45 32.72
CA VAL F 71 -12.75 -24.54 32.49
C VAL F 71 -12.88 -25.50 33.68
N PHE F 72 -13.26 -26.72 33.36
CA PHE F 72 -13.63 -27.71 34.38
C PHE F 72 -12.61 -28.81 34.46
N ARG F 73 -12.25 -29.18 35.68
CA ARG F 73 -11.51 -30.42 35.92
C ARG F 73 -12.45 -31.63 35.98
N ILE F 74 -12.26 -32.55 35.06
CA ILE F 74 -13.05 -33.77 35.09
C ILE F 74 -12.09 -34.94 35.15
N ASP F 75 -12.19 -35.72 36.24
CA ASP F 75 -11.50 -37.02 36.24
C ASP F 75 -12.27 -37.96 35.35
N HIS F 76 -11.55 -38.63 34.44
CA HIS F 76 -12.19 -39.60 33.57
C HIS F 76 -12.38 -40.93 34.26
N LYS F 77 -12.94 -41.89 33.54
CA LYS F 77 -13.23 -43.20 34.15
C LYS F 77 -11.95 -44.07 34.27
N ASN F 78 -10.77 -43.47 34.06
CA ASN F 78 -9.55 -44.08 34.55
C ASN F 78 -8.93 -43.27 35.69
N THR F 79 -9.71 -42.31 36.20
CA THR F 79 -9.31 -41.42 37.28
C THR F 79 -8.20 -40.39 36.90
N ARG F 80 -7.78 -40.34 35.64
CA ARG F 80 -6.88 -39.26 35.19
C ARG F 80 -7.69 -37.99 35.00
N PRO F 81 -7.13 -36.83 35.37
CA PRO F 81 -7.80 -35.53 35.22
C PRO F 81 -7.61 -34.88 33.85
N PHE F 82 -8.68 -34.24 33.37
CA PHE F 82 -8.66 -33.52 32.08
C PHE F 82 -9.35 -32.20 32.27
N LEU F 83 -8.99 -31.20 31.48
CA LEU F 83 -9.74 -29.92 31.49
C LEU F 83 -10.75 -29.92 30.35
N HIS F 84 -12.00 -29.61 30.68
CA HIS F 84 -13.10 -29.51 29.72
C HIS F 84 -13.67 -28.09 29.77
N PHE F 85 -14.03 -27.57 28.59
CA PHE F 85 -14.76 -26.31 28.47
C PHE F 85 -16.25 -26.50 28.68
N GLY F 86 -16.87 -25.54 29.35
CA GLY F 86 -18.29 -25.58 29.59
C GLY F 86 -18.94 -24.21 29.49
N ARG F 87 -20.25 -24.21 29.23
CA ARG F 87 -21.06 -22.99 29.01
C ARG F 87 -22.29 -23.06 29.88
N SER F 88 -22.76 -21.90 30.34
CA SER F 88 -23.99 -21.83 31.10
C SER F 88 -24.63 -20.48 30.92
N LYS F 89 -25.95 -20.46 30.77
CA LYS F 89 -26.68 -19.21 30.69
C LYS F 89 -26.76 -18.54 32.05
N ASP F 90 -26.85 -19.34 33.11
CA ASP F 90 -27.15 -18.82 34.44
C ASP F 90 -26.08 -19.10 35.52
N GLY F 91 -25.05 -19.87 35.15
CA GLY F 91 -23.96 -20.21 36.05
C GLY F 91 -24.24 -21.44 36.92
N ILE F 92 -25.44 -22.00 36.81
CA ILE F 92 -25.89 -23.11 37.63
C ILE F 92 -26.08 -24.36 36.79
N ASN F 93 -26.71 -24.20 35.63
CA ASN F 93 -26.93 -25.29 34.71
C ASN F 93 -25.91 -25.26 33.59
N TRP F 94 -25.09 -26.30 33.51
CA TRP F 94 -23.88 -26.28 32.70
C TRP F 94 -23.98 -27.25 31.55
N GLU F 95 -23.59 -26.81 30.36
CA GLU F 95 -23.30 -27.72 29.26
C GLU F 95 -21.79 -27.85 29.15
N ILE F 96 -21.26 -29.04 29.44
CA ILE F 96 -19.84 -29.26 29.40
C ILE F 96 -19.47 -30.14 28.18
N GLU F 97 -18.42 -29.71 27.46
CA GLU F 97 -17.90 -30.45 26.31
C GLU F 97 -17.55 -31.87 26.71
N PRO F 98 -17.91 -32.85 25.89
CA PRO F 98 -17.62 -34.24 26.21
C PRO F 98 -16.14 -34.53 26.16
N GLU F 99 -15.39 -33.77 25.38
CA GLU F 99 -13.94 -34.00 25.24
C GLU F 99 -13.10 -32.85 25.81
N GLU F 100 -11.83 -33.12 26.07
CA GLU F 100 -10.94 -32.17 26.75
C GLU F 100 -10.58 -31.00 25.82
N ILE F 101 -10.18 -29.89 26.42
CA ILE F 101 -9.64 -28.77 25.68
C ILE F 101 -8.32 -29.16 25.02
N GLN F 102 -8.15 -28.74 23.78
CA GLN F 102 -6.92 -28.99 23.01
C GLN F 102 -6.07 -27.71 22.99
N TRP F 103 -4.78 -27.85 23.27
CA TRP F 103 -3.91 -26.68 23.38
C TRP F 103 -2.88 -26.66 22.29
N VAL F 104 -2.58 -25.48 21.80
CA VAL F 104 -1.47 -25.30 20.86
C VAL F 104 -0.49 -24.35 21.53
N ASP F 105 0.76 -24.37 21.09
CA ASP F 105 1.73 -23.36 21.56
C ASP F 105 1.64 -22.07 20.74
N VAL F 106 2.48 -21.08 21.09
CA VAL F 106 2.50 -19.76 20.44
C VAL F 106 2.79 -19.79 18.94
N ASN F 107 3.35 -20.92 18.48
CA ASN F 107 3.58 -21.19 17.06
C ASN F 107 2.44 -21.93 16.39
N GLY F 108 1.42 -22.33 17.17
CA GLY F 108 0.27 -23.05 16.63
C GLY F 108 0.41 -24.54 16.54
N GLU F 109 1.51 -25.07 17.08
CA GLU F 109 1.76 -26.52 17.13
C GLU F 109 1.08 -27.09 18.35
N PRO F 110 0.58 -28.34 18.27
CA PRO F 110 -0.03 -29.00 19.42
C PRO F 110 0.95 -28.95 20.61
N PHE F 111 0.43 -28.68 21.80
CA PHE F 111 1.24 -28.62 23.01
C PHE F 111 0.37 -29.07 24.17
N GLN F 112 -0.10 -30.31 24.06
CA GLN F 112 -1.09 -30.85 24.95
C GLN F 112 -0.46 -31.31 26.29
N PRO F 113 -0.98 -30.85 27.43
CA PRO F 113 -0.50 -31.37 28.73
C PRO F 113 -0.76 -32.87 28.83
N SER F 114 0.15 -33.62 29.43
CA SER F 114 -0.07 -35.05 29.63
C SER F 114 -1.23 -35.29 30.61
N TYR F 115 -1.36 -34.45 31.62
CA TYR F 115 -2.56 -34.40 32.47
C TYR F 115 -2.70 -32.94 32.89
N ALA F 116 -3.89 -32.56 33.35
CA ALA F 116 -4.12 -31.18 33.75
C ALA F 116 -5.28 -31.10 34.71
N TYR F 117 -5.11 -30.28 35.73
CA TYR F 117 -6.17 -30.11 36.69
C TYR F 117 -6.00 -28.78 37.39
N ASP F 118 -6.86 -28.46 38.35
CA ASP F 118 -6.68 -27.27 39.21
C ASP F 118 -6.78 -25.98 38.38
N PRO F 119 -7.75 -25.85 37.45
CA PRO F 119 -7.80 -24.70 36.55
C PRO F 119 -8.16 -23.43 37.30
N ARG F 120 -7.61 -22.29 36.88
CA ARG F 120 -8.09 -21.00 37.29
C ARG F 120 -8.15 -20.19 36.02
N VAL F 121 -9.10 -19.27 35.95
CA VAL F 121 -9.30 -18.45 34.79
C VAL F 121 -9.51 -17.00 35.19
N VAL F 122 -8.74 -16.11 34.57
CA VAL F 122 -8.77 -14.71 34.90
C VAL F 122 -8.51 -13.86 33.67
N LYS F 123 -9.33 -12.83 33.51
CA LYS F 123 -9.14 -11.92 32.44
C LYS F 123 -8.16 -10.83 32.82
N ILE F 124 -7.18 -10.60 31.94
CA ILE F 124 -6.22 -9.51 32.10
C ILE F 124 -6.25 -8.78 30.80
N GLU F 125 -6.64 -7.49 30.87
CA GLU F 125 -6.84 -6.70 29.67
C GLU F 125 -7.84 -7.43 28.75
N ASP F 126 -7.42 -7.75 27.52
CA ASP F 126 -8.30 -8.37 26.54
C ASP F 126 -8.19 -9.88 26.46
N THR F 127 -7.40 -10.46 27.35
CA THR F 127 -7.06 -11.88 27.28
C THR F 127 -7.50 -12.61 28.54
N TYR F 128 -8.08 -13.79 28.34
CA TYR F 128 -8.35 -14.73 29.44
C TYR F 128 -7.19 -15.68 29.61
N TYR F 129 -6.52 -15.59 30.77
CA TYR F 129 -5.44 -16.49 31.10
C TYR F 129 -5.94 -17.61 31.96
N ILE F 130 -5.42 -18.79 31.67
CA ILE F 130 -5.83 -20.01 32.34
C ILE F 130 -4.59 -20.65 32.95
N THR F 131 -4.57 -20.82 34.28
CA THR F 131 -3.50 -21.61 34.91
C THR F 131 -4.06 -22.96 35.32
N PHE F 132 -3.19 -23.95 35.40
CA PHE F 132 -3.58 -25.30 35.78
C PHE F 132 -2.36 -26.01 36.30
N CYS F 133 -2.59 -27.13 36.93
CA CYS F 133 -1.50 -27.99 37.34
C CYS F 133 -1.24 -29.01 36.23
N THR F 134 0.03 -29.16 35.84
CA THR F 134 0.37 -30.19 34.87
C THR F 134 1.70 -30.84 35.22
N ASP F 135 2.06 -31.90 34.48
CA ASP F 135 3.32 -32.57 34.70
C ASP F 135 4.46 -31.94 33.93
N ASP F 136 5.59 -31.84 34.60
CA ASP F 136 6.89 -31.69 33.93
C ASP F 136 7.96 -32.38 34.79
N HIS F 137 7.97 -33.72 34.79
CA HIS F 137 8.68 -34.50 35.79
C HIS F 137 8.29 -34.06 37.19
N GLY F 138 6.99 -33.92 37.42
CA GLY F 138 6.47 -33.47 38.71
C GLY F 138 5.46 -32.37 38.43
N PRO F 139 4.51 -32.18 39.35
CA PRO F 139 3.48 -31.15 39.18
C PRO F 139 4.13 -29.79 39.13
N THR F 140 3.64 -28.96 38.22
CA THR F 140 4.02 -27.56 38.16
C THR F 140 2.83 -26.77 37.62
N ILE F 141 3.00 -25.47 37.46
CA ILE F 141 1.94 -24.62 36.98
C ILE F 141 2.08 -24.37 35.48
N GLY F 142 1.06 -24.83 34.76
CA GLY F 142 0.93 -24.58 33.32
C GLY F 142 0.14 -23.30 33.16
N VAL F 143 0.40 -22.64 32.04
CA VAL F 143 -0.20 -21.34 31.73
C VAL F 143 -0.67 -21.34 30.29
N GLY F 144 -1.90 -20.88 30.10
CA GLY F 144 -2.45 -20.75 28.77
C GLY F 144 -3.31 -19.51 28.68
N MSE F 145 -3.83 -19.29 27.48
CA MSE F 145 -4.63 -18.12 27.24
C MSE F 145 -5.60 -18.31 26.08
O MSE F 145 -5.42 -19.17 25.22
CB MSE F 145 -3.72 -16.94 26.97
CG MSE F 145 -2.93 -17.03 25.68
SE MSE F 145 -1.53 -15.61 25.62
CE MSE F 145 -0.91 -16.00 23.76
N THR F 146 -6.63 -17.49 26.08
CA THR F 146 -7.62 -17.50 25.01
C THR F 146 -8.32 -16.14 24.96
N LYS F 147 -8.67 -15.70 23.76
CA LYS F 147 -9.44 -14.49 23.60
C LYS F 147 -10.90 -14.81 23.30
N ASP F 148 -11.17 -16.03 22.82
CA ASP F 148 -12.50 -16.41 22.37
C ASP F 148 -13.07 -17.70 22.94
N PHE F 149 -12.34 -18.38 23.82
CA PHE F 149 -12.70 -19.71 24.30
C PHE F 149 -12.94 -20.72 23.18
N LYS F 150 -12.29 -20.52 22.04
CA LYS F 150 -12.32 -21.50 20.96
C LYS F 150 -10.93 -22.00 20.68
N THR F 151 -9.96 -21.09 20.64
CA THR F 151 -8.59 -21.49 20.49
C THR F 151 -7.87 -21.23 21.81
N PHE F 152 -7.19 -22.27 22.28
CA PHE F 152 -6.52 -22.22 23.55
C PHE F 152 -5.00 -22.36 23.33
N VAL F 153 -4.26 -21.31 23.73
CA VAL F 153 -2.83 -21.21 23.43
C VAL F 153 -2.10 -21.41 24.75
N ARG F 154 -1.23 -22.41 24.77
CA ARG F 154 -0.46 -22.74 25.96
C ARG F 154 0.94 -22.16 25.91
N LEU F 155 1.28 -21.45 26.98
CA LEU F 155 2.59 -20.81 27.19
C LEU F 155 3.52 -21.84 27.83
N PRO F 156 4.84 -21.61 27.86
CA PRO F 156 5.75 -22.45 28.65
C PRO F 156 5.30 -22.44 30.12
N ASN F 157 5.48 -23.55 30.82
CA ASN F 157 5.14 -23.60 32.23
C ASN F 157 5.85 -22.46 32.97
N ALA F 158 5.21 -21.93 34.00
CA ALA F 158 5.78 -20.79 34.72
C ALA F 158 6.98 -21.25 35.55
N TYR F 159 6.95 -22.47 36.05
CA TYR F 159 7.95 -22.94 37.02
C TYR F 159 8.46 -24.31 36.69
N VAL F 160 9.64 -24.65 37.22
CA VAL F 160 10.01 -26.07 37.37
C VAL F 160 9.10 -26.64 38.46
N PRO F 161 8.96 -27.97 38.55
CA PRO F 161 8.32 -28.57 39.70
C PRO F 161 9.05 -28.18 41.00
N PHE F 162 8.41 -28.29 42.17
CA PHE F 162 7.08 -28.86 42.36
C PHE F 162 6.22 -27.74 42.85
N ASN F 163 5.19 -27.42 42.07
CA ASN F 163 4.39 -26.25 42.38
C ASN F 163 2.94 -26.44 41.96
N ARG F 164 2.02 -25.77 42.63
CA ARG F 164 0.58 -25.88 42.30
C ARG F 164 -0.16 -24.69 42.83
N ASN F 165 -1.50 -24.70 42.66
CA ASN F 165 -2.37 -23.58 43.05
C ASN F 165 -1.89 -22.23 42.48
N GLY F 166 -1.48 -22.26 41.21
CA GLY F 166 -1.05 -21.05 40.52
C GLY F 166 -2.27 -20.27 40.09
N VAL F 167 -2.30 -18.98 40.46
CA VAL F 167 -3.33 -18.09 39.97
C VAL F 167 -2.77 -16.71 39.77
N LEU F 168 -3.16 -16.08 38.67
CA LEU F 168 -2.74 -14.74 38.34
C LEU F 168 -3.63 -13.65 38.93
N PHE F 169 -3.02 -12.50 39.22
CA PHE F 169 -3.78 -11.29 39.54
C PHE F 169 -4.46 -10.79 38.28
N PRO F 170 -5.67 -10.23 38.43
CA PRO F 170 -6.51 -9.83 37.26
C PRO F 170 -6.07 -8.58 36.52
N ARG F 171 -4.93 -8.00 36.89
CA ARG F 171 -4.28 -6.93 36.16
C ARG F 171 -2.81 -6.88 36.53
N LYS F 172 -2.03 -6.15 35.73
CA LYS F 172 -0.63 -5.92 36.02
C LYS F 172 -0.54 -5.02 37.25
N ILE F 173 0.51 -5.21 38.04
CA ILE F 173 0.76 -4.39 39.19
C ILE F 173 2.17 -3.88 38.98
N ASN F 174 2.31 -2.55 38.95
CA ASN F 174 3.58 -1.87 38.67
C ASN F 174 4.20 -2.42 37.37
N GLY F 175 3.38 -2.61 36.35
CA GLY F 175 3.87 -3.07 35.06
C GLY F 175 4.13 -4.54 34.93
N LYS F 176 3.92 -5.34 35.99
CA LYS F 176 4.25 -6.78 35.98
C LYS F 176 2.99 -7.63 36.10
N TYR F 177 2.97 -8.76 35.40
CA TYR F 177 2.06 -9.86 35.70
C TYR F 177 2.49 -10.47 37.03
N VAL F 178 1.52 -10.82 37.85
CA VAL F 178 1.77 -11.34 39.19
C VAL F 178 1.05 -12.69 39.37
N MSE F 179 1.82 -13.73 39.73
CA MSE F 179 1.36 -15.10 39.84
C MSE F 179 1.51 -15.53 41.27
O MSE F 179 2.64 -15.59 41.76
CB MSE F 179 2.25 -15.99 38.97
CG MSE F 179 2.09 -17.50 39.11
SE MSE F 179 0.52 -18.11 38.16
CE MSE F 179 1.26 -18.10 36.33
N LEU F 180 0.39 -15.80 41.94
CA LEU F 180 0.41 -16.54 43.21
C LEU F 180 0.77 -17.97 42.91
N ASN F 181 1.54 -18.59 43.80
CA ASN F 181 1.95 -19.96 43.59
C ASN F 181 2.11 -20.64 44.95
N ARG F 182 2.44 -21.92 44.95
CA ARG F 182 2.47 -22.70 46.16
C ARG F 182 3.51 -23.78 46.05
N PRO F 183 4.75 -23.44 46.42
CA PRO F 183 5.85 -24.42 46.42
C PRO F 183 5.45 -25.72 47.15
N SER F 184 5.68 -26.87 46.51
CA SER F 184 5.21 -28.14 47.04
C SER F 184 6.29 -29.28 47.00
N ASP F 185 5.79 -30.49 47.26
CA ASP F 185 6.45 -31.82 47.23
C ASP F 185 6.14 -32.48 45.93
N ASN F 186 6.69 -33.68 45.75
CA ASN F 186 6.23 -34.56 44.69
C ASN F 186 4.94 -35.33 45.03
N GLY F 187 4.63 -35.48 46.33
CA GLY F 187 3.47 -36.26 46.76
C GLY F 187 2.32 -35.47 47.36
N HIS F 188 1.66 -36.06 48.36
CA HIS F 188 0.59 -35.38 49.07
C HIS F 188 1.21 -34.46 50.13
N THR F 189 1.67 -33.30 49.65
CA THR F 189 2.50 -32.37 50.40
C THR F 189 2.01 -32.07 51.82
N PRO F 190 2.89 -32.32 52.81
CA PRO F 190 2.59 -32.05 54.20
C PRO F 190 3.07 -30.66 54.68
N PHE F 191 3.05 -29.68 53.79
CA PHE F 191 3.41 -28.28 54.11
C PHE F 191 2.96 -27.43 52.92
N GLY F 192 3.07 -26.11 53.03
CA GLY F 192 2.76 -25.24 51.90
C GLY F 192 2.41 -23.81 52.24
N ASP F 193 3.21 -22.88 51.75
CA ASP F 193 2.95 -21.45 51.83
C ASP F 193 2.65 -20.87 50.46
N ILE F 194 1.90 -19.79 50.45
CA ILE F 194 1.63 -19.06 49.22
C ILE F 194 2.74 -18.03 49.00
N PHE F 195 3.26 -18.04 47.78
CA PHE F 195 4.25 -17.08 47.31
C PHE F 195 3.64 -16.34 46.13
N LEU F 196 4.31 -15.29 45.68
CA LEU F 196 3.99 -14.69 44.42
C LEU F 196 5.28 -14.49 43.65
N SER F 197 5.13 -14.39 42.34
CA SER F 197 6.22 -14.07 41.44
C SER F 197 5.73 -13.02 40.47
N GLU F 198 6.67 -12.35 39.83
CA GLU F 198 6.29 -11.37 38.87
C GLU F 198 7.03 -11.61 37.54
N SER F 199 6.40 -11.14 36.46
CA SER F 199 6.87 -11.35 35.09
C SER F 199 6.53 -10.18 34.19
N PRO F 200 7.48 -9.72 33.38
CA PRO F 200 7.15 -8.68 32.39
C PRO F 200 6.41 -9.23 31.18
N ASP F 201 6.47 -10.55 30.95
CA ASP F 201 6.03 -11.11 29.68
C ASP F 201 5.22 -12.40 29.81
N MSE F 202 4.91 -12.81 31.02
CA MSE F 202 4.13 -14.04 31.23
C MSE F 202 4.97 -15.29 31.03
O MSE F 202 4.44 -16.39 31.04
CB MSE F 202 2.93 -14.07 30.29
CG MSE F 202 1.72 -13.29 30.79
SE MSE F 202 1.04 -13.92 32.60
CE MSE F 202 0.44 -15.55 31.91
N ILE F 203 6.29 -15.12 30.82
CA ILE F 203 7.15 -16.29 30.57
C ILE F 203 8.26 -16.39 31.60
N HIS F 204 8.89 -15.25 31.89
CA HIS F 204 10.05 -15.24 32.76
C HIS F 204 9.59 -14.71 34.13
N TRP F 205 9.78 -15.48 35.20
CA TRP F 205 9.27 -15.12 36.53
C TRP F 205 10.39 -14.87 37.51
N GLY F 206 10.28 -13.85 38.35
CA GLY F 206 11.33 -13.53 39.28
C GLY F 206 10.83 -12.64 40.37
N ASN F 207 11.73 -12.16 41.19
CA ASN F 207 11.34 -11.33 42.29
C ASN F 207 10.28 -11.98 43.16
N HIS F 208 10.51 -13.23 43.55
CA HIS F 208 9.54 -13.99 44.33
C HIS F 208 9.42 -13.48 45.75
N ARG F 209 8.24 -13.59 46.33
CA ARG F 209 8.04 -13.21 47.73
C ARG F 209 7.06 -14.13 48.37
N PHE F 210 7.37 -14.48 49.60
CA PHE F 210 6.45 -15.16 50.49
C PHE F 210 5.28 -14.21 50.76
N VAL F 211 4.06 -14.73 50.72
CA VAL F 211 2.88 -13.90 51.01
C VAL F 211 2.25 -14.32 52.33
N LEU F 212 1.88 -15.58 52.42
CA LEU F 212 1.02 -16.12 53.48
C LEU F 212 1.46 -17.53 53.74
N GLY F 213 1.61 -17.87 55.02
CA GLY F 213 1.97 -19.23 55.41
C GLY F 213 0.91 -19.91 56.26
N ARG F 214 1.05 -21.22 56.40
CA ARG F 214 0.22 -21.97 57.31
C ARG F 214 0.25 -21.36 58.73
N SER F 215 -0.83 -21.53 59.47
CA SER F 215 -0.94 -20.92 60.78
C SER F 215 -0.51 -21.94 61.81
N SER F 216 0.10 -21.48 62.88
CA SER F 216 0.37 -22.37 63.99
C SER F 216 -0.86 -22.42 64.90
N TYR F 217 -1.47 -21.25 65.09
CA TYR F 217 -2.55 -21.09 66.04
C TYR F 217 -3.90 -21.61 65.53
N ASN F 218 -4.17 -21.39 64.25
CA ASN F 218 -5.45 -21.79 63.68
C ASN F 218 -5.32 -23.15 63.05
N TRP F 219 -5.84 -24.16 63.75
CA TRP F 219 -5.60 -25.54 63.37
C TRP F 219 -6.13 -25.88 61.99
N TRP F 220 -7.17 -25.17 61.54
CA TRP F 220 -7.78 -25.48 60.24
C TRP F 220 -6.85 -25.28 59.09
N GLU F 221 -5.81 -24.46 59.32
CA GLU F 221 -4.88 -24.11 58.27
C GLU F 221 -3.44 -24.31 58.78
N ASN F 222 -3.23 -25.32 59.61
CA ASN F 222 -1.92 -25.51 60.20
C ASN F 222 -1.04 -26.49 59.43
N LEU F 223 -1.58 -27.14 58.41
CA LEU F 223 -0.74 -28.04 57.66
C LEU F 223 -0.23 -27.35 56.36
N LYS F 224 -1.16 -26.81 55.56
CA LYS F 224 -0.78 -26.07 54.38
C LYS F 224 -1.93 -25.24 53.87
N ILE F 225 -1.63 -24.34 52.95
CA ILE F 225 -2.61 -23.43 52.39
C ILE F 225 -2.28 -23.26 50.93
N GLY F 226 -3.20 -22.71 50.16
CA GLY F 226 -2.98 -22.42 48.77
C GLY F 226 -4.04 -21.51 48.22
N ALA F 227 -3.69 -20.73 47.21
CA ALA F 227 -4.65 -19.78 46.64
C ALA F 227 -5.80 -20.50 45.96
N GLY F 228 -6.95 -19.85 45.91
CA GLY F 228 -8.12 -20.40 45.24
C GLY F 228 -8.51 -19.53 44.08
N PRO F 229 -9.67 -18.87 44.19
CA PRO F 229 -10.10 -17.90 43.18
C PRO F 229 -9.03 -16.79 42.95
N TYR F 230 -9.03 -16.15 41.80
CA TYR F 230 -8.05 -15.08 41.60
C TYR F 230 -8.38 -13.96 42.60
N PRO F 231 -7.37 -13.21 43.05
CA PRO F 231 -7.61 -12.12 44.00
C PRO F 231 -8.48 -11.02 43.43
N ILE F 232 -9.45 -10.56 44.24
CA ILE F 232 -10.44 -9.61 43.81
C ILE F 232 -10.02 -8.22 44.33
N GLU F 233 -9.91 -7.26 43.42
CA GLU F 233 -9.44 -5.94 43.80
C GLU F 233 -10.55 -5.15 44.45
N THR F 234 -10.33 -4.74 45.70
CA THR F 234 -11.28 -3.89 46.42
C THR F 234 -10.51 -2.70 46.98
N SER F 235 -11.25 -1.67 47.37
CA SER F 235 -10.68 -0.51 48.01
C SER F 235 -9.98 -0.90 49.32
N GLU F 236 -10.34 -2.07 49.87
CA GLU F 236 -9.75 -2.54 51.13
C GLU F 236 -8.55 -3.44 50.93
N GLY F 237 -8.18 -3.68 49.67
CA GLY F 237 -7.07 -4.55 49.37
C GLY F 237 -7.51 -5.67 48.43
N TRP F 238 -6.56 -6.52 48.06
CA TRP F 238 -6.86 -7.69 47.22
C TRP F 238 -7.49 -8.73 48.14
N LEU F 239 -8.72 -9.12 47.85
CA LEU F 239 -9.35 -10.17 48.60
C LEU F 239 -8.91 -11.53 48.03
N LEU F 240 -8.16 -12.27 48.84
CA LEU F 240 -7.69 -13.57 48.43
C LEU F 240 -8.41 -14.66 49.23
N ILE F 241 -9.22 -15.44 48.53
CA ILE F 241 -9.87 -16.58 49.10
C ILE F 241 -8.92 -17.76 48.90
N TYR F 242 -8.53 -18.40 50.00
CA TYR F 242 -7.52 -19.43 49.93
C TYR F 242 -8.00 -20.65 50.73
N HIS F 243 -7.52 -21.83 50.36
CA HIS F 243 -7.87 -23.01 51.10
C HIS F 243 -6.85 -23.23 52.20
N GLY F 244 -7.31 -23.84 53.30
CA GLY F 244 -6.40 -24.17 54.40
C GLY F 244 -6.64 -25.61 54.76
N VAL F 245 -5.56 -26.31 55.07
CA VAL F 245 -5.61 -27.74 55.37
C VAL F 245 -5.13 -28.05 56.79
N THR F 246 -5.83 -28.97 57.45
CA THR F 246 -5.37 -29.58 58.68
C THR F 246 -5.32 -31.09 58.52
N LEU F 247 -4.43 -31.73 59.29
CA LEU F 247 -4.31 -33.17 59.27
C LEU F 247 -4.93 -33.80 60.50
N THR F 248 -5.96 -34.61 60.34
CA THR F 248 -6.47 -35.35 61.49
C THR F 248 -5.88 -36.75 61.43
N CYS F 249 -6.17 -37.56 62.43
CA CYS F 249 -5.63 -38.90 62.36
C CYS F 249 -6.17 -39.71 61.15
N ASN F 250 -7.31 -39.29 60.58
CA ASN F 250 -7.93 -39.99 59.43
C ASN F 250 -7.84 -39.32 58.05
N GLY F 251 -7.03 -38.28 57.99
CA GLY F 251 -6.72 -37.65 56.74
C GLY F 251 -6.85 -36.14 56.83
N TYR F 252 -6.77 -35.49 55.66
CA TYR F 252 -6.82 -34.05 55.56
C TYR F 252 -8.25 -33.56 55.61
N VAL F 253 -8.41 -32.35 56.11
CA VAL F 253 -9.65 -31.64 55.98
C VAL F 253 -9.35 -30.29 55.38
N TYR F 254 -9.95 -30.02 54.21
CA TYR F 254 -9.74 -28.75 53.49
C TYR F 254 -10.89 -27.82 53.78
N SER F 255 -10.58 -26.61 54.27
CA SER F 255 -11.57 -25.54 54.45
C SER F 255 -11.13 -24.37 53.61
N PHE F 256 -11.94 -23.32 53.51
CA PHE F 256 -11.46 -22.10 52.93
C PHE F 256 -11.79 -20.84 53.71
N GLY F 257 -10.84 -19.90 53.69
CA GLY F 257 -10.99 -18.59 54.34
C GLY F 257 -10.50 -17.51 53.38
N ALA F 258 -10.07 -16.39 53.95
CA ALA F 258 -9.68 -15.25 53.11
C ALA F 258 -8.75 -14.29 53.82
N ALA F 259 -7.93 -13.62 53.00
CA ALA F 259 -7.00 -12.59 53.43
C ALA F 259 -7.21 -11.35 52.55
N LEU F 260 -6.81 -10.20 53.06
CA LEU F 260 -6.68 -8.97 52.30
C LEU F 260 -5.19 -8.59 52.16
N LEU F 261 -4.79 -8.35 50.91
CA LEU F 261 -3.40 -8.02 50.62
C LEU F 261 -3.30 -6.57 50.16
N ASP F 262 -2.18 -5.94 50.52
CA ASP F 262 -1.92 -4.59 50.09
C ASP F 262 -2.03 -4.47 48.56
N LEU F 263 -2.71 -3.43 48.09
CA LEU F 263 -2.90 -3.24 46.66
C LEU F 263 -1.60 -3.08 45.85
N ASP F 264 -0.65 -2.31 46.40
CA ASP F 264 0.59 -2.03 45.68
C ASP F 264 1.65 -3.09 45.89
N ASP F 265 1.67 -3.68 47.09
CA ASP F 265 2.59 -4.77 47.35
C ASP F 265 1.79 -5.92 47.96
N PRO F 266 1.22 -6.75 47.08
CA PRO F 266 0.36 -7.84 47.53
C PRO F 266 1.08 -8.91 48.35
N SER F 267 2.40 -8.83 48.50
CA SER F 267 3.11 -9.73 49.43
C SER F 267 2.93 -9.25 50.87
N LYS F 268 2.33 -8.07 51.04
CA LYS F 268 2.04 -7.51 52.35
C LYS F 268 0.58 -7.85 52.72
N VAL F 269 0.39 -8.66 53.76
CA VAL F 269 -0.94 -9.07 54.21
C VAL F 269 -1.49 -8.05 55.20
N LEU F 270 -2.66 -7.49 54.91
CA LEU F 270 -3.28 -6.44 55.73
C LEU F 270 -4.16 -7.06 56.81
N TYR F 271 -4.92 -8.09 56.42
CA TYR F 271 -5.83 -8.79 57.32
C TYR F 271 -5.95 -10.20 56.83
N ARG F 272 -6.28 -11.09 57.75
CA ARG F 272 -6.45 -12.49 57.46
C ARG F 272 -7.40 -13.05 58.49
N SER F 273 -8.48 -13.69 58.04
CA SER F 273 -9.47 -14.25 58.99
C SER F 273 -8.96 -15.46 59.73
N ARG F 274 -9.01 -15.41 61.07
CA ARG F 274 -8.61 -16.57 61.86
C ARG F 274 -9.61 -17.72 61.67
N TYR F 275 -10.86 -17.40 61.32
CA TYR F 275 -11.86 -18.46 61.04
C TYR F 275 -12.01 -18.69 59.55
N TYR F 276 -12.26 -19.93 59.14
CA TYR F 276 -12.59 -20.19 57.74
C TYR F 276 -13.94 -19.58 57.39
N LEU F 277 -14.18 -19.37 56.11
CA LEU F 277 -15.48 -18.98 55.64
C LEU F 277 -16.36 -20.22 55.49
N LEU F 278 -15.76 -21.35 55.14
CA LEU F 278 -16.50 -22.55 54.86
C LEU F 278 -15.63 -23.77 55.13
N THR F 279 -16.25 -24.85 55.61
CA THR F 279 -15.54 -26.06 55.97
C THR F 279 -16.52 -27.20 55.67
N PRO F 280 -16.03 -28.43 55.47
CA PRO F 280 -16.92 -29.52 55.07
C PRO F 280 -17.96 -29.81 56.15
N GLU F 281 -19.23 -29.88 55.76
CA GLU F 281 -20.31 -30.11 56.71
C GLU F 281 -21.42 -30.93 56.05
N GLU F 282 -21.69 -30.65 54.78
CA GLU F 282 -22.78 -31.31 54.08
C GLU F 282 -22.27 -32.60 53.54
N GLU F 283 -23.20 -33.51 53.27
CA GLU F 283 -22.89 -34.83 52.80
C GLU F 283 -22.10 -34.82 51.48
N TYR F 284 -22.38 -33.91 50.57
CA TYR F 284 -21.62 -33.80 49.33
C TYR F 284 -20.19 -33.25 49.53
N GLU F 285 -19.88 -32.81 50.76
CA GLU F 285 -18.56 -32.33 51.16
C GLU F 285 -17.80 -33.31 52.06
N THR F 286 -18.54 -34.08 52.85
CA THR F 286 -17.90 -34.96 53.81
C THR F 286 -17.78 -36.41 53.31
N VAL F 287 -18.42 -36.71 52.17
CA VAL F 287 -18.47 -38.05 51.60
C VAL F 287 -18.12 -37.95 50.10
N GLY F 288 -17.24 -38.82 49.63
CA GLY F 288 -16.91 -38.84 48.22
C GLY F 288 -15.51 -39.35 47.93
N PHE F 289 -15.00 -39.05 46.74
CA PHE F 289 -13.70 -39.51 46.33
C PHE F 289 -12.60 -39.12 47.33
N VAL F 290 -12.63 -37.86 47.77
CA VAL F 290 -11.74 -37.40 48.82
C VAL F 290 -12.63 -36.67 49.85
N PRO F 291 -13.03 -37.37 50.90
CA PRO F 291 -13.92 -36.81 51.92
C PRO F 291 -13.33 -35.60 52.60
N ASN F 292 -14.21 -34.68 53.02
CA ASN F 292 -13.83 -33.52 53.84
C ASN F 292 -13.01 -32.54 53.06
N VAL F 293 -13.50 -32.18 51.87
CA VAL F 293 -12.84 -31.18 51.05
C VAL F 293 -13.86 -30.15 50.59
N VAL F 294 -13.60 -28.87 50.91
CA VAL F 294 -14.21 -27.73 50.17
C VAL F 294 -13.03 -26.92 49.59
N PHE F 295 -13.00 -26.81 48.25
CA PHE F 295 -11.82 -26.29 47.57
C PHE F 295 -12.27 -25.23 46.58
N PRO F 296 -12.10 -23.95 46.93
CA PRO F 296 -12.65 -22.85 46.13
C PRO F 296 -11.79 -22.63 44.87
N CYS F 297 -12.46 -22.51 43.74
CA CYS F 297 -11.80 -22.41 42.41
C CYS F 297 -12.04 -21.11 41.69
N ALA F 298 -13.18 -20.47 41.94
CA ALA F 298 -13.60 -19.30 41.18
C ALA F 298 -14.54 -18.50 42.03
N ALA F 299 -14.50 -17.19 41.85
CA ALA F 299 -15.48 -16.30 42.43
C ALA F 299 -15.96 -15.34 41.36
N LEU F 300 -17.26 -15.13 41.34
CA LEU F 300 -17.86 -14.08 40.56
C LEU F 300 -18.28 -12.98 41.53
N CYS F 301 -18.07 -11.74 41.13
CA CYS F 301 -18.55 -10.60 41.94
C CYS F 301 -19.23 -9.58 41.06
N ASP F 302 -20.50 -9.32 41.36
CA ASP F 302 -21.27 -8.37 40.63
C ASP F 302 -21.01 -7.00 41.28
N ALA F 303 -20.17 -6.22 40.60
CA ALA F 303 -19.77 -4.93 41.11
C ALA F 303 -20.97 -4.01 41.35
N ASP F 304 -22.08 -4.21 40.64
CA ASP F 304 -23.27 -3.39 40.93
C ASP F 304 -23.95 -3.63 42.27
N THR F 305 -23.91 -4.86 42.79
CA THR F 305 -24.64 -5.17 44.01
C THR F 305 -23.74 -5.68 45.13
N GLY F 306 -22.52 -6.08 44.79
CA GLY F 306 -21.62 -6.66 45.77
C GLY F 306 -21.85 -8.15 45.99
N ARG F 307 -22.77 -8.74 45.26
CA ARG F 307 -23.05 -10.17 45.34
C ARG F 307 -21.86 -10.98 44.87
N VAL F 308 -21.51 -11.99 45.66
CA VAL F 308 -20.42 -12.87 45.32
C VAL F 308 -20.94 -14.33 45.21
N ALA F 309 -20.57 -15.00 44.13
CA ALA F 309 -20.76 -16.46 43.98
C ALA F 309 -19.39 -17.13 43.96
N ILE F 310 -19.17 -18.07 44.89
CA ILE F 310 -17.94 -18.88 44.91
C ILE F 310 -18.21 -20.30 44.45
N TYR F 311 -17.50 -20.73 43.42
CA TYR F 311 -17.51 -22.13 42.98
C TYR F 311 -16.47 -22.89 43.75
N TYR F 312 -16.86 -24.03 44.32
CA TYR F 312 -15.89 -24.85 45.01
C TYR F 312 -16.12 -26.33 44.71
N GLY F 313 -15.01 -27.06 44.72
CA GLY F 313 -15.01 -28.53 44.63
C GLY F 313 -15.35 -29.09 46.00
N ALA F 314 -16.30 -30.05 46.02
CA ALA F 314 -16.76 -30.65 47.25
C ALA F 314 -16.40 -32.12 47.20
N ALA F 315 -15.63 -32.56 48.19
CA ALA F 315 -15.14 -33.94 48.34
C ALA F 315 -14.44 -34.52 47.10
N ASP F 316 -13.83 -33.64 46.29
CA ASP F 316 -13.25 -34.06 44.96
C ASP F 316 -14.23 -34.89 44.15
N THR F 317 -15.51 -34.51 44.27
CA THR F 317 -16.58 -35.28 43.66
C THR F 317 -17.57 -34.41 42.91
N HIS F 318 -17.80 -33.19 43.42
CA HIS F 318 -18.87 -32.31 42.91
C HIS F 318 -18.38 -30.86 42.75
N VAL F 319 -19.14 -30.10 41.98
CA VAL F 319 -19.06 -28.64 41.95
C VAL F 319 -20.21 -28.08 42.77
N ALA F 320 -19.89 -27.11 43.63
CA ALA F 320 -20.88 -26.52 44.53
C ALA F 320 -20.72 -25.02 44.52
N LEU F 321 -21.79 -24.31 44.94
CA LEU F 321 -21.80 -22.87 45.06
C LEU F 321 -22.02 -22.40 46.49
N ALA F 322 -21.34 -21.32 46.83
CA ALA F 322 -21.61 -20.54 48.05
C ALA F 322 -21.76 -19.08 47.64
N PHE F 323 -22.55 -18.35 48.42
CA PHE F 323 -22.88 -16.97 48.12
C PHE F 323 -22.56 -16.08 49.31
N GLY F 324 -22.30 -14.80 49.04
CA GLY F 324 -22.13 -13.80 50.08
C GLY F 324 -22.04 -12.40 49.47
N TYR F 325 -22.03 -11.37 50.29
CA TYR F 325 -21.74 -10.03 49.82
C TYR F 325 -20.29 -9.69 50.07
N ILE F 326 -19.66 -9.06 49.09
CA ILE F 326 -18.24 -8.73 49.19
C ILE F 326 -17.91 -7.88 50.43
N ASP F 327 -18.78 -6.92 50.77
CA ASP F 327 -18.48 -6.07 51.91
C ASP F 327 -18.56 -6.83 53.25
N GLU F 328 -19.43 -7.85 53.32
CA GLU F 328 -19.58 -8.64 54.54
C GLU F 328 -18.41 -9.62 54.64
N ILE F 329 -17.96 -10.13 53.50
CA ILE F 329 -16.82 -10.99 53.52
C ILE F 329 -15.58 -10.22 53.96
N VAL F 330 -15.39 -9.02 53.40
CA VAL F 330 -14.29 -8.15 53.74
C VAL F 330 -14.34 -7.82 55.23
N ASP F 331 -15.54 -7.52 55.71
CA ASP F 331 -15.74 -7.18 57.12
C ASP F 331 -15.43 -8.32 58.06
N PHE F 332 -15.81 -9.52 57.63
CA PHE F 332 -15.53 -10.73 58.37
C PHE F 332 -14.00 -10.96 58.48
N VAL F 333 -13.30 -10.88 57.36
CA VAL F 333 -11.84 -10.94 57.33
C VAL F 333 -11.18 -9.91 58.29
N LYS F 334 -11.60 -8.66 58.22
CA LYS F 334 -11.04 -7.63 59.10
C LYS F 334 -11.37 -7.89 60.58
N ARG F 335 -12.63 -8.16 60.87
CA ARG F 335 -13.09 -8.39 62.24
C ARG F 335 -12.46 -9.62 62.88
N ASN F 336 -12.14 -10.66 62.10
CA ASN F 336 -11.57 -11.88 62.69
C ASN F 336 -10.07 -11.99 62.48
N SER F 337 -9.47 -10.88 62.12
CA SER F 337 -8.09 -10.85 61.80
C SER F 337 -7.19 -11.10 62.99
N MSE F 338 -6.13 -11.80 62.67
CA MSE F 338 -5.08 -12.13 63.59
C MSE F 338 -3.81 -12.36 62.73
O MSE F 338 -3.90 -12.84 61.57
OXT MSE F 338 -2.68 -12.04 63.15
CB MSE F 338 -5.48 -13.39 64.33
CG MSE F 338 -4.66 -13.75 65.54
SE MSE F 338 -4.76 -15.71 65.62
CE MSE F 338 -3.47 -16.13 64.14
C TRS G . -2.64 28.14 -64.59
C1 TRS G . -3.04 26.92 -63.76
C2 TRS G . -3.24 29.39 -63.97
C3 TRS G . -3.15 27.99 -66.04
N TRS G . -1.18 28.30 -64.56
O1 TRS G . -2.41 26.90 -62.47
O2 TRS G . -2.56 30.53 -64.48
O3 TRS G . -2.43 27.03 -66.76
C TRS H . -9.63 -25.94 -14.23
C1 TRS H . -9.17 -27.09 -15.13
C2 TRS H . -8.91 -24.70 -14.67
C3 TRS H . -9.27 -26.24 -12.75
N TRS H . -11.10 -25.74 -14.35
O1 TRS H . -9.70 -26.93 -16.42
O2 TRS H . -9.63 -23.53 -14.33
O3 TRS H . -10.02 -27.38 -12.33
#